data_6QGK
# 
_entry.id   6QGK 
# 
_audit_conform.dict_name       mmcif_pdbx.dic 
_audit_conform.dict_version    5.392 
_audit_conform.dict_location   http://mmcif.pdb.org/dictionaries/ascii/mmcif_pdbx.dic 
# 
loop_
_database_2.database_id 
_database_2.database_code 
_database_2.pdbx_database_accession 
_database_2.pdbx_DOI 
PDB   6QGK         pdb_00006qgk 10.2210/pdb6qgk/pdb 
WWPDB D_1292100122 ?            ?                   
# 
loop_
_pdbx_audit_revision_history.ordinal 
_pdbx_audit_revision_history.data_content_type 
_pdbx_audit_revision_history.major_revision 
_pdbx_audit_revision_history.minor_revision 
_pdbx_audit_revision_history.revision_date 
1 'Structure model' 1 0 2019-06-12 
2 'Structure model' 1 1 2019-09-11 
3 'Structure model' 1 2 2019-09-18 
4 'Structure model' 1 3 2024-05-15 
# 
_pdbx_audit_revision_details.ordinal             1 
_pdbx_audit_revision_details.revision_ordinal    1 
_pdbx_audit_revision_details.data_content_type   'Structure model' 
_pdbx_audit_revision_details.provider            repository 
_pdbx_audit_revision_details.type                'Initial release' 
_pdbx_audit_revision_details.description         ? 
_pdbx_audit_revision_details.details             ? 
# 
loop_
_pdbx_audit_revision_group.ordinal 
_pdbx_audit_revision_group.revision_ordinal 
_pdbx_audit_revision_group.data_content_type 
_pdbx_audit_revision_group.group 
1 2 'Structure model' 'Data collection'        
2 2 'Structure model' 'Database references'    
3 3 'Structure model' 'Data collection'        
4 3 'Structure model' 'Refinement description' 
5 4 'Structure model' 'Data collection'        
6 4 'Structure model' 'Database references'    
# 
loop_
_pdbx_audit_revision_category.ordinal 
_pdbx_audit_revision_category.revision_ordinal 
_pdbx_audit_revision_category.data_content_type 
_pdbx_audit_revision_category.category 
1 2 'Structure model' citation        
2 2 'Structure model' citation_author 
3 3 'Structure model' software        
4 4 'Structure model' chem_comp_atom  
5 4 'Structure model' chem_comp_bond  
6 4 'Structure model' database_2      
# 
loop_
_pdbx_audit_revision_item.ordinal 
_pdbx_audit_revision_item.revision_ordinal 
_pdbx_audit_revision_item.data_content_type 
_pdbx_audit_revision_item.item 
1  2 'Structure model' '_citation.journal_volume'            
2  2 'Structure model' '_citation.page_first'                
3  2 'Structure model' '_citation.page_last'                 
4  2 'Structure model' '_citation.pdbx_database_id_PubMed'   
5  2 'Structure model' '_citation.title'                     
6  2 'Structure model' '_citation_author.identifier_ORCID'   
7  2 'Structure model' '_citation_author.name'               
8  3 'Structure model' '_software.version'                   
9  4 'Structure model' '_database_2.pdbx_DOI'                
10 4 'Structure model' '_database_2.pdbx_database_accession' 
# 
_pdbx_database_status.status_code                     REL 
_pdbx_database_status.status_code_sf                  REL 
_pdbx_database_status.status_code_mr                  ? 
_pdbx_database_status.entry_id                        6QGK 
_pdbx_database_status.recvd_initial_deposition_date   2019-01-11 
_pdbx_database_status.SG_entry                        N 
_pdbx_database_status.deposit_site                    PDBE 
_pdbx_database_status.process_site                    PDBE 
_pdbx_database_status.status_code_cs                  ? 
_pdbx_database_status.methods_development_category    ? 
_pdbx_database_status.pdb_format_compatible           Y 
_pdbx_database_status.status_code_nmr_data            ? 
# 
loop_
_pdbx_database_related.db_name 
_pdbx_database_related.details 
_pdbx_database_related.db_id 
_pdbx_database_related.content_type 
PDB 'Bcl-2 complex with PUMA peptide'        6QG8 unspecified 
PDB 'Bcl-2 complex with analogue of ABT-737' 6qgg unspecified 
PDB 'Bcl-2 complex with ABT-263'             6qgh unspecified 
PDB 'Bcl-2 complex with hybrid inhibitor'    6qgj unspecified 
# 
loop_
_audit_author.name 
_audit_author.pdbx_ordinal 
_audit_author.identifier_ORCID 
'Dokurno, P.'      1  0000-0002-7332-8889 
'Murray, J.'       2  0000-0003-1007-8218 
'Davidson, J.'     3  0000-0002-8301-1607 
'Chen, I.'         4  ?                   
'Davis, B.'        5  0000-0001-6759-7575 
'Graham, C.J.'     6  ?                   
'Harris, R.'       7  ?                   
'Jordan, A.M.'     8  0000-0003-3449-3993 
'Matassova, N.'    9  0000-0002-2432-4929 
'Pedder, C.'       10 ?                   
'Ray, S.'          11 0000-0003-4670-2086 
'Roughley, S.'     12 0000-0003-0683-5693 
'Smith, J.'        13 ?                   
'Walmsley, C.'     14 ?                   
'Wang, Y.'         15 ?                   
'Whitehead, N.'    16 ?                   
'Williamson, D.S.' 17 0000-0002-5094-5200 
'Casara, P.'       18 ?                   
'Le Diguarher, T.' 19 ?                   
'Hickman, J.'      20 ?                   
'Stark, J.'        21 ?                   
'Kotschy, A.'      22 0000-0002-7675-3864 
'Geneste, O.'      23 ?                   
'Hubbard, R.E.'    24 0000-0002-8233-7461 
# 
_citation.abstract                  ? 
_citation.abstract_id_CAS           ? 
_citation.book_id_ISBN              ? 
_citation.book_publisher            ? 
_citation.book_publisher_city       ? 
_citation.book_title                ? 
_citation.coordinate_linkage        ? 
_citation.country                   US 
_citation.database_id_Medline       ? 
_citation.details                   ? 
_citation.id                        primary 
_citation.journal_abbrev            'Acs Omega' 
_citation.journal_id_ASTM           ? 
_citation.journal_id_CSD            ? 
_citation.journal_id_ISSN           2470-1343 
_citation.journal_full              ? 
_citation.journal_issue             ? 
_citation.journal_volume            4 
_citation.language                  ? 
_citation.page_first                8892 
_citation.page_last                 8906 
_citation.title                     
'Establishing Drug Discovery and Identification of Hit Series for the Anti-apoptotic Proteins, Bcl-2 and Mcl-1.' 
_citation.year                      2019 
_citation.database_id_CSD           ? 
_citation.pdbx_database_id_DOI      10.1021/acsomega.9b00611 
_citation.pdbx_database_id_PubMed   31459977 
_citation.unpublished_flag          ? 
# 
loop_
_citation_author.citation_id 
_citation_author.name 
_citation_author.ordinal 
_citation_author.identifier_ORCID 
primary 'Murray, J.B.'     1  ? 
primary 'Davidson, J.'     2  ? 
primary 'Chen, I.'         3  ? 
primary 'Davis, B.'        4  ? 
primary 'Dokurno, P.'      5  ? 
primary 'Graham, C.J.'     6  ? 
primary 'Harris, R.'       7  ? 
primary 'Jordan, A.'       8  ? 
primary 'Matassova, N.'    9  ? 
primary 'Pedder, C.'       10 ? 
primary 'Ray, S.'          11 ? 
primary 'Roughley, S.D.'   12 ? 
primary 'Smith, J.'        13 ? 
primary 'Walmsley, C.'     14 ? 
primary 'Wang, Y.'         15 ? 
primary 'Whitehead, N.'    16 ? 
primary 'Williamson, D.S.' 17 ? 
primary 'Casara, P.'       18 ? 
primary 'Le Diguarher, T.' 19 ? 
primary 'Hickman, J.'      20 ? 
primary 'Stark, J.'        21 ? 
primary 'Kotschy, A.'      22 ? 
primary 'Geneste, O.'      23 ? 
primary 'Hubbard, R.E.'    24 ? 
# 
loop_
_entity.id 
_entity.type 
_entity.src_method 
_entity.pdbx_description 
_entity.formula_weight 
_entity.pdbx_number_of_molecules 
_entity.pdbx_ec 
_entity.pdbx_mutation 
_entity.pdbx_fragment 
_entity.details 
1 polymer     man 'Apoptosis regulator Bcl-2,Bcl-2-like protein 1,Apoptosis regulator Bcl-2,Bcl-2-like protein 1' 20325.404 1   ? 
'H20S, E42A, E44A, L95Q, R106L, E114Q, F124G, R127Y, G128A, R129S, E135A, E165A, P168V, L175A, T178A, E179T, R183D' ? ? 
2 non-polymer syn 
;1-[2-[[(3~{S})-3-(aminomethyl)-3,4-dihydro-1~{H}-isoquinolin-2-yl]carbonyl]phenyl]-~{N},~{N}-dibutyl-5-methyl-pyrazole-3-carboxamide
;
501.663   1   ? ? ? ? 
3 non-polymer syn 'ACETATE ION' 59.044    1   ? ? ? ? 
4 water       nat water 18.015    156 ? ? ? ? 
# 
_entity_name_com.entity_id   1 
_entity_name_com.name        'Bcl2-L-1,Apoptosis regulator Bcl-X,Bcl2-L-1,Apoptosis regulator Bcl-X' 
# 
_entity_poly.entity_id                      1 
_entity_poly.type                           'polypeptide(L)' 
_entity_poly.nstd_linkage                   no 
_entity_poly.nstd_monomer                   no 
_entity_poly.pdbx_seq_one_letter_code       
;MSQDNREIVMKYISYKLSQRGYEWDAGDVEENRTEAPEGTESEVVHQTLRQAGDDFSLRYRRDFAQMSSQLHLTPGTAYA
SFATVVAELFRDGVNWGRIVAFFEFGGVMCVESVNRAMSVLVDNIAAWMATYLNDHLHTWIQDNGGWDAFVELYGNNAAA
ESRKGQERFLEHHHHHH
;
_entity_poly.pdbx_seq_one_letter_code_can   
;MSQDNREIVMKYISYKLSQRGYEWDAGDVEENRTEAPEGTESEVVHQTLRQAGDDFSLRYRRDFAQMSSQLHLTPGTAYA
SFATVVAELFRDGVNWGRIVAFFEFGGVMCVESVNRAMSVLVDNIAAWMATYLNDHLHTWIQDNGGWDAFVELYGNNAAA
ESRKGQERFLEHHHHHH
;
_entity_poly.pdbx_strand_id                 A 
_entity_poly.pdbx_target_identifier         ? 
# 
loop_
_pdbx_entity_nonpoly.entity_id 
_pdbx_entity_nonpoly.name 
_pdbx_entity_nonpoly.comp_id 
2 
;1-[2-[[(3~{S})-3-(aminomethyl)-3,4-dihydro-1~{H}-isoquinolin-2-yl]carbonyl]phenyl]-~{N},~{N}-dibutyl-5-methyl-pyrazole-3-carboxamide
;
J1Q 
3 'ACETATE ION' ACT 
4 water HOH 
# 
loop_
_entity_poly_seq.entity_id 
_entity_poly_seq.num 
_entity_poly_seq.mon_id 
_entity_poly_seq.hetero 
1 1   MET n 
1 2   SER n 
1 3   GLN n 
1 4   ASP n 
1 5   ASN n 
1 6   ARG n 
1 7   GLU n 
1 8   ILE n 
1 9   VAL n 
1 10  MET n 
1 11  LYS n 
1 12  TYR n 
1 13  ILE n 
1 14  SER n 
1 15  TYR n 
1 16  LYS n 
1 17  LEU n 
1 18  SER n 
1 19  GLN n 
1 20  ARG n 
1 21  GLY n 
1 22  TYR n 
1 23  GLU n 
1 24  TRP n 
1 25  ASP n 
1 26  ALA n 
1 27  GLY n 
1 28  ASP n 
1 29  VAL n 
1 30  GLU n 
1 31  GLU n 
1 32  ASN n 
1 33  ARG n 
1 34  THR n 
1 35  GLU n 
1 36  ALA n 
1 37  PRO n 
1 38  GLU n 
1 39  GLY n 
1 40  THR n 
1 41  GLU n 
1 42  SER n 
1 43  GLU n 
1 44  VAL n 
1 45  VAL n 
1 46  HIS n 
1 47  GLN n 
1 48  THR n 
1 49  LEU n 
1 50  ARG n 
1 51  GLN n 
1 52  ALA n 
1 53  GLY n 
1 54  ASP n 
1 55  ASP n 
1 56  PHE n 
1 57  SER n 
1 58  LEU n 
1 59  ARG n 
1 60  TYR n 
1 61  ARG n 
1 62  ARG n 
1 63  ASP n 
1 64  PHE n 
1 65  ALA n 
1 66  GLN n 
1 67  MET n 
1 68  SER n 
1 69  SER n 
1 70  GLN n 
1 71  LEU n 
1 72  HIS n 
1 73  LEU n 
1 74  THR n 
1 75  PRO n 
1 76  GLY n 
1 77  THR n 
1 78  ALA n 
1 79  TYR n 
1 80  ALA n 
1 81  SER n 
1 82  PHE n 
1 83  ALA n 
1 84  THR n 
1 85  VAL n 
1 86  VAL n 
1 87  ALA n 
1 88  GLU n 
1 89  LEU n 
1 90  PHE n 
1 91  ARG n 
1 92  ASP n 
1 93  GLY n 
1 94  VAL n 
1 95  ASN n 
1 96  TRP n 
1 97  GLY n 
1 98  ARG n 
1 99  ILE n 
1 100 VAL n 
1 101 ALA n 
1 102 PHE n 
1 103 PHE n 
1 104 GLU n 
1 105 PHE n 
1 106 GLY n 
1 107 GLY n 
1 108 VAL n 
1 109 MET n 
1 110 CYS n 
1 111 VAL n 
1 112 GLU n 
1 113 SER n 
1 114 VAL n 
1 115 ASN n 
1 116 ARG n 
1 117 ALA n 
1 118 MET n 
1 119 SER n 
1 120 VAL n 
1 121 LEU n 
1 122 VAL n 
1 123 ASP n 
1 124 ASN n 
1 125 ILE n 
1 126 ALA n 
1 127 ALA n 
1 128 TRP n 
1 129 MET n 
1 130 ALA n 
1 131 THR n 
1 132 TYR n 
1 133 LEU n 
1 134 ASN n 
1 135 ASP n 
1 136 HIS n 
1 137 LEU n 
1 138 HIS n 
1 139 THR n 
1 140 TRP n 
1 141 ILE n 
1 142 GLN n 
1 143 ASP n 
1 144 ASN n 
1 145 GLY n 
1 146 GLY n 
1 147 TRP n 
1 148 ASP n 
1 149 ALA n 
1 150 PHE n 
1 151 VAL n 
1 152 GLU n 
1 153 LEU n 
1 154 TYR n 
1 155 GLY n 
1 156 ASN n 
1 157 ASN n 
1 158 ALA n 
1 159 ALA n 
1 160 ALA n 
1 161 GLU n 
1 162 SER n 
1 163 ARG n 
1 164 LYS n 
1 165 GLY n 
1 166 GLN n 
1 167 GLU n 
1 168 ARG n 
1 169 PHE n 
1 170 LEU n 
1 171 GLU n 
1 172 HIS n 
1 173 HIS n 
1 174 HIS n 
1 175 HIS n 
1 176 HIS n 
1 177 HIS n 
# 
loop_
_entity_src_gen.entity_id 
_entity_src_gen.pdbx_src_id 
_entity_src_gen.pdbx_alt_source_flag 
_entity_src_gen.pdbx_seq_type 
_entity_src_gen.pdbx_beg_seq_num 
_entity_src_gen.pdbx_end_seq_num 
_entity_src_gen.gene_src_common_name 
_entity_src_gen.gene_src_genus 
_entity_src_gen.pdbx_gene_src_gene 
_entity_src_gen.gene_src_species 
_entity_src_gen.gene_src_strain 
_entity_src_gen.gene_src_tissue 
_entity_src_gen.gene_src_tissue_fraction 
_entity_src_gen.gene_src_details 
_entity_src_gen.pdbx_gene_src_fragment 
_entity_src_gen.pdbx_gene_src_scientific_name 
_entity_src_gen.pdbx_gene_src_ncbi_taxonomy_id 
_entity_src_gen.pdbx_gene_src_variant 
_entity_src_gen.pdbx_gene_src_cell_line 
_entity_src_gen.pdbx_gene_src_atcc 
_entity_src_gen.pdbx_gene_src_organ 
_entity_src_gen.pdbx_gene_src_organelle 
_entity_src_gen.pdbx_gene_src_cell 
_entity_src_gen.pdbx_gene_src_cellular_location 
_entity_src_gen.host_org_common_name 
_entity_src_gen.pdbx_host_org_scientific_name 
_entity_src_gen.pdbx_host_org_ncbi_taxonomy_id 
_entity_src_gen.host_org_genus 
_entity_src_gen.pdbx_host_org_gene 
_entity_src_gen.pdbx_host_org_organ 
_entity_src_gen.host_org_species 
_entity_src_gen.pdbx_host_org_tissue 
_entity_src_gen.pdbx_host_org_tissue_fraction 
_entity_src_gen.pdbx_host_org_strain 
_entity_src_gen.pdbx_host_org_variant 
_entity_src_gen.pdbx_host_org_cell_line 
_entity_src_gen.pdbx_host_org_atcc 
_entity_src_gen.pdbx_host_org_culture_collection 
_entity_src_gen.pdbx_host_org_cell 
_entity_src_gen.pdbx_host_org_organelle 
_entity_src_gen.pdbx_host_org_cellular_location 
_entity_src_gen.pdbx_host_org_vector_type 
_entity_src_gen.pdbx_host_org_vector 
_entity_src_gen.host_org_details 
_entity_src_gen.expression_system_id 
_entity_src_gen.plasmid_name 
_entity_src_gen.plasmid_details 
_entity_src_gen.pdbx_description 
1 1 sample 'Biological sequence' 1   27  Human ? BCL2                  ? ? ? ? ? ? 'Homo sapiens' 9606 ? ? ? ? ? ? ? ? 
'Escherichia coli' 562 ? ? ? ? ? ? ? ? ? ? ? ? ? ? ? ? ? ? ? ? ? 
1 2 sample 'Biological sequence' 28  43  Human ? 'BCL2L1, BCL2L, BCLX' ? ? ? ? ? ? 'Homo sapiens' 9606 ? ? ? ? ? ? ? ? 
'Escherichia coli' 562 ? ? ? ? ? ? ? ? ? ? ? ? ? ? ? ? ? ? ? ? ? 
1 3 sample 'Biological sequence' 44  155 Human ? BCL2                  ? ? ? ? ? ? 'Homo sapiens' 9606 ? ? ? ? ? ? ? ? 
'Escherichia coli' 562 ? ? ? ? ? ? ? ? ? ? ? ? ? ? ? ? ? ? ? ? ? 
1 4 sample 'Biological sequence' 156 177 Human ? 'BCL2L1, BCL2L, BCLX' ? ? ? ? ? ? 'Homo sapiens' 9606 ? ? ? ? ? ? ? ? 
'Escherichia coli' 562 ? ? ? ? ? ? ? ? ? ? ? ? ? ? ? ? ? ? ? ? ? 
# 
loop_
_chem_comp.id 
_chem_comp.type 
_chem_comp.mon_nstd_flag 
_chem_comp.name 
_chem_comp.pdbx_synonyms 
_chem_comp.formula 
_chem_comp.formula_weight 
ACT non-polymer         . 'ACETATE ION' ? 'C2 H3 O2 -1'    59.044  
ALA 'L-peptide linking' y ALANINE ? 'C3 H7 N O2'     89.093  
ARG 'L-peptide linking' y ARGININE ? 'C6 H15 N4 O2 1' 175.209 
ASN 'L-peptide linking' y ASPARAGINE ? 'C4 H8 N2 O3'    132.118 
ASP 'L-peptide linking' y 'ASPARTIC ACID' ? 'C4 H7 N O4'     133.103 
CYS 'L-peptide linking' y CYSTEINE ? 'C3 H7 N O2 S'   121.158 
GLN 'L-peptide linking' y GLUTAMINE ? 'C5 H10 N2 O3'   146.144 
GLU 'L-peptide linking' y 'GLUTAMIC ACID' ? 'C5 H9 N O4'     147.129 
GLY 'peptide linking'   y GLYCINE ? 'C2 H5 N O2'     75.067  
HIS 'L-peptide linking' y HISTIDINE ? 'C6 H10 N3 O2 1' 156.162 
HOH non-polymer         . WATER ? 'H2 O'           18.015  
ILE 'L-peptide linking' y ISOLEUCINE ? 'C6 H13 N O2'    131.173 
J1Q non-polymer         . 
;1-[2-[[(3~{S})-3-(aminomethyl)-3,4-dihydro-1~{H}-isoquinolin-2-yl]carbonyl]phenyl]-~{N},~{N}-dibutyl-5-methyl-pyrazole-3-carboxamide
;
? 'C30 H39 N5 O2'  501.663 
LEU 'L-peptide linking' y LEUCINE ? 'C6 H13 N O2'    131.173 
LYS 'L-peptide linking' y LYSINE ? 'C6 H15 N2 O2 1' 147.195 
MET 'L-peptide linking' y METHIONINE ? 'C5 H11 N O2 S'  149.211 
PHE 'L-peptide linking' y PHENYLALANINE ? 'C9 H11 N O2'    165.189 
PRO 'L-peptide linking' y PROLINE ? 'C5 H9 N O2'     115.130 
SER 'L-peptide linking' y SERINE ? 'C3 H7 N O3'     105.093 
THR 'L-peptide linking' y THREONINE ? 'C4 H9 N O3'     119.119 
TRP 'L-peptide linking' y TRYPTOPHAN ? 'C11 H12 N2 O2'  204.225 
TYR 'L-peptide linking' y TYROSINE ? 'C9 H11 N O3'    181.189 
VAL 'L-peptide linking' y VALINE ? 'C5 H11 N O2'    117.146 
# 
loop_
_pdbx_poly_seq_scheme.asym_id 
_pdbx_poly_seq_scheme.entity_id 
_pdbx_poly_seq_scheme.seq_id 
_pdbx_poly_seq_scheme.mon_id 
_pdbx_poly_seq_scheme.ndb_seq_num 
_pdbx_poly_seq_scheme.pdb_seq_num 
_pdbx_poly_seq_scheme.auth_seq_num 
_pdbx_poly_seq_scheme.pdb_mon_id 
_pdbx_poly_seq_scheme.auth_mon_id 
_pdbx_poly_seq_scheme.pdb_strand_id 
_pdbx_poly_seq_scheme.pdb_ins_code 
_pdbx_poly_seq_scheme.hetero 
A 1 1   MET 1   7   ?   ?   ?   A . n 
A 1 2   SER 2   8   ?   ?   ?   A . n 
A 1 3   GLN 3   9   ?   ?   ?   A . n 
A 1 4   ASP 4   10  10  ASP ASP A . n 
A 1 5   ASN 5   11  11  ASN ASN A . n 
A 1 6   ARG 6   12  12  ARG ARG A . n 
A 1 7   GLU 7   13  13  GLU GLU A . n 
A 1 8   ILE 8   14  14  ILE ILE A . n 
A 1 9   VAL 9   15  15  VAL VAL A . n 
A 1 10  MET 10  16  16  MET MET A . n 
A 1 11  LYS 11  17  17  LYS LYS A . n 
A 1 12  TYR 12  18  18  TYR TYR A . n 
A 1 13  ILE 13  19  19  ILE ILE A . n 
A 1 14  SER 14  20  20  SER SER A . n 
A 1 15  TYR 15  21  21  TYR TYR A . n 
A 1 16  LYS 16  22  22  LYS LYS A . n 
A 1 17  LEU 17  23  23  LEU LEU A . n 
A 1 18  SER 18  24  24  SER SER A . n 
A 1 19  GLN 19  25  25  GLN GLN A . n 
A 1 20  ARG 20  26  26  ARG ARG A . n 
A 1 21  GLY 21  27  27  GLY GLY A . n 
A 1 22  TYR 22  28  28  TYR TYR A . n 
A 1 23  GLU 23  29  29  GLU GLU A . n 
A 1 24  TRP 24  30  30  TRP TRP A . n 
A 1 25  ASP 25  31  31  ASP ASP A . n 
A 1 26  ALA 26  32  32  ALA ALA A . n 
A 1 27  GLY 27  33  33  GLY GLY A . n 
A 1 28  ASP 28  34  34  ASP ASP A . n 
A 1 29  VAL 29  35  ?   ?   ?   A . n 
A 1 30  GLU 30  36  ?   ?   ?   A . n 
A 1 31  GLU 31  37  ?   ?   ?   A . n 
A 1 32  ASN 32  38  ?   ?   ?   A . n 
A 1 33  ARG 33  39  ?   ?   ?   A . n 
A 1 34  THR 34  40  ?   ?   ?   A . n 
A 1 35  GLU 35  41  ?   ?   ?   A . n 
A 1 36  ALA 36  42  ?   ?   ?   A . n 
A 1 37  PRO 37  43  ?   ?   ?   A . n 
A 1 38  GLU 38  44  ?   ?   ?   A . n 
A 1 39  GLY 39  45  ?   ?   ?   A . n 
A 1 40  THR 40  46  ?   ?   ?   A . n 
A 1 41  GLU 41  47  89  GLU ALA A . n 
A 1 42  SER 42  48  90  SER SER A . n 
A 1 43  GLU 43  49  91  GLU ALA A . n 
A 1 44  VAL 44  92  92  VAL VAL A . n 
A 1 45  VAL 45  93  93  VAL VAL A . n 
A 1 46  HIS 46  94  94  HIS HIS A . n 
A 1 47  GLN 47  95  95  GLN GLN A . n 
A 1 48  THR 48  96  96  THR THR A . n 
A 1 49  LEU 49  97  97  LEU LEU A . n 
A 1 50  ARG 50  98  98  ARG ARG A . n 
A 1 51  GLN 51  99  99  GLN GLN A . n 
A 1 52  ALA 52  100 100 ALA ALA A . n 
A 1 53  GLY 53  101 101 GLY GLY A . n 
A 1 54  ASP 54  102 102 ASP ASP A . n 
A 1 55  ASP 55  103 103 ASP ASP A . n 
A 1 56  PHE 56  104 104 PHE PHE A . n 
A 1 57  SER 57  105 105 SER SER A . n 
A 1 58  LEU 58  106 106 LEU LEU A . n 
A 1 59  ARG 59  107 107 ARG ARG A . n 
A 1 60  TYR 60  108 108 TYR TYR A . n 
A 1 61  ARG 61  109 109 ARG ARG A . n 
A 1 62  ARG 62  110 110 ARG ARG A . n 
A 1 63  ASP 63  111 111 ASP ASP A . n 
A 1 64  PHE 64  112 112 PHE PHE A . n 
A 1 65  ALA 65  113 113 ALA ALA A . n 
A 1 66  GLN 66  114 114 GLN GLN A . n 
A 1 67  MET 67  115 115 MET MET A . n 
A 1 68  SER 68  116 116 SER SER A . n 
A 1 69  SER 69  117 117 SER SER A . n 
A 1 70  GLN 70  118 118 GLN GLN A . n 
A 1 71  LEU 71  119 119 LEU LEU A . n 
A 1 72  HIS 72  120 120 HIS HIS A . n 
A 1 73  LEU 73  121 121 LEU LEU A . n 
A 1 74  THR 74  122 122 THR THR A . n 
A 1 75  PRO 75  123 123 PRO PRO A . n 
A 1 76  GLY 76  124 124 GLY GLY A . n 
A 1 77  THR 77  125 125 THR THR A . n 
A 1 78  ALA 78  126 126 ALA ALA A . n 
A 1 79  TYR 79  127 127 TYR TYR A . n 
A 1 80  ALA 80  128 128 ALA ALA A . n 
A 1 81  SER 81  129 129 SER SER A . n 
A 1 82  PHE 82  130 130 PHE PHE A . n 
A 1 83  ALA 83  131 131 ALA ALA A . n 
A 1 84  THR 84  132 132 THR THR A . n 
A 1 85  VAL 85  133 133 VAL VAL A . n 
A 1 86  VAL 86  134 134 VAL VAL A . n 
A 1 87  ALA 87  135 135 ALA ALA A . n 
A 1 88  GLU 88  136 136 GLU GLU A . n 
A 1 89  LEU 89  137 137 LEU LEU A . n 
A 1 90  PHE 90  138 138 PHE PHE A . n 
A 1 91  ARG 91  139 139 ARG ARG A . n 
A 1 92  ASP 92  140 140 ASP ASP A . n 
A 1 93  GLY 93  141 141 GLY GLY A . n 
A 1 94  VAL 94  142 142 VAL VAL A . n 
A 1 95  ASN 95  143 143 ASN ASN A . n 
A 1 96  TRP 96  144 144 TRP TRP A . n 
A 1 97  GLY 97  145 145 GLY GLY A . n 
A 1 98  ARG 98  146 146 ARG ARG A . n 
A 1 99  ILE 99  147 147 ILE ILE A . n 
A 1 100 VAL 100 148 148 VAL VAL A . n 
A 1 101 ALA 101 149 149 ALA ALA A . n 
A 1 102 PHE 102 150 150 PHE PHE A . n 
A 1 103 PHE 103 151 151 PHE PHE A . n 
A 1 104 GLU 104 152 152 GLU GLU A . n 
A 1 105 PHE 105 153 153 PHE PHE A . n 
A 1 106 GLY 106 154 154 GLY GLY A . n 
A 1 107 GLY 107 155 155 GLY GLY A . n 
A 1 108 VAL 108 156 156 VAL VAL A . n 
A 1 109 MET 109 157 157 MET MET A . n 
A 1 110 CYS 110 158 158 CYS CYS A . n 
A 1 111 VAL 111 159 159 VAL VAL A . n 
A 1 112 GLU 112 160 160 GLU GLU A . n 
A 1 113 SER 113 161 161 SER SER A . n 
A 1 114 VAL 114 162 162 VAL VAL A . n 
A 1 115 ASN 115 163 163 ASN ASN A . n 
A 1 116 ARG 116 164 164 ARG ARG A . n 
A 1 117 ALA 117 165 165 ALA ALA A . n 
A 1 118 MET 118 166 166 MET MET A . n 
A 1 119 SER 119 167 167 SER SER A . n 
A 1 120 VAL 120 168 168 VAL VAL A . n 
A 1 121 LEU 121 169 169 LEU LEU A . n 
A 1 122 VAL 122 170 170 VAL VAL A . n 
A 1 123 ASP 123 171 171 ASP ASP A . n 
A 1 124 ASN 124 172 172 ASN ASN A . n 
A 1 125 ILE 125 173 173 ILE ILE A . n 
A 1 126 ALA 126 174 174 ALA ALA A . n 
A 1 127 ALA 127 175 175 ALA ALA A . n 
A 1 128 TRP 128 176 176 TRP TRP A . n 
A 1 129 MET 129 177 177 MET MET A . n 
A 1 130 ALA 130 178 178 ALA ALA A . n 
A 1 131 THR 131 179 179 THR THR A . n 
A 1 132 TYR 132 180 180 TYR TYR A . n 
A 1 133 LEU 133 181 181 LEU LEU A . n 
A 1 134 ASN 134 182 182 ASN ASN A . n 
A 1 135 ASP 135 183 183 ASP ASP A . n 
A 1 136 HIS 136 184 184 HIS HIS A . n 
A 1 137 LEU 137 185 185 LEU LEU A . n 
A 1 138 HIS 138 186 186 HIS HIS A . n 
A 1 139 THR 139 187 187 THR THR A . n 
A 1 140 TRP 140 188 188 TRP TRP A . n 
A 1 141 ILE 141 189 189 ILE ILE A . n 
A 1 142 GLN 142 190 190 GLN GLN A . n 
A 1 143 ASP 143 191 191 ASP ASP A . n 
A 1 144 ASN 144 192 192 ASN ASN A . n 
A 1 145 GLY 145 193 193 GLY GLY A . n 
A 1 146 GLY 146 194 194 GLY GLY A . n 
A 1 147 TRP 147 195 195 TRP TRP A . n 
A 1 148 ASP 148 196 196 ASP ASP A . n 
A 1 149 ALA 149 197 197 ALA ALA A . n 
A 1 150 PHE 150 198 198 PHE PHE A . n 
A 1 151 VAL 151 199 199 VAL VAL A . n 
A 1 152 GLU 152 200 200 GLU GLU A . n 
A 1 153 LEU 153 201 201 LEU LEU A . n 
A 1 154 TYR 154 202 202 TYR TYR A . n 
A 1 155 GLY 155 203 203 GLY GLY A . n 
A 1 156 ASN 156 204 204 ASN ASN A . n 
A 1 157 ASN 157 205 205 ASN ASN A . n 
A 1 158 ALA 158 206 206 ALA ALA A . n 
A 1 159 ALA 159 207 207 ALA ALA A . n 
A 1 160 ALA 160 208 208 ALA ALA A . n 
A 1 161 GLU 161 209 209 GLU GLU A . n 
A 1 162 SER 162 210 210 SER SER A . n 
A 1 163 ARG 163 211 211 ARG ARG A . n 
A 1 164 LYS 164 212 ?   ?   ?   A . n 
A 1 165 GLY 165 213 ?   ?   ?   A . n 
A 1 166 GLN 166 214 ?   ?   ?   A . n 
A 1 167 GLU 167 215 ?   ?   ?   A . n 
A 1 168 ARG 168 216 ?   ?   ?   A . n 
A 1 169 PHE 169 217 ?   ?   ?   A . n 
A 1 170 LEU 170 218 ?   ?   ?   A . n 
A 1 171 GLU 171 219 ?   ?   ?   A . n 
A 1 172 HIS 172 220 ?   ?   ?   A . n 
A 1 173 HIS 173 221 ?   ?   ?   A . n 
A 1 174 HIS 174 222 ?   ?   ?   A . n 
A 1 175 HIS 175 223 ?   ?   ?   A . n 
A 1 176 HIS 176 224 ?   ?   ?   A . n 
A 1 177 HIS 177 225 ?   ?   ?   A . n 
# 
loop_
_pdbx_nonpoly_scheme.asym_id 
_pdbx_nonpoly_scheme.entity_id 
_pdbx_nonpoly_scheme.mon_id 
_pdbx_nonpoly_scheme.ndb_seq_num 
_pdbx_nonpoly_scheme.pdb_seq_num 
_pdbx_nonpoly_scheme.auth_seq_num 
_pdbx_nonpoly_scheme.pdb_mon_id 
_pdbx_nonpoly_scheme.auth_mon_id 
_pdbx_nonpoly_scheme.pdb_strand_id 
_pdbx_nonpoly_scheme.pdb_ins_code 
B 2 J1Q 1   401 401 J1Q UNK A . 
C 3 ACT 1   402 1   ACT ACT A . 
D 4 HOH 1   501 67  HOH HOH A . 
D 4 HOH 2   502 150 HOH HOH A . 
D 4 HOH 3   503 156 HOH HOH A . 
D 4 HOH 4   504 93  HOH HOH A . 
D 4 HOH 5   505 29  HOH HOH A . 
D 4 HOH 6   506 76  HOH HOH A . 
D 4 HOH 7   507 25  HOH HOH A . 
D 4 HOH 8   508 40  HOH HOH A . 
D 4 HOH 9   509 42  HOH HOH A . 
D 4 HOH 10  510 111 HOH HOH A . 
D 4 HOH 11  511 91  HOH HOH A . 
D 4 HOH 12  512 11  HOH HOH A . 
D 4 HOH 13  513 118 HOH HOH A . 
D 4 HOH 14  514 85  HOH HOH A . 
D 4 HOH 15  515 55  HOH HOH A . 
D 4 HOH 16  516 113 HOH HOH A . 
D 4 HOH 17  517 2   HOH HOH A . 
D 4 HOH 18  518 89  HOH HOH A . 
D 4 HOH 19  519 77  HOH HOH A . 
D 4 HOH 20  520 90  HOH HOH A . 
D 4 HOH 21  521 133 HOH HOH A . 
D 4 HOH 22  522 79  HOH HOH A . 
D 4 HOH 23  523 120 HOH HOH A . 
D 4 HOH 24  524 35  HOH HOH A . 
D 4 HOH 25  525 122 HOH HOH A . 
D 4 HOH 26  526 30  HOH HOH A . 
D 4 HOH 27  527 13  HOH HOH A . 
D 4 HOH 28  528 141 HOH HOH A . 
D 4 HOH 29  529 94  HOH HOH A . 
D 4 HOH 30  530 96  HOH HOH A . 
D 4 HOH 31  531 14  HOH HOH A . 
D 4 HOH 32  532 7   HOH HOH A . 
D 4 HOH 33  533 4   HOH HOH A . 
D 4 HOH 34  534 78  HOH HOH A . 
D 4 HOH 35  535 19  HOH HOH A . 
D 4 HOH 36  536 95  HOH HOH A . 
D 4 HOH 37  537 10  HOH HOH A . 
D 4 HOH 38  538 116 HOH HOH A . 
D 4 HOH 39  539 22  HOH HOH A . 
D 4 HOH 40  540 18  HOH HOH A . 
D 4 HOH 41  541 88  HOH HOH A . 
D 4 HOH 42  542 8   HOH HOH A . 
D 4 HOH 43  543 83  HOH HOH A . 
D 4 HOH 44  544 100 HOH HOH A . 
D 4 HOH 45  545 59  HOH HOH A . 
D 4 HOH 46  546 142 HOH HOH A . 
D 4 HOH 47  547 101 HOH HOH A . 
D 4 HOH 48  548 75  HOH HOH A . 
D 4 HOH 49  549 51  HOH HOH A . 
D 4 HOH 50  550 37  HOH HOH A . 
D 4 HOH 51  551 6   HOH HOH A . 
D 4 HOH 52  552 33  HOH HOH A . 
D 4 HOH 53  553 20  HOH HOH A . 
D 4 HOH 54  554 36  HOH HOH A . 
D 4 HOH 55  555 1   HOH HOH A . 
D 4 HOH 56  556 65  HOH HOH A . 
D 4 HOH 57  557 23  HOH HOH A . 
D 4 HOH 58  558 68  HOH HOH A . 
D 4 HOH 59  559 139 HOH HOH A . 
D 4 HOH 60  560 24  HOH HOH A . 
D 4 HOH 61  561 26  HOH HOH A . 
D 4 HOH 62  562 60  HOH HOH A . 
D 4 HOH 63  563 80  HOH HOH A . 
D 4 HOH 64  564 134 HOH HOH A . 
D 4 HOH 65  565 31  HOH HOH A . 
D 4 HOH 66  566 12  HOH HOH A . 
D 4 HOH 67  567 84  HOH HOH A . 
D 4 HOH 68  568 57  HOH HOH A . 
D 4 HOH 69  569 45  HOH HOH A . 
D 4 HOH 70  570 43  HOH HOH A . 
D 4 HOH 71  571 28  HOH HOH A . 
D 4 HOH 72  572 5   HOH HOH A . 
D 4 HOH 73  573 15  HOH HOH A . 
D 4 HOH 74  574 69  HOH HOH A . 
D 4 HOH 75  575 153 HOH HOH A . 
D 4 HOH 76  576 32  HOH HOH A . 
D 4 HOH 77  577 82  HOH HOH A . 
D 4 HOH 78  578 71  HOH HOH A . 
D 4 HOH 79  579 123 HOH HOH A . 
D 4 HOH 80  580 144 HOH HOH A . 
D 4 HOH 81  581 21  HOH HOH A . 
D 4 HOH 82  582 117 HOH HOH A . 
D 4 HOH 83  583 46  HOH HOH A . 
D 4 HOH 84  584 148 HOH HOH A . 
D 4 HOH 85  585 38  HOH HOH A . 
D 4 HOH 86  586 110 HOH HOH A . 
D 4 HOH 87  587 9   HOH HOH A . 
D 4 HOH 88  588 106 HOH HOH A . 
D 4 HOH 89  589 61  HOH HOH A . 
D 4 HOH 90  590 66  HOH HOH A . 
D 4 HOH 91  591 54  HOH HOH A . 
D 4 HOH 92  592 124 HOH HOH A . 
D 4 HOH 93  593 70  HOH HOH A . 
D 4 HOH 94  594 81  HOH HOH A . 
D 4 HOH 95  595 130 HOH HOH A . 
D 4 HOH 96  596 53  HOH HOH A . 
D 4 HOH 97  597 27  HOH HOH A . 
D 4 HOH 98  598 147 HOH HOH A . 
D 4 HOH 99  599 92  HOH HOH A . 
D 4 HOH 100 600 72  HOH HOH A . 
D 4 HOH 101 601 39  HOH HOH A . 
D 4 HOH 102 602 105 HOH HOH A . 
D 4 HOH 103 603 86  HOH HOH A . 
D 4 HOH 104 604 62  HOH HOH A . 
D 4 HOH 105 605 128 HOH HOH A . 
D 4 HOH 106 606 129 HOH HOH A . 
D 4 HOH 107 607 47  HOH HOH A . 
D 4 HOH 108 608 138 HOH HOH A . 
D 4 HOH 109 609 108 HOH HOH A . 
D 4 HOH 110 610 98  HOH HOH A . 
D 4 HOH 111 611 50  HOH HOH A . 
D 4 HOH 112 612 56  HOH HOH A . 
D 4 HOH 113 613 115 HOH HOH A . 
D 4 HOH 114 614 127 HOH HOH A . 
D 4 HOH 115 615 52  HOH HOH A . 
D 4 HOH 116 616 137 HOH HOH A . 
D 4 HOH 117 617 74  HOH HOH A . 
D 4 HOH 118 618 64  HOH HOH A . 
D 4 HOH 119 619 103 HOH HOH A . 
D 4 HOH 120 620 143 HOH HOH A . 
D 4 HOH 121 621 132 HOH HOH A . 
D 4 HOH 122 622 44  HOH HOH A . 
D 4 HOH 123 623 136 HOH HOH A . 
D 4 HOH 124 624 97  HOH HOH A . 
D 4 HOH 125 625 102 HOH HOH A . 
D 4 HOH 126 626 16  HOH HOH A . 
D 4 HOH 127 627 104 HOH HOH A . 
D 4 HOH 128 628 151 HOH HOH A . 
D 4 HOH 129 629 3   HOH HOH A . 
D 4 HOH 130 630 145 HOH HOH A . 
D 4 HOH 131 631 109 HOH HOH A . 
D 4 HOH 132 632 99  HOH HOH A . 
D 4 HOH 133 633 41  HOH HOH A . 
D 4 HOH 134 634 34  HOH HOH A . 
D 4 HOH 135 635 48  HOH HOH A . 
D 4 HOH 136 636 114 HOH HOH A . 
D 4 HOH 137 637 107 HOH HOH A . 
D 4 HOH 138 638 58  HOH HOH A . 
D 4 HOH 139 639 112 HOH HOH A . 
D 4 HOH 140 640 17  HOH HOH A . 
D 4 HOH 141 641 87  HOH HOH A . 
D 4 HOH 142 642 121 HOH HOH A . 
D 4 HOH 143 643 63  HOH HOH A . 
D 4 HOH 144 644 119 HOH HOH A . 
D 4 HOH 145 645 140 HOH HOH A . 
D 4 HOH 146 646 125 HOH HOH A . 
D 4 HOH 147 647 135 HOH HOH A . 
D 4 HOH 148 648 73  HOH HOH A . 
D 4 HOH 149 649 149 HOH HOH A . 
D 4 HOH 150 650 155 HOH HOH A . 
D 4 HOH 151 651 154 HOH HOH A . 
D 4 HOH 152 652 131 HOH HOH A . 
D 4 HOH 153 653 49  HOH HOH A . 
D 4 HOH 154 654 146 HOH HOH A . 
D 4 HOH 155 655 152 HOH HOH A . 
D 4 HOH 156 656 126 HOH HOH A . 
# 
loop_
_pdbx_unobs_or_zero_occ_atoms.id 
_pdbx_unobs_or_zero_occ_atoms.PDB_model_num 
_pdbx_unobs_or_zero_occ_atoms.polymer_flag 
_pdbx_unobs_or_zero_occ_atoms.occupancy_flag 
_pdbx_unobs_or_zero_occ_atoms.auth_asym_id 
_pdbx_unobs_or_zero_occ_atoms.auth_comp_id 
_pdbx_unobs_or_zero_occ_atoms.auth_seq_id 
_pdbx_unobs_or_zero_occ_atoms.PDB_ins_code 
_pdbx_unobs_or_zero_occ_atoms.auth_atom_id 
_pdbx_unobs_or_zero_occ_atoms.label_alt_id 
_pdbx_unobs_or_zero_occ_atoms.label_asym_id 
_pdbx_unobs_or_zero_occ_atoms.label_comp_id 
_pdbx_unobs_or_zero_occ_atoms.label_seq_id 
_pdbx_unobs_or_zero_occ_atoms.label_atom_id 
1  1 Y 1 A ARG 12  ? CG  ? A ARG 6   CG  
2  1 Y 1 A ARG 12  ? CD  ? A ARG 6   CD  
3  1 Y 1 A ARG 12  ? NE  ? A ARG 6   NE  
4  1 Y 1 A ARG 12  ? CZ  ? A ARG 6   CZ  
5  1 Y 1 A ARG 12  ? NH1 ? A ARG 6   NH1 
6  1 Y 1 A ARG 12  ? NH2 ? A ARG 6   NH2 
7  1 Y 1 A ASP 31  ? CG  ? A ASP 25  CG  
8  1 Y 1 A ASP 31  ? OD1 ? A ASP 25  OD1 
9  1 Y 1 A ASP 31  ? OD2 ? A ASP 25  OD2 
10 1 Y 1 A GLU 47  ? CG  ? A GLU 41  CG  
11 1 Y 1 A GLU 47  ? CD  ? A GLU 41  CD  
12 1 Y 1 A GLU 47  ? OE1 ? A GLU 41  OE1 
13 1 Y 1 A GLU 47  ? OE2 ? A GLU 41  OE2 
14 1 Y 1 A GLU 49  ? CG  ? A GLU 43  CG  
15 1 Y 1 A GLU 49  ? CD  ? A GLU 43  CD  
16 1 Y 1 A GLU 49  ? OE1 ? A GLU 43  OE1 
17 1 Y 1 A GLU 49  ? OE2 ? A GLU 43  OE2 
18 1 Y 1 A GLN 95  ? CD  ? A GLN 47  CD  
19 1 Y 1 A GLN 95  ? OE1 ? A GLN 47  OE1 
20 1 Y 1 A GLN 95  ? NE2 ? A GLN 47  NE2 
21 1 Y 1 A GLN 114 ? CG  ? A GLN 66  CG  
22 1 Y 1 A GLN 114 ? CD  ? A GLN 66  CD  
23 1 Y 1 A GLN 114 ? OE1 ? A GLN 66  OE1 
24 1 Y 1 A GLN 114 ? NE2 ? A GLN 66  NE2 
25 1 Y 1 A ARG 211 ? CG  ? A ARG 163 CG  
26 1 Y 1 A ARG 211 ? CD  ? A ARG 163 CD  
27 1 Y 1 A ARG 211 ? NE  ? A ARG 163 NE  
28 1 Y 1 A ARG 211 ? CZ  ? A ARG 163 CZ  
29 1 Y 1 A ARG 211 ? NH1 ? A ARG 163 NH1 
30 1 Y 1 A ARG 211 ? NH2 ? A ARG 163 NH2 
# 
loop_
_software.citation_id 
_software.classification 
_software.compiler_name 
_software.compiler_version 
_software.contact_author 
_software.contact_author_email 
_software.date 
_software.description 
_software.dependencies 
_software.hardware 
_software.language 
_software.location 
_software.mods 
_software.name 
_software.os 
_software.os_version 
_software.type 
_software.version 
_software.pdbx_ordinal 
? 'data scaling'    ? ? ? ? ? ? ? ? ? ? ? SCALEPACK   ? ? ? .        1 
? refinement        ? ? ? ? ? ? ? ? ? ? ? REFMAC      ? ? ? 5.8.0230 2 
? 'data extraction' ? ? ? ? ? ? ? ? ? ? ? PDB_EXTRACT ? ? ? 3.24     3 
? 'data reduction'  ? ? ? ? ? ? ? ? ? ? ? DENZO       ? ? ? .        4 
? phasing           ? ? ? ? ? ? ? ? ? ? ? MOLREP      ? ? ? .        5 
# 
_cell.angle_alpha                  90.000 
_cell.angle_alpha_esd              ? 
_cell.angle_beta                   90.000 
_cell.angle_beta_esd               ? 
_cell.angle_gamma                  90.000 
_cell.angle_gamma_esd              ? 
_cell.entry_id                     6QGK 
_cell.details                      ? 
_cell.formula_units_Z              ? 
_cell.length_a                     47.570 
_cell.length_a_esd                 ? 
_cell.length_b                     50.104 
_cell.length_b_esd                 ? 
_cell.length_c                     65.371 
_cell.length_c_esd                 ? 
_cell.volume                       ? 
_cell.volume_esd                   ? 
_cell.Z_PDB                        4 
_cell.reciprocal_angle_alpha       ? 
_cell.reciprocal_angle_beta        ? 
_cell.reciprocal_angle_gamma       ? 
_cell.reciprocal_angle_alpha_esd   ? 
_cell.reciprocal_angle_beta_esd    ? 
_cell.reciprocal_angle_gamma_esd   ? 
_cell.reciprocal_length_a          ? 
_cell.reciprocal_length_b          ? 
_cell.reciprocal_length_c          ? 
_cell.reciprocal_length_a_esd      ? 
_cell.reciprocal_length_b_esd      ? 
_cell.reciprocal_length_c_esd      ? 
_cell.pdbx_unique_axis             ? 
# 
_symmetry.entry_id                         6QGK 
_symmetry.cell_setting                     ? 
_symmetry.Int_Tables_number                19 
_symmetry.space_group_name_Hall            ? 
_symmetry.space_group_name_H-M             'P 21 21 21' 
_symmetry.pdbx_full_space_group_name_H-M   ? 
# 
_exptl.absorpt_coefficient_mu     ? 
_exptl.absorpt_correction_T_max   ? 
_exptl.absorpt_correction_T_min   ? 
_exptl.absorpt_correction_type    ? 
_exptl.absorpt_process_details    ? 
_exptl.entry_id                   6QGK 
_exptl.crystals_number            1 
_exptl.details                    ? 
_exptl.method                     'X-RAY DIFFRACTION' 
_exptl.method_details             ? 
# 
_exptl_crystal.colour                      ? 
_exptl_crystal.density_diffrn              ? 
_exptl_crystal.density_Matthews            1.93 
_exptl_crystal.density_method              ? 
_exptl_crystal.density_percent_sol         36.18 
_exptl_crystal.description                 ? 
_exptl_crystal.F_000                       ? 
_exptl_crystal.id                          1 
_exptl_crystal.preparation                 ? 
_exptl_crystal.size_max                    ? 
_exptl_crystal.size_mid                    ? 
_exptl_crystal.size_min                    ? 
_exptl_crystal.size_rad                    ? 
_exptl_crystal.colour_lustre               ? 
_exptl_crystal.colour_modifier             ? 
_exptl_crystal.colour_primary              ? 
_exptl_crystal.density_meas                ? 
_exptl_crystal.density_meas_esd            ? 
_exptl_crystal.density_meas_gt             ? 
_exptl_crystal.density_meas_lt             ? 
_exptl_crystal.density_meas_temp           ? 
_exptl_crystal.density_meas_temp_esd       ? 
_exptl_crystal.density_meas_temp_gt        ? 
_exptl_crystal.density_meas_temp_lt        ? 
_exptl_crystal.pdbx_crystal_image_url      ? 
_exptl_crystal.pdbx_crystal_image_format   ? 
_exptl_crystal.pdbx_mosaicity              ? 
_exptl_crystal.pdbx_mosaicity_esd          ? 
# 
_exptl_crystal_grow.apparatus       ? 
_exptl_crystal_grow.atmosphere      ? 
_exptl_crystal_grow.crystal_id      1 
_exptl_crystal_grow.details         ? 
_exptl_crystal_grow.method          'VAPOR DIFFUSION, SITTING DROP' 
_exptl_crystal_grow.method_ref      ? 
_exptl_crystal_grow.pH              7.5 
_exptl_crystal_grow.pressure        ? 
_exptl_crystal_grow.pressure_esd    ? 
_exptl_crystal_grow.seeding         ? 
_exptl_crystal_grow.seeding_ref     ? 
_exptl_crystal_grow.temp            284 
_exptl_crystal_grow.temp_details    ? 
_exptl_crystal_grow.temp_esd        ? 
_exptl_crystal_grow.time            ? 
_exptl_crystal_grow.pdbx_details    '0.2M Ca Acetate, 15% PEG4k, 0.1M Tris buffer pH 7.5' 
_exptl_crystal_grow.pdbx_pH_range   ? 
# 
_diffrn.ambient_environment              ? 
_diffrn.ambient_temp                     100 
_diffrn.ambient_temp_details             ? 
_diffrn.ambient_temp_esd                 ? 
_diffrn.crystal_id                       1 
_diffrn.crystal_support                  ? 
_diffrn.crystal_treatment                ? 
_diffrn.details                          ? 
_diffrn.id                               1 
_diffrn.ambient_pressure                 ? 
_diffrn.ambient_pressure_esd             ? 
_diffrn.ambient_pressure_gt              ? 
_diffrn.ambient_pressure_lt              ? 
_diffrn.ambient_temp_gt                  ? 
_diffrn.ambient_temp_lt                  ? 
_diffrn.pdbx_serial_crystal_experiment   N 
# 
_diffrn_detector.details                      ? 
_diffrn_detector.detector                     CCD 
_diffrn_detector.diffrn_id                    1 
_diffrn_detector.type                         'ADSC QUANTUM 315' 
_diffrn_detector.area_resol_mean              ? 
_diffrn_detector.dtime                        ? 
_diffrn_detector.pdbx_frames_total            ? 
_diffrn_detector.pdbx_collection_time_total   ? 
_diffrn_detector.pdbx_collection_date         2008-12-12 
_diffrn_detector.pdbx_frequency               ? 
# 
_diffrn_radiation.collimation                      ? 
_diffrn_radiation.diffrn_id                        1 
_diffrn_radiation.filter_edge                      ? 
_diffrn_radiation.inhomogeneity                    ? 
_diffrn_radiation.monochromator                    mirrors 
_diffrn_radiation.polarisn_norm                    ? 
_diffrn_radiation.polarisn_ratio                   ? 
_diffrn_radiation.probe                            ? 
_diffrn_radiation.type                             ? 
_diffrn_radiation.xray_symbol                      ? 
_diffrn_radiation.wavelength_id                    1 
_diffrn_radiation.pdbx_monochromatic_or_laue_m_l   M 
_diffrn_radiation.pdbx_wavelength_list             ? 
_diffrn_radiation.pdbx_wavelength                  ? 
_diffrn_radiation.pdbx_diffrn_protocol             'SINGLE WAVELENGTH' 
_diffrn_radiation.pdbx_analyzer                    ? 
_diffrn_radiation.pdbx_scattering_type             x-ray 
# 
_diffrn_radiation_wavelength.id           1 
_diffrn_radiation_wavelength.wavelength   0.9728 
_diffrn_radiation_wavelength.wt           1.0 
# 
_diffrn_source.current                     ? 
_diffrn_source.details                     ? 
_diffrn_source.diffrn_id                   1 
_diffrn_source.power                       ? 
_diffrn_source.size                        ? 
_diffrn_source.source                      SYNCHROTRON 
_diffrn_source.target                      ? 
_diffrn_source.type                        'DIAMOND BEAMLINE I04' 
_diffrn_source.voltage                     ? 
_diffrn_source.take-off_angle              ? 
_diffrn_source.pdbx_wavelength_list        0.9728 
_diffrn_source.pdbx_wavelength             ? 
_diffrn_source.pdbx_synchrotron_beamline   I04 
_diffrn_source.pdbx_synchrotron_site       Diamond 
# 
_reflns.B_iso_Wilson_estimate            ? 
_reflns.entry_id                         6QGK 
_reflns.data_reduction_details           ? 
_reflns.data_reduction_method            ? 
_reflns.d_resolution_high                1.700 
_reflns.d_resolution_low                 25.000 
_reflns.details                          ? 
_reflns.limit_h_max                      ? 
_reflns.limit_h_min                      ? 
_reflns.limit_k_max                      ? 
_reflns.limit_k_min                      ? 
_reflns.limit_l_max                      ? 
_reflns.limit_l_min                      ? 
_reflns.number_all                       ? 
_reflns.number_obs                       14748 
_reflns.observed_criterion               ? 
_reflns.observed_criterion_F_max         ? 
_reflns.observed_criterion_F_min         ? 
_reflns.observed_criterion_I_max         ? 
_reflns.observed_criterion_I_min         ? 
_reflns.observed_criterion_sigma_F       ? 
_reflns.observed_criterion_sigma_I       ? 
_reflns.percent_possible_obs             82.800 
_reflns.R_free_details                   ? 
_reflns.Rmerge_F_all                     ? 
_reflns.Rmerge_F_obs                     ? 
_reflns.Friedel_coverage                 ? 
_reflns.number_gt                        ? 
_reflns.threshold_expression             ? 
_reflns.pdbx_redundancy                  4.400 
_reflns.pdbx_Rmerge_I_obs                0.071 
_reflns.pdbx_Rmerge_I_all                ? 
_reflns.pdbx_Rsym_value                  ? 
_reflns.pdbx_netI_over_av_sigmaI         ? 
_reflns.pdbx_netI_over_sigmaI            10.700 
_reflns.pdbx_res_netI_over_av_sigmaI_2   ? 
_reflns.pdbx_res_netI_over_sigmaI_2      ? 
_reflns.pdbx_chi_squared                 1.076 
_reflns.pdbx_scaling_rejects             ? 
_reflns.pdbx_d_res_high_opt              ? 
_reflns.pdbx_d_res_low_opt               ? 
_reflns.pdbx_d_res_opt_method            ? 
_reflns.phase_calculation_details        ? 
_reflns.pdbx_Rrim_I_all                  ? 
_reflns.pdbx_Rpim_I_all                  ? 
_reflns.pdbx_d_opt                       ? 
_reflns.pdbx_number_measured_all         64967 
_reflns.pdbx_diffrn_id                   1 
_reflns.pdbx_ordinal                     1 
_reflns.pdbx_CC_half                     ? 
_reflns.pdbx_R_split                     ? 
# 
loop_
_reflns_shell.d_res_high 
_reflns_shell.d_res_low 
_reflns_shell.meanI_over_sigI_all 
_reflns_shell.meanI_over_sigI_obs 
_reflns_shell.number_measured_all 
_reflns_shell.number_measured_obs 
_reflns_shell.number_possible 
_reflns_shell.number_unique_all 
_reflns_shell.number_unique_obs 
_reflns_shell.percent_possible_all 
_reflns_shell.percent_possible_obs 
_reflns_shell.Rmerge_F_all 
_reflns_shell.Rmerge_F_obs 
_reflns_shell.Rmerge_I_all 
_reflns_shell.Rmerge_I_obs 
_reflns_shell.meanI_over_sigI_gt 
_reflns_shell.meanI_over_uI_all 
_reflns_shell.meanI_over_uI_gt 
_reflns_shell.number_measured_gt 
_reflns_shell.number_unique_gt 
_reflns_shell.percent_possible_gt 
_reflns_shell.Rmerge_F_gt 
_reflns_shell.Rmerge_I_gt 
_reflns_shell.pdbx_redundancy 
_reflns_shell.pdbx_Rsym_value 
_reflns_shell.pdbx_chi_squared 
_reflns_shell.pdbx_netI_over_sigmaI_all 
_reflns_shell.pdbx_netI_over_sigmaI_obs 
_reflns_shell.pdbx_Rrim_I_all 
_reflns_shell.pdbx_Rpim_I_all 
_reflns_shell.pdbx_rejects 
_reflns_shell.pdbx_ordinal 
_reflns_shell.pdbx_diffrn_id 
_reflns_shell.pdbx_CC_half 
_reflns_shell.pdbx_R_split 
1.700 1.760  ? ? ? ? ? ? 794  45.200 ? ? ? ? 0.360 ? ? ? ? ? ? ? ? 3.900 ? 0.881 ? ? ? ? ? 1  1 ? ? 
1.760 1.830  ? ? ? ? ? ? 1047 60.400 ? ? ? ? 0.308 ? ? ? ? ? ? ? ? 4.100 ? 0.969 ? ? ? ? ? 2  1 ? ? 
1.830 1.910  ? ? ? ? ? ? 1347 77.100 ? ? ? ? 0.289 ? ? ? ? ? ? ? ? 4.300 ? 1.043 ? ? ? ? ? 3  1 ? ? 
1.910 2.020  ? ? ? ? ? ? 1549 88.400 ? ? ? ? 0.231 ? ? ? ? ? ? ? ? 4.400 ? 1.155 ? ? ? ? ? 4  1 ? ? 
2.020 2.140  ? ? ? ? ? ? 1662 94.800 ? ? ? ? 0.190 ? ? ? ? ? ? ? ? 4.500 ? 1.195 ? ? ? ? ? 5  1 ? ? 
2.140 2.310  ? ? ? ? ? ? 1701 96.400 ? ? ? ? 0.138 ? ? ? ? ? ? ? ? 4.500 ? 1.159 ? ? ? ? ? 6  1 ? ? 
2.310 2.540  ? ? ? ? ? ? 1674 94.700 ? ? ? ? 0.105 ? ? ? ? ? ? ? ? 4.500 ? 1.086 ? ? ? ? ? 7  1 ? ? 
2.540 2.910  ? ? ? ? ? ? 1623 90.200 ? ? ? ? 0.089 ? ? ? ? ? ? ? ? 4.500 ? 1.046 ? ? ? ? ? 8  1 ? ? 
2.910 3.660  ? ? ? ? ? ? 1605 88.400 ? ? ? ? 0.064 ? ? ? ? ? ? ? ? 4.500 ? 1.032 ? ? ? ? ? 9  1 ? ? 
3.660 25.000 ? ? ? ? ? ? 1746 91.100 ? ? ? ? 0.037 ? ? ? ? ? ? ? ? 4.500 ? 1.028 ? ? ? ? ? 10 1 ? ? 
# 
_refine.aniso_B[1][1]                            2.7400 
_refine.aniso_B[1][2]                            -0.0000 
_refine.aniso_B[1][3]                            0.0000 
_refine.aniso_B[2][2]                            -2.4000 
_refine.aniso_B[2][3]                            -0.0000 
_refine.aniso_B[3][3]                            -0.3300 
_refine.B_iso_max                                96.300 
_refine.B_iso_mean                               29.4850 
_refine.B_iso_min                                15.210 
_refine.correlation_coeff_Fo_to_Fc               0.9680 
_refine.correlation_coeff_Fo_to_Fc_free          0.9550 
_refine.details                                  
'HYDROGENS HAVE BEEN ADDED IN THE RIDING POSITIONS U VALUES      : REFINED INDIVIDUALLY' 
_refine.diff_density_max                         ? 
_refine.diff_density_max_esd                     ? 
_refine.diff_density_min                         ? 
_refine.diff_density_min_esd                     ? 
_refine.diff_density_rms                         ? 
_refine.diff_density_rms_esd                     ? 
_refine.entry_id                                 6QGK 
_refine.pdbx_refine_id                           'X-RAY DIFFRACTION' 
_refine.ls_abs_structure_details                 ? 
_refine.ls_abs_structure_Flack                   ? 
_refine.ls_abs_structure_Flack_esd               ? 
_refine.ls_abs_structure_Rogers                  ? 
_refine.ls_abs_structure_Rogers_esd              ? 
_refine.ls_d_res_high                            1.8000 
_refine.ls_d_res_low                             15.0000 
_refine.ls_extinction_coef                       ? 
_refine.ls_extinction_coef_esd                   ? 
_refine.ls_extinction_expression                 ? 
_refine.ls_extinction_method                     ? 
_refine.ls_goodness_of_fit_all                   ? 
_refine.ls_goodness_of_fit_all_esd               ? 
_refine.ls_goodness_of_fit_obs                   ? 
_refine.ls_goodness_of_fit_obs_esd               ? 
_refine.ls_hydrogen_treatment                    ? 
_refine.ls_matrix_type                           ? 
_refine.ls_number_constraints                    ? 
_refine.ls_number_parameters                     ? 
_refine.ls_number_reflns_all                     ? 
_refine.ls_number_reflns_obs                     12725 
_refine.ls_number_reflns_R_free                  613 
_refine.ls_number_reflns_R_work                  ? 
_refine.ls_number_restraints                     ? 
_refine.ls_percent_reflns_obs                    88.7400 
_refine.ls_percent_reflns_R_free                 4.6000 
_refine.ls_R_factor_all                          ? 
_refine.ls_R_factor_obs                          0.1673 
_refine.ls_R_factor_R_free                       0.2021 
_refine.ls_R_factor_R_free_error                 ? 
_refine.ls_R_factor_R_free_error_details         ? 
_refine.ls_R_factor_R_work                       0.1655 
_refine.ls_R_Fsqd_factor_obs                     ? 
_refine.ls_R_I_factor_obs                        ? 
_refine.ls_redundancy_reflns_all                 ? 
_refine.ls_redundancy_reflns_obs                 ? 
_refine.ls_restrained_S_all                      ? 
_refine.ls_restrained_S_obs                      ? 
_refine.ls_shift_over_esd_max                    ? 
_refine.ls_shift_over_esd_mean                   ? 
_refine.ls_structure_factor_coef                 ? 
_refine.ls_weighting_details                     ? 
_refine.ls_weighting_scheme                      ? 
_refine.ls_wR_factor_all                         ? 
_refine.ls_wR_factor_obs                         ? 
_refine.ls_wR_factor_R_free                      ? 
_refine.ls_wR_factor_R_work                      ? 
_refine.occupancy_max                            ? 
_refine.occupancy_min                            ? 
_refine.solvent_model_details                    ? 
_refine.solvent_model_param_bsol                 ? 
_refine.solvent_model_param_ksol                 ? 
_refine.ls_R_factor_gt                           ? 
_refine.ls_goodness_of_fit_gt                    ? 
_refine.ls_goodness_of_fit_ref                   ? 
_refine.ls_shift_over_su_max                     ? 
_refine.ls_shift_over_su_max_lt                  ? 
_refine.ls_shift_over_su_mean                    ? 
_refine.ls_shift_over_su_mean_lt                 ? 
_refine.pdbx_ls_sigma_I                          ? 
_refine.pdbx_ls_sigma_F                          0.000 
_refine.pdbx_ls_sigma_Fsqd                       ? 
_refine.pdbx_data_cutoff_high_absF               ? 
_refine.pdbx_data_cutoff_high_rms_absF           ? 
_refine.pdbx_data_cutoff_low_absF                ? 
_refine.pdbx_isotropic_thermal_model             ? 
_refine.pdbx_ls_cross_valid_method               THROUGHOUT 
_refine.pdbx_method_to_determine_struct          'MOLECULAR REPLACEMENT' 
_refine.pdbx_starting_model                      ? 
_refine.pdbx_stereochemistry_target_values       ? 
_refine.pdbx_R_Free_selection_details            RANDOM 
_refine.pdbx_stereochem_target_val_spec_case     ? 
_refine.pdbx_overall_ESU_R                       0.1370 
_refine.pdbx_overall_ESU_R_Free                  0.1260 
_refine.pdbx_solvent_vdw_probe_radii             1.2000 
_refine.pdbx_solvent_ion_probe_radii             0.8000 
_refine.pdbx_solvent_shrinkage_radii             0.8000 
_refine.pdbx_real_space_R                        ? 
_refine.pdbx_density_correlation                 ? 
_refine.pdbx_pd_number_of_powder_patterns        ? 
_refine.pdbx_pd_number_of_points                 ? 
_refine.pdbx_pd_meas_number_of_points            ? 
_refine.pdbx_pd_proc_ls_prof_R_factor            ? 
_refine.pdbx_pd_proc_ls_prof_wR_factor           ? 
_refine.pdbx_pd_Marquardt_correlation_coeff      ? 
_refine.pdbx_pd_Fsqrd_R_factor                   ? 
_refine.pdbx_pd_ls_matrix_band_width             ? 
_refine.pdbx_overall_phase_error                 ? 
_refine.pdbx_overall_SU_R_free_Cruickshank_DPI   ? 
_refine.pdbx_overall_SU_R_free_Blow_DPI          ? 
_refine.pdbx_overall_SU_R_Blow_DPI               ? 
_refine.pdbx_TLS_residual_ADP_flag               ? 
_refine.pdbx_diffrn_id                           1 
_refine.overall_SU_B                             3.0070 
_refine.overall_SU_ML                            0.0900 
_refine.overall_SU_R_Cruickshank_DPI             0.1365 
_refine.overall_SU_R_free                        ? 
_refine.overall_FOM_free_R_set                   ? 
_refine.overall_FOM_work_R_set                   ? 
_refine.pdbx_average_fsc_overall                 ? 
_refine.pdbx_average_fsc_work                    ? 
_refine.pdbx_average_fsc_free                    ? 
# 
_refine_hist.cycle_id                         final 
_refine_hist.pdbx_refine_id                   'X-RAY DIFFRACTION' 
_refine_hist.d_res_high                       1.8000 
_refine_hist.d_res_low                        15.0000 
_refine_hist.pdbx_number_atoms_ligand         41 
_refine_hist.number_atoms_solvent             156 
_refine_hist.number_atoms_total               1354 
_refine_hist.pdbx_number_residues_total       148 
_refine_hist.pdbx_B_iso_mean_ligand           21.84 
_refine_hist.pdbx_B_iso_mean_solvent          40.65 
_refine_hist.pdbx_number_atoms_protein        1157 
_refine_hist.pdbx_number_atoms_nucleic_acid   0 
# 
loop_
_refine_ls_restr.pdbx_refine_id 
_refine_ls_restr.criterion 
_refine_ls_restr.dev_ideal 
_refine_ls_restr.dev_ideal_target 
_refine_ls_restr.number 
_refine_ls_restr.rejects 
_refine_ls_restr.type 
_refine_ls_restr.weight 
_refine_ls_restr.pdbx_restraint_function 
'X-RAY DIFFRACTION' ? 0.012  0.014  1241 ? r_bond_refined_d       ? ? 
'X-RAY DIFFRACTION' ? 0.001  0.018  1048 ? r_bond_other_d         ? ? 
'X-RAY DIFFRACTION' ? 1.450  1.678  1687 ? r_angle_refined_deg    ? ? 
'X-RAY DIFFRACTION' ? 1.063  1.706  2426 ? r_angle_other_deg      ? ? 
'X-RAY DIFFRACTION' ? 4.869  5.000  150  ? r_dihedral_angle_1_deg ? ? 
'X-RAY DIFFRACTION' ? 29.631 21.549 71   ? r_dihedral_angle_2_deg ? ? 
'X-RAY DIFFRACTION' ? 14.231 15.000 176  ? r_dihedral_angle_3_deg ? ? 
'X-RAY DIFFRACTION' ? 14.415 15.000 9    ? r_dihedral_angle_4_deg ? ? 
'X-RAY DIFFRACTION' ? 0.075  0.200  150  ? r_chiral_restr         ? ? 
'X-RAY DIFFRACTION' ? 0.009  0.020  1446 ? r_gen_planes_refined   ? ? 
'X-RAY DIFFRACTION' ? 0.001  0.020  271  ? r_gen_planes_other     ? ? 
# 
_refine_ls_shell.pdbx_refine_id                   'X-RAY DIFFRACTION' 
_refine_ls_shell.d_res_high                       1.8000 
_refine_ls_shell.d_res_low                        1.8960 
_refine_ls_shell.number_reflns_all                1519 
_refine_ls_shell.number_reflns_obs                ? 
_refine_ls_shell.number_reflns_R_free             66 
_refine_ls_shell.number_reflns_R_work             1453 
_refine_ls_shell.percent_reflns_obs               71.8200 
_refine_ls_shell.percent_reflns_R_free            ? 
_refine_ls_shell.R_factor_all                     ? 
_refine_ls_shell.R_factor_obs                     ? 
_refine_ls_shell.R_factor_R_free                  0.2330 
_refine_ls_shell.R_factor_R_free_error            0.0000 
_refine_ls_shell.R_factor_R_work                  0.2280 
_refine_ls_shell.redundancy_reflns_all            ? 
_refine_ls_shell.redundancy_reflns_obs            ? 
_refine_ls_shell.wR_factor_all                    ? 
_refine_ls_shell.wR_factor_obs                    ? 
_refine_ls_shell.wR_factor_R_free                 ? 
_refine_ls_shell.wR_factor_R_work                 ? 
_refine_ls_shell.pdbx_total_number_of_bins_used   10 
_refine_ls_shell.pdbx_phase_error                 ? 
_refine_ls_shell.pdbx_fsc_work                    ? 
_refine_ls_shell.pdbx_fsc_free                    ? 
# 
_struct.entry_id                     6QGK 
_struct.title                        'Structure of human Bcl-2 in complex with THIQ-phenyl pyrazole compound' 
_struct.pdbx_model_details           ? 
_struct.pdbx_formula_weight          ? 
_struct.pdbx_formula_weight_method   ? 
_struct.pdbx_model_type_details      ? 
_struct.pdbx_CASP_flag               N 
# 
_struct_keywords.entry_id        6QGK 
_struct_keywords.text            'APOPTOSIS, BCL2, drug design, small molecule inhibitor' 
_struct_keywords.pdbx_keywords   APOPTOSIS 
# 
loop_
_struct_asym.id 
_struct_asym.pdbx_blank_PDB_chainid_flag 
_struct_asym.pdbx_modified 
_struct_asym.entity_id 
_struct_asym.details 
A N N 1 ? 
B N N 2 ? 
C N N 3 ? 
D N N 4 ? 
# 
loop_
_struct_ref.id 
_struct_ref.db_name 
_struct_ref.db_code 
_struct_ref.pdbx_db_accession 
_struct_ref.pdbx_db_isoform 
_struct_ref.entity_id 
_struct_ref.pdbx_seq_one_letter_code 
_struct_ref.pdbx_align_begin 
1 UNP BCL2_HUMAN  P10415 ? 1 DNREIVMKYIHYKLSQRGYEWDAG 10  
2 UNP B2CL1_HUMAN Q07817 ? 1 DVEENRTEAPEGTESE 29  
3 UNP BCL2_HUMAN  P10415 ? 1 
;VVHLTLRQAGDDFSRRYRRDFAEMSSQLHLTPFTARGRFATVVEELFRDGVNWGRIVAFFEFGGVMCVESVNREMSPLVD
NIALWMTEYLNRHLHTWIQDNGGWDAFVELYG
;
92  
4 UNP B2CL1_HUMAN Q07817 ? 1 NNAAAESRKGQERF 197 
# 
loop_
_struct_ref_seq.align_id 
_struct_ref_seq.ref_id 
_struct_ref_seq.pdbx_PDB_id_code 
_struct_ref_seq.pdbx_strand_id 
_struct_ref_seq.seq_align_beg 
_struct_ref_seq.pdbx_seq_align_beg_ins_code 
_struct_ref_seq.seq_align_end 
_struct_ref_seq.pdbx_seq_align_end_ins_code 
_struct_ref_seq.pdbx_db_accession 
_struct_ref_seq.db_align_beg 
_struct_ref_seq.pdbx_db_align_beg_ins_code 
_struct_ref_seq.db_align_end 
_struct_ref_seq.pdbx_db_align_end_ins_code 
_struct_ref_seq.pdbx_auth_seq_align_beg 
_struct_ref_seq.pdbx_auth_seq_align_end 
1 1 6QGK A 4   ? 27  ? P10415 10  ? 33  ? 10  33  
2 2 6QGK A 28  ? 43  ? Q07817 29  ? 44  ? 34  49  
3 3 6QGK A 44  ? 155 ? P10415 92  ? 203 ? 92  203 
4 4 6QGK A 156 ? 169 ? Q07817 197 ? 210 ? 204 217 
# 
loop_
_struct_ref_seq_dif.align_id 
_struct_ref_seq_dif.pdbx_pdb_id_code 
_struct_ref_seq_dif.mon_id 
_struct_ref_seq_dif.pdbx_pdb_strand_id 
_struct_ref_seq_dif.seq_num 
_struct_ref_seq_dif.pdbx_pdb_ins_code 
_struct_ref_seq_dif.pdbx_seq_db_name 
_struct_ref_seq_dif.pdbx_seq_db_accession_code 
_struct_ref_seq_dif.db_mon_id 
_struct_ref_seq_dif.pdbx_seq_db_seq_num 
_struct_ref_seq_dif.details 
_struct_ref_seq_dif.pdbx_auth_seq_num 
_struct_ref_seq_dif.pdbx_ordinal 
1 6QGK MET A 1   ? UNP P10415 ?   ?   'initiating methionine' 7   1  
1 6QGK SER A 2   ? UNP P10415 ?   ?   'expression tag'        8   2  
1 6QGK GLN A 3   ? UNP P10415 ?   ?   'expression tag'        9   3  
1 6QGK SER A 14  ? UNP P10415 HIS 20  'engineered mutation'   20  4  
3 6QGK GLN A 47  ? UNP P10415 LEU 95  'engineered mutation'   95  5  
3 6QGK LEU A 58  ? UNP P10415 ARG 106 'engineered mutation'   106 6  
3 6QGK GLN A 66  ? UNP P10415 GLU 114 'engineered mutation'   114 7  
3 6QGK GLY A 76  ? UNP P10415 PHE 124 'engineered mutation'   124 8  
3 6QGK TYR A 79  ? UNP P10415 ARG 127 'engineered mutation'   127 9  
3 6QGK ALA A 80  ? UNP P10415 GLY 128 'engineered mutation'   128 10 
3 6QGK SER A 81  ? UNP P10415 ARG 129 'engineered mutation'   129 11 
3 6QGK ALA A 87  ? UNP P10415 GLU 135 'engineered mutation'   135 12 
3 6QGK ALA A 117 ? UNP P10415 GLU 165 'engineered mutation'   165 13 
3 6QGK VAL A 120 ? UNP P10415 PRO 168 'engineered mutation'   168 14 
3 6QGK ALA A 127 ? UNP P10415 LEU 175 'engineered mutation'   175 15 
3 6QGK ALA A 130 ? UNP P10415 THR 178 'engineered mutation'   178 16 
3 6QGK THR A 131 ? UNP P10415 GLU 179 'engineered mutation'   179 17 
3 6QGK ASP A 135 ? UNP P10415 ARG 183 'engineered mutation'   183 18 
4 6QGK LEU A 170 ? UNP Q07817 ?   ?   'expression tag'        218 19 
4 6QGK GLU A 171 ? UNP Q07817 ?   ?   'expression tag'        219 20 
4 6QGK HIS A 172 ? UNP Q07817 ?   ?   'expression tag'        220 21 
4 6QGK HIS A 173 ? UNP Q07817 ?   ?   'expression tag'        221 22 
4 6QGK HIS A 174 ? UNP Q07817 ?   ?   'expression tag'        222 23 
4 6QGK HIS A 175 ? UNP Q07817 ?   ?   'expression tag'        223 24 
4 6QGK HIS A 176 ? UNP Q07817 ?   ?   'expression tag'        224 25 
4 6QGK HIS A 177 ? UNP Q07817 ?   ?   'expression tag'        225 26 
# 
_pdbx_struct_assembly.id                   1 
_pdbx_struct_assembly.details              author_and_software_defined_assembly 
_pdbx_struct_assembly.method_details       PISA 
_pdbx_struct_assembly.oligomeric_details   monomeric 
_pdbx_struct_assembly.oligomeric_count     1 
# 
loop_
_pdbx_struct_assembly_prop.biol_id 
_pdbx_struct_assembly_prop.type 
_pdbx_struct_assembly_prop.value 
_pdbx_struct_assembly_prop.details 
1 'ABSA (A^2)' 150  ? 
1 MORE         1    ? 
1 'SSA (A^2)'  8170 ? 
# 
_pdbx_struct_assembly_gen.assembly_id       1 
_pdbx_struct_assembly_gen.oper_expression   1 
_pdbx_struct_assembly_gen.asym_id_list      A,B,C,D 
# 
_pdbx_struct_assembly_auth_evidence.id                     1 
_pdbx_struct_assembly_auth_evidence.assembly_id            1 
_pdbx_struct_assembly_auth_evidence.experimental_support   'gel filtration' 
_pdbx_struct_assembly_auth_evidence.details                ? 
# 
_pdbx_struct_oper_list.id                   1 
_pdbx_struct_oper_list.type                 'identity operation' 
_pdbx_struct_oper_list.name                 1_555 
_pdbx_struct_oper_list.symmetry_operation   x,y,z 
_pdbx_struct_oper_list.matrix[1][1]         1.0000000000 
_pdbx_struct_oper_list.matrix[1][2]         0.0000000000 
_pdbx_struct_oper_list.matrix[1][3]         0.0000000000 
_pdbx_struct_oper_list.vector[1]            0.0000000000 
_pdbx_struct_oper_list.matrix[2][1]         0.0000000000 
_pdbx_struct_oper_list.matrix[2][2]         1.0000000000 
_pdbx_struct_oper_list.matrix[2][3]         0.0000000000 
_pdbx_struct_oper_list.vector[2]            0.0000000000 
_pdbx_struct_oper_list.matrix[3][1]         0.0000000000 
_pdbx_struct_oper_list.matrix[3][2]         0.0000000000 
_pdbx_struct_oper_list.matrix[3][3]         1.0000000000 
_pdbx_struct_oper_list.vector[3]            0.0000000000 
# 
loop_
_struct_conf.conf_type_id 
_struct_conf.id 
_struct_conf.pdbx_PDB_helix_id 
_struct_conf.beg_label_comp_id 
_struct_conf.beg_label_asym_id 
_struct_conf.beg_label_seq_id 
_struct_conf.pdbx_beg_PDB_ins_code 
_struct_conf.end_label_comp_id 
_struct_conf.end_label_asym_id 
_struct_conf.end_label_seq_id 
_struct_conf.pdbx_end_PDB_ins_code 
_struct_conf.beg_auth_comp_id 
_struct_conf.beg_auth_asym_id 
_struct_conf.beg_auth_seq_id 
_struct_conf.end_auth_comp_id 
_struct_conf.end_auth_asym_id 
_struct_conf.end_auth_seq_id 
_struct_conf.pdbx_PDB_helix_class 
_struct_conf.details 
_struct_conf.pdbx_PDB_helix_length 
HELX_P HELX_P1 AA1 ASP A 4   ? GLN A 19  ? ASP A 10  GLN A 25  1 ? 16 
HELX_P HELX_P2 AA2 SER A 42  ? HIS A 72  ? SER A 48  HIS A 120 1 ? 31 
HELX_P HELX_P3 AA3 THR A 77  ? PHE A 90  ? THR A 125 PHE A 138 1 ? 14 
HELX_P HELX_P4 AA4 ASN A 95  ? ARG A 116 ? ASN A 143 ARG A 164 1 ? 22 
HELX_P HELX_P5 AA5 VAL A 120 ? LEU A 137 ? VAL A 168 LEU A 185 1 ? 18 
HELX_P HELX_P6 AA6 LEU A 137 ? ASN A 144 ? LEU A 185 ASN A 192 1 ? 8  
HELX_P HELX_P7 AA7 GLY A 145 ? ARG A 163 ? GLY A 193 ARG A 211 1 ? 19 
# 
_struct_conf_type.id          HELX_P 
_struct_conf_type.criteria    ? 
_struct_conf_type.reference   ? 
# 
loop_
_struct_site.id 
_struct_site.pdbx_evidence_code 
_struct_site.pdbx_auth_asym_id 
_struct_site.pdbx_auth_comp_id 
_struct_site.pdbx_auth_seq_id 
_struct_site.pdbx_auth_ins_code 
_struct_site.pdbx_num_residues 
_struct_site.details 
AC1 Software A J1Q 401 ? 10 'binding site for residue J1Q A 401' 
AC2 Software A ACT 402 ? 7  'binding site for residue ACT A 402' 
# 
loop_
_struct_site_gen.id 
_struct_site_gen.site_id 
_struct_site_gen.pdbx_num_res 
_struct_site_gen.label_comp_id 
_struct_site_gen.label_asym_id 
_struct_site_gen.label_seq_id 
_struct_site_gen.pdbx_auth_ins_code 
_struct_site_gen.auth_comp_id 
_struct_site_gen.auth_asym_id 
_struct_site_gen.auth_seq_id 
_struct_site_gen.label_atom_id 
_struct_site_gen.label_alt_id 
_struct_site_gen.symmetry 
_struct_site_gen.details 
1  AC1 10 PHE A 56  ? PHE A 104 . ? 1_555 ? 
2  AC1 10 TYR A 60  ? TYR A 108 . ? 1_555 ? 
3  AC1 10 ASP A 63  ? ASP A 111 . ? 1_555 ? 
4  AC1 10 LEU A 89  ? LEU A 137 . ? 1_555 ? 
5  AC1 10 ASN A 115 ? ASN A 163 . ? 3_555 ? 
6  AC1 10 ACT C .   ? ACT A 402 . ? 1_555 ? 
7  AC1 10 HOH D .   ? HOH A 509 . ? 3_555 ? 
8  AC1 10 HOH D .   ? HOH A 555 . ? 1_555 ? 
9  AC1 10 HOH D .   ? HOH A 579 . ? 1_555 ? 
10 AC1 10 HOH D .   ? HOH A 588 . ? 1_555 ? 
11 AC2 7  ARG A 98  ? ARG A 146 . ? 1_555 ? 
12 AC2 7  GLU A 112 ? GLU A 160 . ? 3_555 ? 
13 AC2 7  ARG A 116 ? ARG A 164 . ? 3_555 ? 
14 AC2 7  J1Q B .   ? J1Q A 401 . ? 1_555 ? 
15 AC2 7  HOH D .   ? HOH A 510 . ? 3_555 ? 
16 AC2 7  HOH D .   ? HOH A 517 . ? 1_555 ? 
17 AC2 7  HOH D .   ? HOH A 520 . ? 1_555 ? 
# 
loop_
_pdbx_validate_close_contact.id 
_pdbx_validate_close_contact.PDB_model_num 
_pdbx_validate_close_contact.auth_atom_id_1 
_pdbx_validate_close_contact.auth_asym_id_1 
_pdbx_validate_close_contact.auth_comp_id_1 
_pdbx_validate_close_contact.auth_seq_id_1 
_pdbx_validate_close_contact.PDB_ins_code_1 
_pdbx_validate_close_contact.label_alt_id_1 
_pdbx_validate_close_contact.auth_atom_id_2 
_pdbx_validate_close_contact.auth_asym_id_2 
_pdbx_validate_close_contact.auth_comp_id_2 
_pdbx_validate_close_contact.auth_seq_id_2 
_pdbx_validate_close_contact.PDB_ins_code_2 
_pdbx_validate_close_contact.label_alt_id_2 
_pdbx_validate_close_contact.dist 
1 1 O   A HOH 643 ? ? O   A HOH 649 ? ? 1.10 
2 1 O   A HOH 598 ? ? O   A HOH 629 ? ? 1.64 
3 1 O   A HOH 645 ? ? O   A HOH 651 ? ? 2.03 
4 1 OG  A SER 129 ? ? O   A HOH 501 ? ? 2.14 
5 1 O   A HOH 580 ? ? O   A HOH 630 ? ? 2.17 
6 1 OE1 A GLU 136 ? ? O   A HOH 502 ? ? 2.17 
7 1 ND2 A ASN 11  ? ? OD1 A ASN 182 ? ? 2.18 
# 
_pdbx_validate_torsion.id              1 
_pdbx_validate_torsion.PDB_model_num   1 
_pdbx_validate_torsion.auth_comp_id    HIS 
_pdbx_validate_torsion.auth_asym_id    A 
_pdbx_validate_torsion.auth_seq_id     120 
_pdbx_validate_torsion.PDB_ins_code    ? 
_pdbx_validate_torsion.label_alt_id    ? 
_pdbx_validate_torsion.phi             53.45 
_pdbx_validate_torsion.psi             72.71 
# 
loop_
_pdbx_validate_planes.id 
_pdbx_validate_planes.PDB_model_num 
_pdbx_validate_planes.auth_comp_id 
_pdbx_validate_planes.auth_asym_id 
_pdbx_validate_planes.auth_seq_id 
_pdbx_validate_planes.PDB_ins_code 
_pdbx_validate_planes.label_alt_id 
_pdbx_validate_planes.rmsd 
_pdbx_validate_planes.type 
1 1 ARG A 26  ? ? 0.131 'SIDE CHAIN' 
2 1 ARG A 98  ? ? 0.124 'SIDE CHAIN' 
3 1 ARG A 139 ? ? 0.248 'SIDE CHAIN' 
# 
_pdbx_distant_solvent_atoms.id                                1 
_pdbx_distant_solvent_atoms.PDB_model_num                     1 
_pdbx_distant_solvent_atoms.auth_atom_id                      O 
_pdbx_distant_solvent_atoms.label_alt_id                      ? 
_pdbx_distant_solvent_atoms.auth_asym_id                      A 
_pdbx_distant_solvent_atoms.auth_comp_id                      HOH 
_pdbx_distant_solvent_atoms.auth_seq_id                       656 
_pdbx_distant_solvent_atoms.PDB_ins_code                      ? 
_pdbx_distant_solvent_atoms.neighbor_macromolecule_distance   5.87 
_pdbx_distant_solvent_atoms.neighbor_ligand_distance          . 
# 
loop_
_pdbx_unobs_or_zero_occ_residues.id 
_pdbx_unobs_or_zero_occ_residues.PDB_model_num 
_pdbx_unobs_or_zero_occ_residues.polymer_flag 
_pdbx_unobs_or_zero_occ_residues.occupancy_flag 
_pdbx_unobs_or_zero_occ_residues.auth_asym_id 
_pdbx_unobs_or_zero_occ_residues.auth_comp_id 
_pdbx_unobs_or_zero_occ_residues.auth_seq_id 
_pdbx_unobs_or_zero_occ_residues.PDB_ins_code 
_pdbx_unobs_or_zero_occ_residues.label_asym_id 
_pdbx_unobs_or_zero_occ_residues.label_comp_id 
_pdbx_unobs_or_zero_occ_residues.label_seq_id 
1  1 Y 1 A MET 7   ? A MET 1   
2  1 Y 1 A SER 8   ? A SER 2   
3  1 Y 1 A GLN 9   ? A GLN 3   
4  1 Y 1 A VAL 35  ? A VAL 29  
5  1 Y 1 A GLU 36  ? A GLU 30  
6  1 Y 1 A GLU 37  ? A GLU 31  
7  1 Y 1 A ASN 38  ? A ASN 32  
8  1 Y 1 A ARG 39  ? A ARG 33  
9  1 Y 1 A THR 40  ? A THR 34  
10 1 Y 1 A GLU 41  ? A GLU 35  
11 1 Y 1 A ALA 42  ? A ALA 36  
12 1 Y 1 A PRO 43  ? A PRO 37  
13 1 Y 1 A GLU 44  ? A GLU 38  
14 1 Y 1 A GLY 45  ? A GLY 39  
15 1 Y 1 A THR 46  ? A THR 40  
16 1 Y 1 A LYS 212 ? A LYS 164 
17 1 Y 1 A GLY 213 ? A GLY 165 
18 1 Y 1 A GLN 214 ? A GLN 166 
19 1 Y 1 A GLU 215 ? A GLU 167 
20 1 Y 1 A ARG 216 ? A ARG 168 
21 1 Y 1 A PHE 217 ? A PHE 169 
22 1 Y 1 A LEU 218 ? A LEU 170 
23 1 Y 1 A GLU 219 ? A GLU 171 
24 1 Y 1 A HIS 220 ? A HIS 172 
25 1 Y 1 A HIS 221 ? A HIS 173 
26 1 Y 1 A HIS 222 ? A HIS 174 
27 1 Y 1 A HIS 223 ? A HIS 175 
28 1 Y 1 A HIS 224 ? A HIS 176 
29 1 Y 1 A HIS 225 ? A HIS 177 
# 
loop_
_chem_comp_atom.comp_id 
_chem_comp_atom.atom_id 
_chem_comp_atom.type_symbol 
_chem_comp_atom.pdbx_aromatic_flag 
_chem_comp_atom.pdbx_stereo_config 
_chem_comp_atom.pdbx_ordinal 
ACT C    C N N 1   
ACT O    O N N 2   
ACT OXT  O N N 3   
ACT CH3  C N N 4   
ACT H1   H N N 5   
ACT H2   H N N 6   
ACT H3   H N N 7   
ALA N    N N N 8   
ALA CA   C N S 9   
ALA C    C N N 10  
ALA O    O N N 11  
ALA CB   C N N 12  
ALA OXT  O N N 13  
ALA H    H N N 14  
ALA H2   H N N 15  
ALA HA   H N N 16  
ALA HB1  H N N 17  
ALA HB2  H N N 18  
ALA HB3  H N N 19  
ALA HXT  H N N 20  
ARG N    N N N 21  
ARG CA   C N S 22  
ARG C    C N N 23  
ARG O    O N N 24  
ARG CB   C N N 25  
ARG CG   C N N 26  
ARG CD   C N N 27  
ARG NE   N N N 28  
ARG CZ   C N N 29  
ARG NH1  N N N 30  
ARG NH2  N N N 31  
ARG OXT  O N N 32  
ARG H    H N N 33  
ARG H2   H N N 34  
ARG HA   H N N 35  
ARG HB2  H N N 36  
ARG HB3  H N N 37  
ARG HG2  H N N 38  
ARG HG3  H N N 39  
ARG HD2  H N N 40  
ARG HD3  H N N 41  
ARG HE   H N N 42  
ARG HH11 H N N 43  
ARG HH12 H N N 44  
ARG HH21 H N N 45  
ARG HH22 H N N 46  
ARG HXT  H N N 47  
ASN N    N N N 48  
ASN CA   C N S 49  
ASN C    C N N 50  
ASN O    O N N 51  
ASN CB   C N N 52  
ASN CG   C N N 53  
ASN OD1  O N N 54  
ASN ND2  N N N 55  
ASN OXT  O N N 56  
ASN H    H N N 57  
ASN H2   H N N 58  
ASN HA   H N N 59  
ASN HB2  H N N 60  
ASN HB3  H N N 61  
ASN HD21 H N N 62  
ASN HD22 H N N 63  
ASN HXT  H N N 64  
ASP N    N N N 65  
ASP CA   C N S 66  
ASP C    C N N 67  
ASP O    O N N 68  
ASP CB   C N N 69  
ASP CG   C N N 70  
ASP OD1  O N N 71  
ASP OD2  O N N 72  
ASP OXT  O N N 73  
ASP H    H N N 74  
ASP H2   H N N 75  
ASP HA   H N N 76  
ASP HB2  H N N 77  
ASP HB3  H N N 78  
ASP HD2  H N N 79  
ASP HXT  H N N 80  
CYS N    N N N 81  
CYS CA   C N R 82  
CYS C    C N N 83  
CYS O    O N N 84  
CYS CB   C N N 85  
CYS SG   S N N 86  
CYS OXT  O N N 87  
CYS H    H N N 88  
CYS H2   H N N 89  
CYS HA   H N N 90  
CYS HB2  H N N 91  
CYS HB3  H N N 92  
CYS HG   H N N 93  
CYS HXT  H N N 94  
GLN N    N N N 95  
GLN CA   C N S 96  
GLN C    C N N 97  
GLN O    O N N 98  
GLN CB   C N N 99  
GLN CG   C N N 100 
GLN CD   C N N 101 
GLN OE1  O N N 102 
GLN NE2  N N N 103 
GLN OXT  O N N 104 
GLN H    H N N 105 
GLN H2   H N N 106 
GLN HA   H N N 107 
GLN HB2  H N N 108 
GLN HB3  H N N 109 
GLN HG2  H N N 110 
GLN HG3  H N N 111 
GLN HE21 H N N 112 
GLN HE22 H N N 113 
GLN HXT  H N N 114 
GLU N    N N N 115 
GLU CA   C N S 116 
GLU C    C N N 117 
GLU O    O N N 118 
GLU CB   C N N 119 
GLU CG   C N N 120 
GLU CD   C N N 121 
GLU OE1  O N N 122 
GLU OE2  O N N 123 
GLU OXT  O N N 124 
GLU H    H N N 125 
GLU H2   H N N 126 
GLU HA   H N N 127 
GLU HB2  H N N 128 
GLU HB3  H N N 129 
GLU HG2  H N N 130 
GLU HG3  H N N 131 
GLU HE2  H N N 132 
GLU HXT  H N N 133 
GLY N    N N N 134 
GLY CA   C N N 135 
GLY C    C N N 136 
GLY O    O N N 137 
GLY OXT  O N N 138 
GLY H    H N N 139 
GLY H2   H N N 140 
GLY HA2  H N N 141 
GLY HA3  H N N 142 
GLY HXT  H N N 143 
HIS N    N N N 144 
HIS CA   C N S 145 
HIS C    C N N 146 
HIS O    O N N 147 
HIS CB   C N N 148 
HIS CG   C Y N 149 
HIS ND1  N Y N 150 
HIS CD2  C Y N 151 
HIS CE1  C Y N 152 
HIS NE2  N Y N 153 
HIS OXT  O N N 154 
HIS H    H N N 155 
HIS H2   H N N 156 
HIS HA   H N N 157 
HIS HB2  H N N 158 
HIS HB3  H N N 159 
HIS HD1  H N N 160 
HIS HD2  H N N 161 
HIS HE1  H N N 162 
HIS HE2  H N N 163 
HIS HXT  H N N 164 
HOH O    O N N 165 
HOH H1   H N N 166 
HOH H2   H N N 167 
ILE N    N N N 168 
ILE CA   C N S 169 
ILE C    C N N 170 
ILE O    O N N 171 
ILE CB   C N S 172 
ILE CG1  C N N 173 
ILE CG2  C N N 174 
ILE CD1  C N N 175 
ILE OXT  O N N 176 
ILE H    H N N 177 
ILE H2   H N N 178 
ILE HA   H N N 179 
ILE HB   H N N 180 
ILE HG12 H N N 181 
ILE HG13 H N N 182 
ILE HG21 H N N 183 
ILE HG22 H N N 184 
ILE HG23 H N N 185 
ILE HD11 H N N 186 
ILE HD12 H N N 187 
ILE HD13 H N N 188 
ILE HXT  H N N 189 
J1Q C30  C N N 190 
J1Q C29  C N N 191 
J1Q C28  C N N 192 
J1Q C27  C N N 193 
J1Q N5   N N N 194 
J1Q C23  C N N 195 
J1Q C24  C N N 196 
J1Q C25  C N N 197 
J1Q C26  C N N 198 
J1Q C22  C N N 199 
J1Q O2   O N N 200 
J1Q C18  C Y N 201 
J1Q N4   N Y N 202 
J1Q C19  C Y N 203 
J1Q C20  C Y N 204 
J1Q C21  C N N 205 
J1Q N3   N Y N 206 
J1Q C13  C Y N 207 
J1Q C14  C Y N 208 
J1Q C15  C Y N 209 
J1Q C16  C Y N 210 
J1Q C17  C Y N 211 
J1Q C12  C Y N 212 
J1Q C11  C N N 213 
J1Q O1   O N N 214 
J1Q N1   N N N 215 
J1Q C7   C N N 216 
J1Q C6   C Y N 217 
J1Q C4   C Y N 218 
J1Q C3   C Y N 219 
J1Q C2   C Y N 220 
J1Q C1   C Y N 221 
J1Q C5   C Y N 222 
J1Q C10  C N N 223 
J1Q C8   C N S 224 
J1Q C9   C N N 225 
J1Q N2   N N N 226 
J1Q H1   H N N 227 
J1Q H2   H N N 228 
J1Q H3   H N N 229 
J1Q H4   H N N 230 
J1Q H5   H N N 231 
J1Q H6   H N N 232 
J1Q H7   H N N 233 
J1Q H8   H N N 234 
J1Q H9   H N N 235 
J1Q H10  H N N 236 
J1Q H11  H N N 237 
J1Q H12  H N N 238 
J1Q H13  H N N 239 
J1Q H14  H N N 240 
J1Q H15  H N N 241 
J1Q H16  H N N 242 
J1Q H17  H N N 243 
J1Q H18  H N N 244 
J1Q H19  H N N 245 
J1Q H20  H N N 246 
J1Q H21  H N N 247 
J1Q H22  H N N 248 
J1Q H23  H N N 249 
J1Q H24  H N N 250 
J1Q H25  H N N 251 
J1Q H26  H N N 252 
J1Q H27  H N N 253 
J1Q H28  H N N 254 
J1Q H29  H N N 255 
J1Q H30  H N N 256 
J1Q H31  H N N 257 
J1Q H32  H N N 258 
J1Q H33  H N N 259 
J1Q H34  H N N 260 
J1Q H35  H N N 261 
J1Q H36  H N N 262 
J1Q H37  H N N 263 
J1Q H38  H N N 264 
J1Q H39  H N N 265 
LEU N    N N N 266 
LEU CA   C N S 267 
LEU C    C N N 268 
LEU O    O N N 269 
LEU CB   C N N 270 
LEU CG   C N N 271 
LEU CD1  C N N 272 
LEU CD2  C N N 273 
LEU OXT  O N N 274 
LEU H    H N N 275 
LEU H2   H N N 276 
LEU HA   H N N 277 
LEU HB2  H N N 278 
LEU HB3  H N N 279 
LEU HG   H N N 280 
LEU HD11 H N N 281 
LEU HD12 H N N 282 
LEU HD13 H N N 283 
LEU HD21 H N N 284 
LEU HD22 H N N 285 
LEU HD23 H N N 286 
LEU HXT  H N N 287 
LYS N    N N N 288 
LYS CA   C N S 289 
LYS C    C N N 290 
LYS O    O N N 291 
LYS CB   C N N 292 
LYS CG   C N N 293 
LYS CD   C N N 294 
LYS CE   C N N 295 
LYS NZ   N N N 296 
LYS OXT  O N N 297 
LYS H    H N N 298 
LYS H2   H N N 299 
LYS HA   H N N 300 
LYS HB2  H N N 301 
LYS HB3  H N N 302 
LYS HG2  H N N 303 
LYS HG3  H N N 304 
LYS HD2  H N N 305 
LYS HD3  H N N 306 
LYS HE2  H N N 307 
LYS HE3  H N N 308 
LYS HZ1  H N N 309 
LYS HZ2  H N N 310 
LYS HZ3  H N N 311 
LYS HXT  H N N 312 
MET N    N N N 313 
MET CA   C N S 314 
MET C    C N N 315 
MET O    O N N 316 
MET CB   C N N 317 
MET CG   C N N 318 
MET SD   S N N 319 
MET CE   C N N 320 
MET OXT  O N N 321 
MET H    H N N 322 
MET H2   H N N 323 
MET HA   H N N 324 
MET HB2  H N N 325 
MET HB3  H N N 326 
MET HG2  H N N 327 
MET HG3  H N N 328 
MET HE1  H N N 329 
MET HE2  H N N 330 
MET HE3  H N N 331 
MET HXT  H N N 332 
PHE N    N N N 333 
PHE CA   C N S 334 
PHE C    C N N 335 
PHE O    O N N 336 
PHE CB   C N N 337 
PHE CG   C Y N 338 
PHE CD1  C Y N 339 
PHE CD2  C Y N 340 
PHE CE1  C Y N 341 
PHE CE2  C Y N 342 
PHE CZ   C Y N 343 
PHE OXT  O N N 344 
PHE H    H N N 345 
PHE H2   H N N 346 
PHE HA   H N N 347 
PHE HB2  H N N 348 
PHE HB3  H N N 349 
PHE HD1  H N N 350 
PHE HD2  H N N 351 
PHE HE1  H N N 352 
PHE HE2  H N N 353 
PHE HZ   H N N 354 
PHE HXT  H N N 355 
PRO N    N N N 356 
PRO CA   C N S 357 
PRO C    C N N 358 
PRO O    O N N 359 
PRO CB   C N N 360 
PRO CG   C N N 361 
PRO CD   C N N 362 
PRO OXT  O N N 363 
PRO H    H N N 364 
PRO HA   H N N 365 
PRO HB2  H N N 366 
PRO HB3  H N N 367 
PRO HG2  H N N 368 
PRO HG3  H N N 369 
PRO HD2  H N N 370 
PRO HD3  H N N 371 
PRO HXT  H N N 372 
SER N    N N N 373 
SER CA   C N S 374 
SER C    C N N 375 
SER O    O N N 376 
SER CB   C N N 377 
SER OG   O N N 378 
SER OXT  O N N 379 
SER H    H N N 380 
SER H2   H N N 381 
SER HA   H N N 382 
SER HB2  H N N 383 
SER HB3  H N N 384 
SER HG   H N N 385 
SER HXT  H N N 386 
THR N    N N N 387 
THR CA   C N S 388 
THR C    C N N 389 
THR O    O N N 390 
THR CB   C N R 391 
THR OG1  O N N 392 
THR CG2  C N N 393 
THR OXT  O N N 394 
THR H    H N N 395 
THR H2   H N N 396 
THR HA   H N N 397 
THR HB   H N N 398 
THR HG1  H N N 399 
THR HG21 H N N 400 
THR HG22 H N N 401 
THR HG23 H N N 402 
THR HXT  H N N 403 
TRP N    N N N 404 
TRP CA   C N S 405 
TRP C    C N N 406 
TRP O    O N N 407 
TRP CB   C N N 408 
TRP CG   C Y N 409 
TRP CD1  C Y N 410 
TRP CD2  C Y N 411 
TRP NE1  N Y N 412 
TRP CE2  C Y N 413 
TRP CE3  C Y N 414 
TRP CZ2  C Y N 415 
TRP CZ3  C Y N 416 
TRP CH2  C Y N 417 
TRP OXT  O N N 418 
TRP H    H N N 419 
TRP H2   H N N 420 
TRP HA   H N N 421 
TRP HB2  H N N 422 
TRP HB3  H N N 423 
TRP HD1  H N N 424 
TRP HE1  H N N 425 
TRP HE3  H N N 426 
TRP HZ2  H N N 427 
TRP HZ3  H N N 428 
TRP HH2  H N N 429 
TRP HXT  H N N 430 
TYR N    N N N 431 
TYR CA   C N S 432 
TYR C    C N N 433 
TYR O    O N N 434 
TYR CB   C N N 435 
TYR CG   C Y N 436 
TYR CD1  C Y N 437 
TYR CD2  C Y N 438 
TYR CE1  C Y N 439 
TYR CE2  C Y N 440 
TYR CZ   C Y N 441 
TYR OH   O N N 442 
TYR OXT  O N N 443 
TYR H    H N N 444 
TYR H2   H N N 445 
TYR HA   H N N 446 
TYR HB2  H N N 447 
TYR HB3  H N N 448 
TYR HD1  H N N 449 
TYR HD2  H N N 450 
TYR HE1  H N N 451 
TYR HE2  H N N 452 
TYR HH   H N N 453 
TYR HXT  H N N 454 
VAL N    N N N 455 
VAL CA   C N S 456 
VAL C    C N N 457 
VAL O    O N N 458 
VAL CB   C N N 459 
VAL CG1  C N N 460 
VAL CG2  C N N 461 
VAL OXT  O N N 462 
VAL H    H N N 463 
VAL H2   H N N 464 
VAL HA   H N N 465 
VAL HB   H N N 466 
VAL HG11 H N N 467 
VAL HG12 H N N 468 
VAL HG13 H N N 469 
VAL HG21 H N N 470 
VAL HG22 H N N 471 
VAL HG23 H N N 472 
VAL HXT  H N N 473 
# 
loop_
_chem_comp_bond.comp_id 
_chem_comp_bond.atom_id_1 
_chem_comp_bond.atom_id_2 
_chem_comp_bond.value_order 
_chem_comp_bond.pdbx_aromatic_flag 
_chem_comp_bond.pdbx_stereo_config 
_chem_comp_bond.pdbx_ordinal 
ACT C   O    doub N N 1   
ACT C   OXT  sing N N 2   
ACT C   CH3  sing N N 3   
ACT CH3 H1   sing N N 4   
ACT CH3 H2   sing N N 5   
ACT CH3 H3   sing N N 6   
ALA N   CA   sing N N 7   
ALA N   H    sing N N 8   
ALA N   H2   sing N N 9   
ALA CA  C    sing N N 10  
ALA CA  CB   sing N N 11  
ALA CA  HA   sing N N 12  
ALA C   O    doub N N 13  
ALA C   OXT  sing N N 14  
ALA CB  HB1  sing N N 15  
ALA CB  HB2  sing N N 16  
ALA CB  HB3  sing N N 17  
ALA OXT HXT  sing N N 18  
ARG N   CA   sing N N 19  
ARG N   H    sing N N 20  
ARG N   H2   sing N N 21  
ARG CA  C    sing N N 22  
ARG CA  CB   sing N N 23  
ARG CA  HA   sing N N 24  
ARG C   O    doub N N 25  
ARG C   OXT  sing N N 26  
ARG CB  CG   sing N N 27  
ARG CB  HB2  sing N N 28  
ARG CB  HB3  sing N N 29  
ARG CG  CD   sing N N 30  
ARG CG  HG2  sing N N 31  
ARG CG  HG3  sing N N 32  
ARG CD  NE   sing N N 33  
ARG CD  HD2  sing N N 34  
ARG CD  HD3  sing N N 35  
ARG NE  CZ   sing N N 36  
ARG NE  HE   sing N N 37  
ARG CZ  NH1  sing N N 38  
ARG CZ  NH2  doub N N 39  
ARG NH1 HH11 sing N N 40  
ARG NH1 HH12 sing N N 41  
ARG NH2 HH21 sing N N 42  
ARG NH2 HH22 sing N N 43  
ARG OXT HXT  sing N N 44  
ASN N   CA   sing N N 45  
ASN N   H    sing N N 46  
ASN N   H2   sing N N 47  
ASN CA  C    sing N N 48  
ASN CA  CB   sing N N 49  
ASN CA  HA   sing N N 50  
ASN C   O    doub N N 51  
ASN C   OXT  sing N N 52  
ASN CB  CG   sing N N 53  
ASN CB  HB2  sing N N 54  
ASN CB  HB3  sing N N 55  
ASN CG  OD1  doub N N 56  
ASN CG  ND2  sing N N 57  
ASN ND2 HD21 sing N N 58  
ASN ND2 HD22 sing N N 59  
ASN OXT HXT  sing N N 60  
ASP N   CA   sing N N 61  
ASP N   H    sing N N 62  
ASP N   H2   sing N N 63  
ASP CA  C    sing N N 64  
ASP CA  CB   sing N N 65  
ASP CA  HA   sing N N 66  
ASP C   O    doub N N 67  
ASP C   OXT  sing N N 68  
ASP CB  CG   sing N N 69  
ASP CB  HB2  sing N N 70  
ASP CB  HB3  sing N N 71  
ASP CG  OD1  doub N N 72  
ASP CG  OD2  sing N N 73  
ASP OD2 HD2  sing N N 74  
ASP OXT HXT  sing N N 75  
CYS N   CA   sing N N 76  
CYS N   H    sing N N 77  
CYS N   H2   sing N N 78  
CYS CA  C    sing N N 79  
CYS CA  CB   sing N N 80  
CYS CA  HA   sing N N 81  
CYS C   O    doub N N 82  
CYS C   OXT  sing N N 83  
CYS CB  SG   sing N N 84  
CYS CB  HB2  sing N N 85  
CYS CB  HB3  sing N N 86  
CYS SG  HG   sing N N 87  
CYS OXT HXT  sing N N 88  
GLN N   CA   sing N N 89  
GLN N   H    sing N N 90  
GLN N   H2   sing N N 91  
GLN CA  C    sing N N 92  
GLN CA  CB   sing N N 93  
GLN CA  HA   sing N N 94  
GLN C   O    doub N N 95  
GLN C   OXT  sing N N 96  
GLN CB  CG   sing N N 97  
GLN CB  HB2  sing N N 98  
GLN CB  HB3  sing N N 99  
GLN CG  CD   sing N N 100 
GLN CG  HG2  sing N N 101 
GLN CG  HG3  sing N N 102 
GLN CD  OE1  doub N N 103 
GLN CD  NE2  sing N N 104 
GLN NE2 HE21 sing N N 105 
GLN NE2 HE22 sing N N 106 
GLN OXT HXT  sing N N 107 
GLU N   CA   sing N N 108 
GLU N   H    sing N N 109 
GLU N   H2   sing N N 110 
GLU CA  C    sing N N 111 
GLU CA  CB   sing N N 112 
GLU CA  HA   sing N N 113 
GLU C   O    doub N N 114 
GLU C   OXT  sing N N 115 
GLU CB  CG   sing N N 116 
GLU CB  HB2  sing N N 117 
GLU CB  HB3  sing N N 118 
GLU CG  CD   sing N N 119 
GLU CG  HG2  sing N N 120 
GLU CG  HG3  sing N N 121 
GLU CD  OE1  doub N N 122 
GLU CD  OE2  sing N N 123 
GLU OE2 HE2  sing N N 124 
GLU OXT HXT  sing N N 125 
GLY N   CA   sing N N 126 
GLY N   H    sing N N 127 
GLY N   H2   sing N N 128 
GLY CA  C    sing N N 129 
GLY CA  HA2  sing N N 130 
GLY CA  HA3  sing N N 131 
GLY C   O    doub N N 132 
GLY C   OXT  sing N N 133 
GLY OXT HXT  sing N N 134 
HIS N   CA   sing N N 135 
HIS N   H    sing N N 136 
HIS N   H2   sing N N 137 
HIS CA  C    sing N N 138 
HIS CA  CB   sing N N 139 
HIS CA  HA   sing N N 140 
HIS C   O    doub N N 141 
HIS C   OXT  sing N N 142 
HIS CB  CG   sing N N 143 
HIS CB  HB2  sing N N 144 
HIS CB  HB3  sing N N 145 
HIS CG  ND1  sing Y N 146 
HIS CG  CD2  doub Y N 147 
HIS ND1 CE1  doub Y N 148 
HIS ND1 HD1  sing N N 149 
HIS CD2 NE2  sing Y N 150 
HIS CD2 HD2  sing N N 151 
HIS CE1 NE2  sing Y N 152 
HIS CE1 HE1  sing N N 153 
HIS NE2 HE2  sing N N 154 
HIS OXT HXT  sing N N 155 
HOH O   H1   sing N N 156 
HOH O   H2   sing N N 157 
ILE N   CA   sing N N 158 
ILE N   H    sing N N 159 
ILE N   H2   sing N N 160 
ILE CA  C    sing N N 161 
ILE CA  CB   sing N N 162 
ILE CA  HA   sing N N 163 
ILE C   O    doub N N 164 
ILE C   OXT  sing N N 165 
ILE CB  CG1  sing N N 166 
ILE CB  CG2  sing N N 167 
ILE CB  HB   sing N N 168 
ILE CG1 CD1  sing N N 169 
ILE CG1 HG12 sing N N 170 
ILE CG1 HG13 sing N N 171 
ILE CG2 HG21 sing N N 172 
ILE CG2 HG22 sing N N 173 
ILE CG2 HG23 sing N N 174 
ILE CD1 HD11 sing N N 175 
ILE CD1 HD12 sing N N 176 
ILE CD1 HD13 sing N N 177 
ILE OXT HXT  sing N N 178 
J1Q C16 C15  doub Y N 179 
J1Q C16 C17  sing Y N 180 
J1Q C15 C14  sing Y N 181 
J1Q C17 C12  doub Y N 182 
J1Q C7  C6   sing N N 183 
J1Q C7  N1   sing N N 184 
J1Q C14 C13  doub Y N 185 
J1Q C4  C6   doub Y N 186 
J1Q C4  C3   sing Y N 187 
J1Q C12 C13  sing Y N 188 
J1Q C12 C11  sing N N 189 
J1Q N2  C9   sing N N 190 
J1Q C6  C5   sing Y N 191 
J1Q C3  C2   doub Y N 192 
J1Q C13 N3   sing N N 193 
J1Q N1  C11  sing N N 194 
J1Q N1  C8   sing N N 195 
J1Q C9  C8   sing N N 196 
J1Q C11 O1   doub N N 197 
J1Q C8  C10  sing N N 198 
J1Q C30 C29  sing N N 199 
J1Q C2  C1   sing Y N 200 
J1Q C5  C1   doub Y N 201 
J1Q C5  C10  sing N N 202 
J1Q N3  N4   sing Y N 203 
J1Q N3  C20  sing Y N 204 
J1Q N4  C18  doub Y N 205 
J1Q C21 C20  sing N N 206 
J1Q C29 C28  sing N N 207 
J1Q C20 C19  doub Y N 208 
J1Q C28 C27  sing N N 209 
J1Q C18 C19  sing Y N 210 
J1Q C18 C22  sing N N 211 
J1Q C27 N5   sing N N 212 
J1Q C22 N5   sing N N 213 
J1Q C22 O2   doub N N 214 
J1Q N5  C23  sing N N 215 
J1Q C23 C24  sing N N 216 
J1Q C24 C25  sing N N 217 
J1Q C25 C26  sing N N 218 
J1Q C30 H1   sing N N 219 
J1Q C30 H2   sing N N 220 
J1Q C30 H3   sing N N 221 
J1Q C29 H4   sing N N 222 
J1Q C29 H5   sing N N 223 
J1Q C28 H6   sing N N 224 
J1Q C28 H7   sing N N 225 
J1Q C27 H8   sing N N 226 
J1Q C27 H9   sing N N 227 
J1Q C23 H10  sing N N 228 
J1Q C23 H11  sing N N 229 
J1Q C24 H12  sing N N 230 
J1Q C24 H13  sing N N 231 
J1Q C25 H14  sing N N 232 
J1Q C25 H15  sing N N 233 
J1Q C26 H16  sing N N 234 
J1Q C26 H17  sing N N 235 
J1Q C26 H18  sing N N 236 
J1Q C19 H19  sing N N 237 
J1Q C21 H20  sing N N 238 
J1Q C21 H21  sing N N 239 
J1Q C21 H22  sing N N 240 
J1Q C14 H23  sing N N 241 
J1Q C15 H24  sing N N 242 
J1Q C16 H25  sing N N 243 
J1Q C17 H26  sing N N 244 
J1Q C7  H27  sing N N 245 
J1Q C7  H28  sing N N 246 
J1Q C4  H29  sing N N 247 
J1Q C3  H30  sing N N 248 
J1Q C2  H31  sing N N 249 
J1Q C1  H32  sing N N 250 
J1Q C10 H33  sing N N 251 
J1Q C10 H34  sing N N 252 
J1Q C8  H35  sing N N 253 
J1Q C9  H36  sing N N 254 
J1Q C9  H37  sing N N 255 
J1Q N2  H38  sing N N 256 
J1Q N2  H39  sing N N 257 
LEU N   CA   sing N N 258 
LEU N   H    sing N N 259 
LEU N   H2   sing N N 260 
LEU CA  C    sing N N 261 
LEU CA  CB   sing N N 262 
LEU CA  HA   sing N N 263 
LEU C   O    doub N N 264 
LEU C   OXT  sing N N 265 
LEU CB  CG   sing N N 266 
LEU CB  HB2  sing N N 267 
LEU CB  HB3  sing N N 268 
LEU CG  CD1  sing N N 269 
LEU CG  CD2  sing N N 270 
LEU CG  HG   sing N N 271 
LEU CD1 HD11 sing N N 272 
LEU CD1 HD12 sing N N 273 
LEU CD1 HD13 sing N N 274 
LEU CD2 HD21 sing N N 275 
LEU CD2 HD22 sing N N 276 
LEU CD2 HD23 sing N N 277 
LEU OXT HXT  sing N N 278 
LYS N   CA   sing N N 279 
LYS N   H    sing N N 280 
LYS N   H2   sing N N 281 
LYS CA  C    sing N N 282 
LYS CA  CB   sing N N 283 
LYS CA  HA   sing N N 284 
LYS C   O    doub N N 285 
LYS C   OXT  sing N N 286 
LYS CB  CG   sing N N 287 
LYS CB  HB2  sing N N 288 
LYS CB  HB3  sing N N 289 
LYS CG  CD   sing N N 290 
LYS CG  HG2  sing N N 291 
LYS CG  HG3  sing N N 292 
LYS CD  CE   sing N N 293 
LYS CD  HD2  sing N N 294 
LYS CD  HD3  sing N N 295 
LYS CE  NZ   sing N N 296 
LYS CE  HE2  sing N N 297 
LYS CE  HE3  sing N N 298 
LYS NZ  HZ1  sing N N 299 
LYS NZ  HZ2  sing N N 300 
LYS NZ  HZ3  sing N N 301 
LYS OXT HXT  sing N N 302 
MET N   CA   sing N N 303 
MET N   H    sing N N 304 
MET N   H2   sing N N 305 
MET CA  C    sing N N 306 
MET CA  CB   sing N N 307 
MET CA  HA   sing N N 308 
MET C   O    doub N N 309 
MET C   OXT  sing N N 310 
MET CB  CG   sing N N 311 
MET CB  HB2  sing N N 312 
MET CB  HB3  sing N N 313 
MET CG  SD   sing N N 314 
MET CG  HG2  sing N N 315 
MET CG  HG3  sing N N 316 
MET SD  CE   sing N N 317 
MET CE  HE1  sing N N 318 
MET CE  HE2  sing N N 319 
MET CE  HE3  sing N N 320 
MET OXT HXT  sing N N 321 
PHE N   CA   sing N N 322 
PHE N   H    sing N N 323 
PHE N   H2   sing N N 324 
PHE CA  C    sing N N 325 
PHE CA  CB   sing N N 326 
PHE CA  HA   sing N N 327 
PHE C   O    doub N N 328 
PHE C   OXT  sing N N 329 
PHE CB  CG   sing N N 330 
PHE CB  HB2  sing N N 331 
PHE CB  HB3  sing N N 332 
PHE CG  CD1  doub Y N 333 
PHE CG  CD2  sing Y N 334 
PHE CD1 CE1  sing Y N 335 
PHE CD1 HD1  sing N N 336 
PHE CD2 CE2  doub Y N 337 
PHE CD2 HD2  sing N N 338 
PHE CE1 CZ   doub Y N 339 
PHE CE1 HE1  sing N N 340 
PHE CE2 CZ   sing Y N 341 
PHE CE2 HE2  sing N N 342 
PHE CZ  HZ   sing N N 343 
PHE OXT HXT  sing N N 344 
PRO N   CA   sing N N 345 
PRO N   CD   sing N N 346 
PRO N   H    sing N N 347 
PRO CA  C    sing N N 348 
PRO CA  CB   sing N N 349 
PRO CA  HA   sing N N 350 
PRO C   O    doub N N 351 
PRO C   OXT  sing N N 352 
PRO CB  CG   sing N N 353 
PRO CB  HB2  sing N N 354 
PRO CB  HB3  sing N N 355 
PRO CG  CD   sing N N 356 
PRO CG  HG2  sing N N 357 
PRO CG  HG3  sing N N 358 
PRO CD  HD2  sing N N 359 
PRO CD  HD3  sing N N 360 
PRO OXT HXT  sing N N 361 
SER N   CA   sing N N 362 
SER N   H    sing N N 363 
SER N   H2   sing N N 364 
SER CA  C    sing N N 365 
SER CA  CB   sing N N 366 
SER CA  HA   sing N N 367 
SER C   O    doub N N 368 
SER C   OXT  sing N N 369 
SER CB  OG   sing N N 370 
SER CB  HB2  sing N N 371 
SER CB  HB3  sing N N 372 
SER OG  HG   sing N N 373 
SER OXT HXT  sing N N 374 
THR N   CA   sing N N 375 
THR N   H    sing N N 376 
THR N   H2   sing N N 377 
THR CA  C    sing N N 378 
THR CA  CB   sing N N 379 
THR CA  HA   sing N N 380 
THR C   O    doub N N 381 
THR C   OXT  sing N N 382 
THR CB  OG1  sing N N 383 
THR CB  CG2  sing N N 384 
THR CB  HB   sing N N 385 
THR OG1 HG1  sing N N 386 
THR CG2 HG21 sing N N 387 
THR CG2 HG22 sing N N 388 
THR CG2 HG23 sing N N 389 
THR OXT HXT  sing N N 390 
TRP N   CA   sing N N 391 
TRP N   H    sing N N 392 
TRP N   H2   sing N N 393 
TRP CA  C    sing N N 394 
TRP CA  CB   sing N N 395 
TRP CA  HA   sing N N 396 
TRP C   O    doub N N 397 
TRP C   OXT  sing N N 398 
TRP CB  CG   sing N N 399 
TRP CB  HB2  sing N N 400 
TRP CB  HB3  sing N N 401 
TRP CG  CD1  doub Y N 402 
TRP CG  CD2  sing Y N 403 
TRP CD1 NE1  sing Y N 404 
TRP CD1 HD1  sing N N 405 
TRP CD2 CE2  doub Y N 406 
TRP CD2 CE3  sing Y N 407 
TRP NE1 CE2  sing Y N 408 
TRP NE1 HE1  sing N N 409 
TRP CE2 CZ2  sing Y N 410 
TRP CE3 CZ3  doub Y N 411 
TRP CE3 HE3  sing N N 412 
TRP CZ2 CH2  doub Y N 413 
TRP CZ2 HZ2  sing N N 414 
TRP CZ3 CH2  sing Y N 415 
TRP CZ3 HZ3  sing N N 416 
TRP CH2 HH2  sing N N 417 
TRP OXT HXT  sing N N 418 
TYR N   CA   sing N N 419 
TYR N   H    sing N N 420 
TYR N   H2   sing N N 421 
TYR CA  C    sing N N 422 
TYR CA  CB   sing N N 423 
TYR CA  HA   sing N N 424 
TYR C   O    doub N N 425 
TYR C   OXT  sing N N 426 
TYR CB  CG   sing N N 427 
TYR CB  HB2  sing N N 428 
TYR CB  HB3  sing N N 429 
TYR CG  CD1  doub Y N 430 
TYR CG  CD2  sing Y N 431 
TYR CD1 CE1  sing Y N 432 
TYR CD1 HD1  sing N N 433 
TYR CD2 CE2  doub Y N 434 
TYR CD2 HD2  sing N N 435 
TYR CE1 CZ   doub Y N 436 
TYR CE1 HE1  sing N N 437 
TYR CE2 CZ   sing Y N 438 
TYR CE2 HE2  sing N N 439 
TYR CZ  OH   sing N N 440 
TYR OH  HH   sing N N 441 
TYR OXT HXT  sing N N 442 
VAL N   CA   sing N N 443 
VAL N   H    sing N N 444 
VAL N   H2   sing N N 445 
VAL CA  C    sing N N 446 
VAL CA  CB   sing N N 447 
VAL CA  HA   sing N N 448 
VAL C   O    doub N N 449 
VAL C   OXT  sing N N 450 
VAL CB  CG1  sing N N 451 
VAL CB  CG2  sing N N 452 
VAL CB  HB   sing N N 453 
VAL CG1 HG11 sing N N 454 
VAL CG1 HG12 sing N N 455 
VAL CG1 HG13 sing N N 456 
VAL CG2 HG21 sing N N 457 
VAL CG2 HG22 sing N N 458 
VAL CG2 HG23 sing N N 459 
VAL OXT HXT  sing N N 460 
# 
_pdbx_entity_instance_feature.ordinal        1 
_pdbx_entity_instance_feature.comp_id        J1Q 
_pdbx_entity_instance_feature.asym_id        ? 
_pdbx_entity_instance_feature.seq_num        ? 
_pdbx_entity_instance_feature.auth_comp_id   J1Q 
_pdbx_entity_instance_feature.auth_asym_id   ? 
_pdbx_entity_instance_feature.auth_seq_num   ? 
_pdbx_entity_instance_feature.feature_type   'SUBJECT OF INVESTIGATION' 
_pdbx_entity_instance_feature.details        ? 
# 
_atom_sites.entry_id                    6QGK 
_atom_sites.fract_transf_matrix[1][1]   0.01850606 
_atom_sites.fract_transf_matrix[1][2]   -0.00011781 
_atom_sites.fract_transf_matrix[1][3]   -0.00997178 
_atom_sites.fract_transf_matrix[2][1]   -0.00550177 
_atom_sites.fract_transf_matrix[2][2]   -0.01636183 
_atom_sites.fract_transf_matrix[2][3]   -0.01001712 
_atom_sites.fract_transf_matrix[3][1]   -0.00590564 
_atom_sites.fract_transf_matrix[3][2]   0.00875911 
_atom_sites.fract_transf_matrix[3][3]   -0.01106343 
_atom_sites.fract_transf_vector[1]      -0.210506 
_atom_sites.fract_transf_vector[2]      -0.077706 
_atom_sites.fract_transf_vector[3]      0.228656 
# 
loop_
_atom_type.symbol 
C 
N 
O 
S 
# 
loop_
_atom_site.group_PDB 
_atom_site.id 
_atom_site.type_symbol 
_atom_site.label_atom_id 
_atom_site.label_alt_id 
_atom_site.label_comp_id 
_atom_site.label_asym_id 
_atom_site.label_entity_id 
_atom_site.label_seq_id 
_atom_site.pdbx_PDB_ins_code 
_atom_site.Cartn_x 
_atom_site.Cartn_y 
_atom_site.Cartn_z 
_atom_site.occupancy 
_atom_site.B_iso_or_equiv 
_atom_site.pdbx_formal_charge 
_atom_site.auth_seq_id 
_atom_site.auth_comp_id 
_atom_site.auth_asym_id 
_atom_site.auth_atom_id 
_atom_site.pdbx_PDB_model_num 
ATOM   1    N N   . ASP A 1 4   ? -13.483 -4.774  5.469   1.00 69.67 ? 10  ASP A N   1 
ATOM   2    C CA  . ASP A 1 4   ? -13.801 -3.546  4.682   1.00 67.19 ? 10  ASP A CA  1 
ATOM   3    C C   . ASP A 1 4   ? -12.518 -3.067  3.999   1.00 64.94 ? 10  ASP A C   1 
ATOM   4    O O   . ASP A 1 4   ? -11.392 -3.333  4.490   1.00 51.42 ? 10  ASP A O   1 
ATOM   5    C CB  . ASP A 1 4   ? -14.354 -2.406  5.550   1.00 69.83 ? 10  ASP A CB  1 
ATOM   6    C CG  . ASP A 1 4   ? -15.440 -1.561  4.890   1.00 75.53 ? 10  ASP A CG  1 
ATOM   7    O OD1 . ASP A 1 4   ? -15.682 -1.730  3.674   1.00 78.08 ? 10  ASP A OD1 1 
ATOM   8    O OD2 . ASP A 1 4   ? -16.054 -0.740  5.604   1.00 76.59 ? 10  ASP A OD2 1 
ATOM   9    N N   . ASN A 1 5   ? -12.714 -2.357  2.882   1.00 53.15 ? 11  ASN A N   1 
ATOM   10   C CA  . ASN A 1 5   ? -11.629 -1.877  2.064   1.00 54.39 ? 11  ASN A CA  1 
ATOM   11   C C   . ASN A 1 5   ? -11.132 -0.564  2.657   1.00 50.16 ? 11  ASN A C   1 
ATOM   12   O O   . ASN A 1 5   ? -9.960  -0.270  2.577   1.00 46.52 ? 11  ASN A O   1 
ATOM   13   C CB  . ASN A 1 5   ? -12.030 -1.686  0.596   1.00 52.85 ? 11  ASN A CB  1 
ATOM   14   C CG  . ASN A 1 5   ? -12.105 -2.981  -0.203  1.00 55.71 ? 11  ASN A CG  1 
ATOM   15   O OD1 . ASN A 1 5   ? -11.304 -3.904  -0.027  1.00 51.39 ? 11  ASN A OD1 1 
ATOM   16   N ND2 . ASN A 1 5   ? -13.053 -3.045  -1.125  1.00 47.84 ? 11  ASN A ND2 1 
ATOM   17   N N   . ARG A 1 6   ? -12.047 0.226   3.229   1.00 48.53 ? 12  ARG A N   1 
ATOM   18   C CA  . ARG A 1 6   ? -11.673 1.489   3.808   1.00 47.15 ? 12  ARG A CA  1 
ATOM   19   C C   . ARG A 1 6   ? -10.771 1.167   4.996   1.00 45.03 ? 12  ARG A C   1 
ATOM   20   O O   . ARG A 1 6   ? -9.754  1.791   5.147   1.00 40.84 ? 12  ARG A O   1 
ATOM   21   C CB  . ARG A 1 6   ? -12.880 2.353   4.203   1.00 44.25 ? 12  ARG A CB  1 
ATOM   22   N N   . GLU A 1 7   ? -11.149 0.151   5.787   1.00 39.21 ? 13  GLU A N   1 
ATOM   23   C CA  . GLU A 1 7   ? -10.521 -0.115  7.054   1.00 39.44 ? 13  GLU A CA  1 
ATOM   24   C C   . GLU A 1 7   ? -9.104  -0.668  6.814   1.00 32.91 ? 13  GLU A C   1 
ATOM   25   O O   . GLU A 1 7   ? -8.167  -0.326  7.523   1.00 30.99 ? 13  GLU A O   1 
ATOM   26   C CB  . GLU A 1 7   ? -11.431 -1.046  7.864   1.00 45.80 ? 13  GLU A CB  1 
ATOM   27   C CG  . GLU A 1 7   ? -10.824 -1.625  9.126   1.00 52.49 ? 13  GLU A CG  1 
ATOM   28   C CD  . GLU A 1 7   ? -10.456 -3.101  9.044   1.00 67.77 ? 13  GLU A CD  1 
ATOM   29   O OE1 . GLU A 1 7   ? -11.247 -3.916  8.466   1.00 75.84 ? 13  GLU A OE1 1 
ATOM   30   O OE2 . GLU A 1 7   ? -9.378  -3.442  9.556   1.00 70.87 ? 13  GLU A OE2 1 
ATOM   31   N N   . ILE A 1 8   ? -8.933  -1.540  5.821   1.00 30.20 ? 14  ILE A N   1 
ATOM   32   C CA  . ILE A 1 8   ? -7.604  -2.127  5.624   1.00 29.76 ? 14  ILE A CA  1 
ATOM   33   C C   . ILE A 1 8   ? -6.646  -1.019  5.141   1.00 26.98 ? 14  ILE A C   1 
ATOM   34   O O   . ILE A 1 8   ? -5.462  -1.002  5.520   1.00 27.98 ? 14  ILE A O   1 
ATOM   35   C CB  . ILE A 1 8   ? -7.645  -3.341  4.683   1.00 36.70 ? 14  ILE A CB  1 
ATOM   36   C CG1 . ILE A 1 8   ? -6.254  -3.946  4.499   1.00 41.78 ? 14  ILE A CG1 1 
ATOM   37   C CG2 . ILE A 1 8   ? -8.269  -2.974  3.351   1.00 41.09 ? 14  ILE A CG2 1 
ATOM   38   C CD1 . ILE A 1 8   ? -6.279  -5.448  4.482   1.00 51.43 ? 14  ILE A CD1 1 
ATOM   39   N N   . VAL A 1 9   ? -7.149  -0.106  4.315   1.00 27.21 ? 15  VAL A N   1 
ATOM   40   C CA  . VAL A 1 9   ? -6.331  1.009   3.806   1.00 27.38 ? 15  VAL A CA  1 
ATOM   41   C C   . VAL A 1 9   ? -5.972  1.928   4.971   1.00 29.76 ? 15  VAL A C   1 
ATOM   42   O O   . VAL A 1 9   ? -4.795  2.276   5.178   1.00 25.70 ? 15  VAL A O   1 
ATOM   43   C CB  . VAL A 1 9   ? -7.042  1.761   2.675   1.00 27.19 ? 15  VAL A CB  1 
ATOM   44   C CG1 . VAL A 1 9   ? -6.417  3.119   2.429   1.00 26.66 ? 15  VAL A CG1 1 
ATOM   45   C CG2 . VAL A 1 9   ? -7.068  0.937   1.398   1.00 26.08 ? 15  VAL A CG2 1 
ATOM   46   N N   . MET A 1 10  ? -6.977  2.228   5.792   1.00 32.00 ? 16  MET A N   1 
ATOM   47   C CA  . MET A 1 10  ? -6.781  3.165   6.886   1.00 35.94 ? 16  MET A CA  1 
ATOM   48   C C   . MET A 1 10  ? -5.766  2.606   7.902   1.00 32.26 ? 16  MET A C   1 
ATOM   49   O O   . MET A 1 10  ? -4.817  3.307   8.285   1.00 28.95 ? 16  MET A O   1 
ATOM   50   C CB  . MET A 1 10  ? -8.106  3.523   7.564   1.00 41.36 ? 16  MET A CB  1 
ATOM   51   C CG  . MET A 1 10  ? -9.147  4.160   6.632   1.00 54.21 ? 16  MET A CG  1 
ATOM   52   S SD  . MET A 1 10  ? -8.646  5.696   5.785   1.00 73.51 ? 16  MET A SD  1 
ATOM   53   C CE  . MET A 1 10  ? -10.172 6.160   4.968   1.00 65.88 ? 16  MET A CE  1 
ATOM   54   N N   . LYS A 1 11  ? -5.904  1.335   8.292   1.00 32.50 ? 17  LYS A N   1 
ATOM   55   C CA  . LYS A 1 11  ? -4.987  0.766   9.255   1.00 32.42 ? 17  LYS A CA  1 
ATOM   56   C C   . LYS A 1 11  ? -3.571  0.754   8.679   1.00 30.09 ? 17  LYS A C   1 
ATOM   57   O O   . LYS A 1 11  ? -2.614  1.039   9.392   1.00 31.02 ? 17  LYS A O   1 
ATOM   58   C CB  . LYS A 1 11  ? -5.449  -0.621  9.710   1.00 40.24 ? 17  LYS A CB  1 
ATOM   59   C CG  . LYS A 1 11  ? -6.697  -0.603  10.591  1.00 45.17 ? 17  LYS A CG  1 
ATOM   60   C CD  . LYS A 1 11  ? -6.875  -1.829  11.466  1.00 52.37 ? 17  LYS A CD  1 
ATOM   61   C CE  . LYS A 1 11  ? -6.702  -1.559  12.947  1.00 59.53 ? 17  LYS A CE  1 
ATOM   62   N NZ  . LYS A 1 11  ? -5.332  -1.080  13.255  1.00 62.88 ? 17  LYS A NZ  1 
ATOM   63   N N   . TYR A 1 12  ? -3.434  0.458   7.383   1.00 25.72 ? 18  TYR A N   1 
ATOM   64   C CA  . TYR A 1 12  ? -2.132  0.375   6.752   1.00 26.63 ? 18  TYR A CA  1 
ATOM   65   C C   . TYR A 1 12  ? -1.459  1.747   6.753   1.00 23.62 ? 18  TYR A C   1 
ATOM   66   O O   . TYR A 1 12  ? -0.270  1.864   7.182   1.00 22.14 ? 18  TYR A O   1 
ATOM   67   C CB  . TYR A 1 12  ? -2.206  -0.176  5.323   1.00 26.42 ? 18  TYR A CB  1 
ATOM   68   C CG  . TYR A 1 12  ? -0.847  -0.601  4.825   1.00 22.66 ? 18  TYR A CG  1 
ATOM   69   C CD1 . TYR A 1 12  ? -0.377  -1.876  5.070   1.00 25.14 ? 18  TYR A CD1 1 
ATOM   70   C CD2 . TYR A 1 12  ? -0.028  0.279   4.128   1.00 21.66 ? 18  TYR A CD2 1 
ATOM   71   C CE1 . TYR A 1 12  ? 0.882   -2.266  4.644   1.00 25.80 ? 18  TYR A CE1 1 
ATOM   72   C CE2 . TYR A 1 12  ? 1.231   -0.089  3.713   1.00 21.28 ? 18  TYR A CE2 1 
ATOM   73   C CZ  . TYR A 1 12  ? 1.671   -1.377  3.927   1.00 23.68 ? 18  TYR A CZ  1 
ATOM   74   O OH  . TYR A 1 12  ? 2.919   -1.754  3.547   1.00 25.56 ? 18  TYR A OH  1 
ATOM   75   N N   . ILE A 1 13  ? -2.216  2.769   6.358   1.00 23.11 ? 19  ILE A N   1 
ATOM   76   C CA  . ILE A 1 13  ? -1.667  4.125   6.227   1.00 25.79 ? 19  ILE A CA  1 
ATOM   77   C C   . ILE A 1 13  ? -1.312  4.651   7.629   1.00 25.98 ? 19  ILE A C   1 
ATOM   78   O O   . ILE A 1 13  ? -0.257  5.277   7.824   1.00 23.64 ? 19  ILE A O   1 
ATOM   79   C CB  . ILE A 1 13  ? -2.619  5.056   5.456   1.00 24.38 ? 19  ILE A CB  1 
ATOM   80   C CG1 . ILE A 1 13  ? -2.646  4.661   3.977   1.00 26.31 ? 19  ILE A CG1 1 
ATOM   81   C CG2 . ILE A 1 13  ? -2.245  6.522   5.621   1.00 23.02 ? 19  ILE A CG2 1 
ATOM   82   C CD1 . ILE A 1 13  ? -3.452  5.591   3.090   1.00 30.75 ? 19  ILE A CD1 1 
ATOM   83   N N   . SER A 1 14  ? -2.181  4.385   8.608   1.00 23.96 ? 20  SER A N   1 
ATOM   84   C CA  A SER A 1 14  ? -1.960  4.810   10.010  0.50 25.96 ? 20  SER A CA  1 
ATOM   85   C CA  B SER A 1 14  ? -1.950  4.826   9.999   0.50 25.22 ? 20  SER A CA  1 
ATOM   86   C C   . SER A 1 14  ? -0.615  4.264   10.517  1.00 25.24 ? 20  SER A C   1 
ATOM   87   O O   . SER A 1 14  ? 0.221   4.982   11.124  1.00 27.18 ? 20  SER A O   1 
ATOM   88   C CB  A SER A 1 14  ? -3.125  4.354   10.865  0.50 27.71 ? 20  SER A CB  1 
ATOM   89   C CB  B SER A 1 14  ? -3.110  4.408   10.869  0.50 26.29 ? 20  SER A CB  1 
ATOM   90   O OG  A SER A 1 14  ? -4.307  5.066   10.510  0.50 27.64 ? 20  SER A OG  1 
ATOM   91   O OG  B SER A 1 14  ? -2.893  4.837   12.204  0.50 23.85 ? 20  SER A OG  1 
ATOM   92   N N   . TYR A 1 15  ? -0.385  2.972   10.251  1.00 27.31 ? 21  TYR A N   1 
ATOM   93   C CA  . TYR A 1 15  ? 0.848   2.309   10.647  1.00 26.51 ? 21  TYR A CA  1 
ATOM   94   C C   . TYR A 1 15  ? 2.058   2.973   9.977   1.00 26.55 ? 21  TYR A C   1 
ATOM   95   O O   . TYR A 1 15  ? 2.994   3.331   10.654  1.00 28.94 ? 21  TYR A O   1 
ATOM   96   C CB  . TYR A 1 15  ? 0.783   0.821   10.334  1.00 30.48 ? 21  TYR A CB  1 
ATOM   97   C CG  . TYR A 1 15  ? 2.101   0.100   10.482  1.00 33.34 ? 21  TYR A CG  1 
ATOM   98   C CD1 . TYR A 1 15  ? 2.673   -0.090  11.732  1.00 33.43 ? 21  TYR A CD1 1 
ATOM   99   C CD2 . TYR A 1 15  ? 2.772   -0.398  9.375   1.00 32.08 ? 21  TYR A CD2 1 
ATOM   100  C CE1 . TYR A 1 15  ? 3.879   -0.770  11.884  1.00 34.38 ? 21  TYR A CE1 1 
ATOM   101  C CE2 . TYR A 1 15  ? 3.962   -1.098  9.515   1.00 36.40 ? 21  TYR A CE2 1 
ATOM   102  C CZ  . TYR A 1 15  ? 4.514   -1.295  10.773  1.00 34.79 ? 21  TYR A CZ  1 
ATOM   103  O OH  . TYR A 1 15  ? 5.692   -1.988  10.877  1.00 34.69 ? 21  TYR A OH  1 
ATOM   104  N N   . LYS A 1 16  ? 2.043   3.154   8.653   1.00 26.32 ? 22  LYS A N   1 
ATOM   105  C CA  . LYS A 1 16  ? 3.176   3.764   7.972   1.00 25.77 ? 22  LYS A CA  1 
ATOM   106  C C   . LYS A 1 16  ? 3.517   5.140   8.559   1.00 25.97 ? 22  LYS A C   1 
ATOM   107  O O   . LYS A 1 16  ? 4.677   5.452   8.729   1.00 29.14 ? 22  LYS A O   1 
ATOM   108  C CB  . LYS A 1 16  ? 2.933   3.930   6.466   1.00 28.96 ? 22  LYS A CB  1 
ATOM   109  C CG  . LYS A 1 16  ? 2.601   2.653   5.714   1.00 29.28 ? 22  LYS A CG  1 
ATOM   110  C CD  . LYS A 1 16  ? 3.526   1.497   6.000   1.00 31.98 ? 22  LYS A CD  1 
ATOM   111  C CE  . LYS A 1 16  ? 4.947   1.715   5.568   1.00 29.71 ? 22  LYS A CE  1 
ATOM   112  N NZ  . LYS A 1 16  ? 5.670   0.419   5.649   1.00 31.25 ? 22  LYS A NZ  1 
ATOM   113  N N   . LEU A 1 17  ? 2.505   5.983   8.786   1.00 26.31 ? 23  LEU A N   1 
ATOM   114  C CA  . LEU A 1 17  ? 2.750   7.345   9.247   1.00 25.15 ? 23  LEU A CA  1 
ATOM   115  C C   . LEU A 1 17  ? 3.247   7.335   10.704  1.00 28.48 ? 23  LEU A C   1 
ATOM   116  O O   . LEU A 1 17  ? 4.070   8.160   11.080  1.00 30.88 ? 23  LEU A O   1 
ATOM   117  C CB  . LEU A 1 17  ? 1.461   8.155   9.128   1.00 26.36 ? 23  LEU A CB  1 
ATOM   118  C CG  . LEU A 1 17  ? 0.991   8.505   7.720   1.00 27.76 ? 23  LEU A CG  1 
ATOM   119  C CD1 . LEU A 1 17  ? -0.421  9.063   7.778   1.00 29.62 ? 23  LEU A CD1 1 
ATOM   120  C CD2 . LEU A 1 17  ? 1.890   9.504   7.043   1.00 27.05 ? 23  LEU A CD2 1 
ATOM   121  N N   . SER A 1 18  ? 2.742   6.387   11.500  1.00 28.47 ? 24  SER A N   1 
ATOM   122  C CA  . SER A 1 18  ? 3.119   6.248   12.906  1.00 34.25 ? 24  SER A CA  1 
ATOM   123  C C   . SER A 1 18  ? 4.590   5.805   13.003  1.00 36.23 ? 24  SER A C   1 
ATOM   124  O O   . SER A 1 18  ? 5.284   6.212   13.921  1.00 35.75 ? 24  SER A O   1 
ATOM   125  C CB  . SER A 1 18  ? 2.169   5.329   13.654  1.00 36.61 ? 24  SER A CB  1 
ATOM   126  O OG  . SER A 1 18  ? 2.493   3.965   13.413  1.00 46.45 ? 24  SER A OG  1 
ATOM   127  N N   . GLN A 1 19  ? 5.075   5.064   11.999  1.00 35.45 ? 25  GLN A N   1 
ATOM   128  C CA  . GLN A 1 19  ? 6.464   4.611   11.903  1.00 36.99 ? 25  GLN A CA  1 
ATOM   129  C C   . GLN A 1 19  ? 7.404   5.814   11.807  1.00 36.88 ? 25  GLN A C   1 
ATOM   130  O O   . GLN A 1 19  ? 8.537   5.691   12.155  1.00 39.81 ? 25  GLN A O   1 
ATOM   131  C CB  . GLN A 1 19  ? 6.752   3.765   10.658  1.00 38.60 ? 25  GLN A CB  1 
ATOM   132  C CG  . GLN A 1 19  ? 6.475   2.274   10.768  1.00 41.47 ? 25  GLN A CG  1 
ATOM   133  C CD  . GLN A 1 19  ? 6.827   1.578   9.461   1.00 48.11 ? 25  GLN A CD  1 
ATOM   134  O OE1 . GLN A 1 19  ? 6.479   2.043   8.370   1.00 48.61 ? 25  GLN A OE1 1 
ATOM   135  N NE2 . GLN A 1 19  ? 7.527   0.453   9.546   1.00 39.90 ? 25  GLN A NE2 1 
ATOM   136  N N   . ARG A 1 20  ? 6.912   6.962   11.330  1.00 36.36 ? 26  ARG A N   1 
ATOM   137  C CA  . ARG A 1 20  ? 7.705   8.184   11.180  1.00 37.38 ? 26  ARG A CA  1 
ATOM   138  C C   . ARG A 1 20  ? 7.264   9.259   12.177  1.00 35.02 ? 26  ARG A C   1 
ATOM   139  O O   . ARG A 1 20  ? 7.660   10.382  12.042  1.00 40.74 ? 26  ARG A O   1 
ATOM   140  C CB  . ARG A 1 20  ? 7.604   8.719   9.747   1.00 41.76 ? 26  ARG A CB  1 
ATOM   141  C CG  . ARG A 1 20  ? 7.872   7.662   8.693   1.00 44.62 ? 26  ARG A CG  1 
ATOM   142  C CD  . ARG A 1 20  ? 9.039   6.769   9.073   1.00 51.83 ? 26  ARG A CD  1 
ATOM   143  N NE  . ARG A 1 20  ? 10.169  7.055   8.230   1.00 58.47 ? 26  ARG A NE  1 
ATOM   144  C CZ  . ARG A 1 20  ? 10.330  6.526   7.036   1.00 52.35 ? 26  ARG A CZ  1 
ATOM   145  N NH1 . ARG A 1 20  ? 9.744   5.377   6.742   1.00 50.98 ? 26  ARG A NH1 1 
ATOM   146  N NH2 . ARG A 1 20  ? 11.017  7.190   6.133   1.00 44.60 ? 26  ARG A NH2 1 
ATOM   147  N N   . GLY A 1 21  ? 6.444   8.898   13.160  1.00 34.08 ? 27  GLY A N   1 
ATOM   148  C CA  . GLY A 1 21  ? 6.035   9.792   14.244  1.00 37.67 ? 27  GLY A CA  1 
ATOM   149  C C   . GLY A 1 21  ? 4.866   10.697  13.888  1.00 37.00 ? 27  GLY A C   1 
ATOM   150  O O   . GLY A 1 21  ? 4.628   11.656  14.582  1.00 36.17 ? 27  GLY A O   1 
ATOM   151  N N   . TYR A 1 22  ? 4.098   10.369  12.847  1.00 36.23 ? 28  TYR A N   1 
ATOM   152  C CA  . TYR A 1 22  ? 3.011   11.222  12.372  1.00 39.69 ? 28  TYR A CA  1 
ATOM   153  C C   . TYR A 1 22  ? 1.663   10.582  12.708  1.00 45.62 ? 28  TYR A C   1 
ATOM   154  O O   . TYR A 1 22  ? 1.420   9.431   12.415  1.00 40.37 ? 28  TYR A O   1 
ATOM   155  C CB  . TYR A 1 22  ? 3.091   11.406  10.862  1.00 42.20 ? 28  TYR A CB  1 
ATOM   156  C CG  . TYR A 1 22  ? 4.362   12.021  10.330  1.00 47.03 ? 28  TYR A CG  1 
ATOM   157  C CD1 . TYR A 1 22  ? 4.848   13.231  10.814  1.00 50.67 ? 28  TYR A CD1 1 
ATOM   158  C CD2 . TYR A 1 22  ? 5.034   11.435  9.267   1.00 48.20 ? 28  TYR A CD2 1 
ATOM   159  C CE1 . TYR A 1 22  ? 5.987   13.818  10.283  1.00 52.30 ? 28  TYR A CE1 1 
ATOM   160  C CE2 . TYR A 1 22  ? 6.181   11.999  8.730   1.00 54.87 ? 28  TYR A CE2 1 
ATOM   161  C CZ  . TYR A 1 22  ? 6.658   13.195  9.240   1.00 57.62 ? 28  TYR A CZ  1 
ATOM   162  O OH  . TYR A 1 22  ? 7.784   13.738  8.690   1.00 62.86 ? 28  TYR A OH  1 
ATOM   163  N N   . GLU A 1 23  ? 0.775   11.346  13.335  1.00 54.98 ? 29  GLU A N   1 
ATOM   164  C CA  . GLU A 1 23  ? -0.488  10.794  13.821  1.00 62.81 ? 29  GLU A CA  1 
ATOM   165  C C   . GLU A 1 23  ? -1.570  11.347  12.898  1.00 59.74 ? 29  GLU A C   1 
ATOM   166  O O   . GLU A 1 23  ? -1.563  12.510  12.613  1.00 61.70 ? 29  GLU A O   1 
ATOM   167  C CB  . GLU A 1 23  ? -0.660  11.173  15.291  1.00 70.13 ? 29  GLU A CB  1 
ATOM   168  C CG  . GLU A 1 23  ? -1.758  10.417  16.023  1.00 76.13 ? 29  GLU A CG  1 
ATOM   169  C CD  . GLU A 1 23  ? -2.011  10.916  17.441  1.00 81.80 ? 29  GLU A CD  1 
ATOM   170  O OE1 . GLU A 1 23  ? -1.137  11.623  17.982  1.00 96.30 ? 29  GLU A OE1 1 
ATOM   171  O OE2 . GLU A 1 23  ? -3.082  10.612  18.002  1.00 77.67 ? 29  GLU A OE2 1 
ATOM   172  N N   . TRP A 1 24  ? -2.449  10.506  12.366  1.00 60.23 ? 30  TRP A N   1 
ATOM   173  C CA  . TRP A 1 24  ? -3.244  10.969  11.238  1.00 57.96 ? 30  TRP A CA  1 
ATOM   174  C C   . TRP A 1 24  ? -4.702  11.186  11.685  1.00 64.27 ? 30  TRP A C   1 
ATOM   175  O O   . TRP A 1 24  ? -5.310  10.294  12.288  1.00 72.50 ? 30  TRP A O   1 
ATOM   176  C CB  . TRP A 1 24  ? -3.051  9.989   10.072  1.00 44.11 ? 30  TRP A CB  1 
ATOM   177  C CG  . TRP A 1 24  ? -3.989  10.149  8.923   1.00 38.22 ? 30  TRP A CG  1 
ATOM   178  C CD1 . TRP A 1 24  ? -4.453  11.298  8.353   1.00 35.54 ? 30  TRP A CD1 1 
ATOM   179  C CD2 . TRP A 1 24  ? -4.540  9.073   8.152   1.00 36.93 ? 30  TRP A CD2 1 
ATOM   180  N NE1 . TRP A 1 24  ? -5.287  11.003  7.308   1.00 37.45 ? 30  TRP A NE1 1 
ATOM   181  C CE2 . TRP A 1 24  ? -5.377  9.643   7.176   1.00 34.41 ? 30  TRP A CE2 1 
ATOM   182  C CE3 . TRP A 1 24  ? -4.437  7.680   8.228   1.00 37.41 ? 30  TRP A CE3 1 
ATOM   183  C CZ2 . TRP A 1 24  ? -6.065  8.870   6.248   1.00 36.68 ? 30  TRP A CZ2 1 
ATOM   184  C CZ3 . TRP A 1 24  ? -5.153  6.915   7.336   1.00 34.97 ? 30  TRP A CZ3 1 
ATOM   185  C CH2 . TRP A 1 24  ? -5.946  7.508   6.355   1.00 37.43 ? 30  TRP A CH2 1 
ATOM   186  N N   . ASP A 1 25  ? -5.236  12.384  11.394  1.00 61.59 ? 31  ASP A N   1 
ATOM   187  C CA  . ASP A 1 25  ? -6.548  12.844  11.884  1.00 61.75 ? 31  ASP A CA  1 
ATOM   188  C C   . ASP A 1 25  ? -7.642  11.829  11.523  1.00 60.38 ? 31  ASP A C   1 
ATOM   189  O O   . ASP A 1 25  ? -8.443  11.463  12.375  1.00 64.59 ? 31  ASP A O   1 
ATOM   190  C CB  . ASP A 1 25  ? -6.895  14.239  11.349  1.00 64.75 ? 31  ASP A CB  1 
ATOM   191  N N   . ALA A 1 26  ? -7.667  11.357  10.274  1.00 51.88 ? 32  ALA A N   1 
ATOM   192  C CA  . ALA A 1 26  ? -8.715  10.420  9.837   1.00 54.62 ? 32  ALA A CA  1 
ATOM   193  C C   . ALA A 1 26  ? -8.388  8.957   10.191  1.00 51.23 ? 32  ALA A C   1 
ATOM   194  O O   . ALA A 1 26  ? -9.215  8.083   9.949   1.00 48.77 ? 32  ALA A O   1 
ATOM   195  C CB  . ALA A 1 26  ? -8.952  10.577  8.353   1.00 53.30 ? 32  ALA A CB  1 
ATOM   196  N N   . GLY A 1 27  ? -7.213  8.686   10.773  1.00 53.17 ? 33  GLY A N   1 
ATOM   197  C CA  . GLY A 1 27  ? -6.790  7.306   11.059  1.00 56.22 ? 33  GLY A CA  1 
ATOM   198  C C   . GLY A 1 27  ? -6.639  7.028   12.545  1.00 55.80 ? 33  GLY A C   1 
ATOM   199  O O   . GLY A 1 27  ? -6.765  7.929   13.358  1.00 61.74 ? 33  GLY A O   1 
ATOM   200  N N   . ASP A 1 28  ? -6.373  5.759   12.882  1.00 57.29 ? 34  ASP A N   1 
ATOM   201  C CA  . ASP A 1 28  ? -6.195  5.299   14.272  1.00 64.65 ? 34  ASP A CA  1 
ATOM   202  C C   . ASP A 1 28  ? -7.385  5.742   15.128  1.00 65.68 ? 34  ASP A C   1 
ATOM   203  O O   . ASP A 1 28  ? -7.262  5.863   16.348  1.00 66.48 ? 34  ASP A O   1 
ATOM   204  C CB  . ASP A 1 28  ? -4.873  5.794   14.880  1.00 64.89 ? 34  ASP A CB  1 
ATOM   205  C CG  . ASP A 1 28  ? -3.699  4.866   14.622  1.00 71.05 ? 34  ASP A CG  1 
ATOM   206  O OD1 . ASP A 1 28  ? -3.944  3.701   14.244  1.00 74.87 ? 34  ASP A OD1 1 
ATOM   207  O OD2 . ASP A 1 28  ? -2.544  5.318   14.781  1.00 83.28 ? 34  ASP A OD2 1 
ATOM   208  N N   . GLU A 1 41  ? -11.891 -7.951  8.618   1.00 60.34 ? 47  GLU A N   1 
ATOM   209  C CA  . GLU A 1 41  ? -10.528 -8.436  8.353   1.00 58.59 ? 47  GLU A CA  1 
ATOM   210  C C   . GLU A 1 41  ? -9.831  -8.725  9.691   1.00 52.37 ? 47  GLU A C   1 
ATOM   211  O O   . GLU A 1 41  ? -9.842  -7.906  10.615  1.00 50.65 ? 47  GLU A O   1 
ATOM   212  C CB  . GLU A 1 41  ? -9.768  -7.432  7.512   1.00 56.13 ? 47  GLU A CB  1 
ATOM   213  N N   . SER A 1 42  ? -9.268  -9.930  9.814   1.00 50.80 ? 48  SER A N   1 
ATOM   214  C CA  . SER A 1 42  ? -8.715  -10.365 11.080  1.00 48.25 ? 48  SER A CA  1 
ATOM   215  C C   . SER A 1 42  ? -7.451  -9.559  11.401  1.00 43.80 ? 48  SER A C   1 
ATOM   216  O O   . SER A 1 42  ? -6.841  -8.930  10.530  1.00 39.72 ? 48  SER A O   1 
ATOM   217  C CB  . SER A 1 42  ? -8.443  -11.834 11.056  1.00 53.06 ? 48  SER A CB  1 
ATOM   218  O OG  . SER A 1 42  ? -7.434  -12.112 10.106  1.00 51.74 ? 48  SER A OG  1 
ATOM   219  N N   . GLU A 1 43  ? -7.053  -9.595  12.670  1.00 38.65 ? 49  GLU A N   1 
ATOM   220  C CA  . GLU A 1 43  ? -5.832  -8.963  13.114  1.00 36.61 ? 49  GLU A CA  1 
ATOM   221  C C   . GLU A 1 43  ? -4.590  -9.584  12.440  1.00 32.92 ? 49  GLU A C   1 
ATOM   222  O O   . GLU A 1 43  ? -3.589  -8.899  12.189  1.00 32.07 ? 49  GLU A O   1 
ATOM   223  C CB  . GLU A 1 43  ? -5.765  -9.073  14.615  1.00 38.01 ? 49  GLU A CB  1 
ATOM   224  N N   . VAL A 1 44  ? -4.646  -10.888 12.152  1.00 33.23 ? 92  VAL A N   1 
ATOM   225  C CA  . VAL A 1 44  ? -3.526  -11.566 11.523  1.00 35.02 ? 92  VAL A CA  1 
ATOM   226  C C   . VAL A 1 44  ? -3.388  -11.063 10.088  1.00 29.89 ? 92  VAL A C   1 
ATOM   227  O O   . VAL A 1 44  ? -2.288  -11.016 9.590   1.00 28.88 ? 92  VAL A O   1 
ATOM   228  C CB  . VAL A 1 44  ? -3.601  -13.106 11.553  1.00 36.88 ? 92  VAL A CB  1 
ATOM   229  C CG1 . VAL A 1 44  ? -4.942  -13.648 11.125  1.00 43.32 ? 92  VAL A CG1 1 
ATOM   230  C CG2 . VAL A 1 44  ? -2.519  -13.705 10.678  1.00 36.21 ? 92  VAL A CG2 1 
ATOM   231  N N   . VAL A 1 45  ? -4.495  -10.710 9.434   1.00 26.22 ? 93  VAL A N   1 
ATOM   232  C CA  . VAL A 1 45  ? -4.400  -10.151 8.079   1.00 30.17 ? 93  VAL A CA  1 
ATOM   233  C C   . VAL A 1 45  ? -3.634  -8.812  8.109   1.00 27.75 ? 93  VAL A C   1 
ATOM   234  O O   . VAL A 1 45  ? -2.742  -8.606  7.282   1.00 25.71 ? 93  VAL A O   1 
ATOM   235  C CB  . VAL A 1 45  ? -5.775  -9.994  7.402   1.00 28.91 ? 93  VAL A CB  1 
ATOM   236  C CG1 . VAL A 1 45  ? -5.698  -9.119  6.164   1.00 30.67 ? 93  VAL A CG1 1 
ATOM   237  C CG2 . VAL A 1 45  ? -6.372  -11.335 7.032   1.00 30.40 ? 93  VAL A CG2 1 
ATOM   238  N N   . HIS A 1 46  ? -4.007  -7.897  9.013   1.00 28.09 ? 94  HIS A N   1 
ATOM   239  C CA  . HIS A 1 46  ? -3.340  -6.610  9.088   1.00 29.72 ? 94  HIS A CA  1 
ATOM   240  C C   . HIS A 1 46  ? -1.858  -6.800  9.408   1.00 30.14 ? 94  HIS A C   1 
ATOM   241  O O   . HIS A 1 46  ? -1.042  -6.145  8.836   1.00 27.52 ? 94  HIS A O   1 
ATOM   242  C CB  . HIS A 1 46  ? -3.950  -5.685  10.139  1.00 31.63 ? 94  HIS A CB  1 
ATOM   243  C CG  . HIS A 1 46  ? -5.394  -5.422  9.928   1.00 35.21 ? 94  HIS A CG  1 
ATOM   244  N ND1 . HIS A 1 46  ? -5.859  -4.787  8.813   1.00 35.40 ? 94  HIS A ND1 1 
ATOM   245  C CD2 . HIS A 1 46  ? -6.471  -5.727  10.680  1.00 40.37 ? 94  HIS A CD2 1 
ATOM   246  C CE1 . HIS A 1 46  ? -7.161  -4.729  8.861   1.00 39.53 ? 94  HIS A CE1 1 
ATOM   247  N NE2 . HIS A 1 46  ? -7.565  -5.296  10.001  1.00 42.19 ? 94  HIS A NE2 1 
ATOM   248  N N   . GLN A 1 47  ? -1.550  -7.661  10.380  1.00 27.64 ? 95  GLN A N   1 
ATOM   249  C CA  . GLN A 1 47  ? -0.180  -7.892  10.798  1.00 29.67 ? 95  GLN A CA  1 
ATOM   250  C C   . GLN A 1 47  ? 0.643   -8.436  9.636   1.00 24.77 ? 95  GLN A C   1 
ATOM   251  O O   . GLN A 1 47  ? 1.802   -8.051  9.476   1.00 25.52 ? 95  GLN A O   1 
ATOM   252  C CB  . GLN A 1 47  ? -0.068  -8.900  11.943  1.00 30.84 ? 95  GLN A CB  1 
ATOM   253  C CG  . GLN A 1 47  ? 1.361   -9.019  12.462  1.00 33.19 ? 95  GLN A CG  1 
ATOM   254  N N   . THR A 1 48  ? 0.063   -9.366  8.869   1.00 24.49 ? 96  THR A N   1 
ATOM   255  C CA  . THR A 1 48  ? 0.814   -10.026 7.791   1.00 24.69 ? 96  THR A CA  1 
ATOM   256  C C   . THR A 1 48  ? 1.067   -8.993  6.675   1.00 23.53 ? 96  THR A C   1 
ATOM   257  O O   . THR A 1 48  ? 2.143   -8.939  6.155   1.00 21.67 ? 96  THR A O   1 
ATOM   258  C CB  . THR A 1 48  ? 0.091   -11.284 7.301   1.00 26.27 ? 96  THR A CB  1 
ATOM   259  O OG1 . THR A 1 48  ? -0.072  -12.134 8.431   1.00 26.43 ? 96  THR A OG1 1 
ATOM   260  C CG2 . THR A 1 48  ? 0.823   -12.017 6.209   1.00 25.01 ? 96  THR A CG2 1 
ATOM   261  N N   . LEU A 1 49  ? 0.053   -8.178  6.366   1.00 22.72 ? 97  LEU A N   1 
ATOM   262  C CA  . LEU A 1 49  ? 0.200   -7.117  5.352   1.00 24.60 ? 97  LEU A CA  1 
ATOM   263  C C   . LEU A 1 49  ? 1.250   -6.098  5.814   1.00 24.90 ? 97  LEU A C   1 
ATOM   264  O O   . LEU A 1 49  ? 2.030   -5.657  5.008   1.00 23.87 ? 97  LEU A O   1 
ATOM   265  C CB  . LEU A 1 49  ? -1.172  -6.502  5.080   1.00 26.15 ? 97  LEU A CB  1 
ATOM   266  C CG  . LEU A 1 49  ? -1.253  -5.449  3.981   1.00 26.32 ? 97  LEU A CG  1 
ATOM   267  C CD1 . LEU A 1 49  ? -0.774  -6.026  2.656   1.00 26.13 ? 97  LEU A CD1 1 
ATOM   268  C CD2 . LEU A 1 49  ? -2.695  -4.934  3.867   1.00 28.56 ? 97  LEU A CD2 1 
ATOM   269  N N   . ARG A 1 50  ? 1.297   -5.773  7.116   1.00 24.28 ? 98  ARG A N   1 
ATOM   270  C CA  . ARG A 1 50  ? 2.288   -4.853  7.637   1.00 27.62 ? 98  ARG A CA  1 
ATOM   271  C C   . ARG A 1 50  ? 3.692   -5.401  7.408   1.00 23.87 ? 98  ARG A C   1 
ATOM   272  O O   . ARG A 1 50  ? 4.577   -4.655  6.960   1.00 23.38 ? 98  ARG A O   1 
ATOM   273  C CB  . ARG A 1 50  ? 2.147   -4.584  9.143   1.00 29.50 ? 98  ARG A CB  1 
ATOM   274  C CG  . ARG A 1 50  ? 1.013   -3.636  9.488   1.00 36.35 ? 98  ARG A CG  1 
ATOM   275  C CD  . ARG A 1 50  ? 1.038   -3.215  10.944  1.00 40.51 ? 98  ARG A CD  1 
ATOM   276  N NE  . ARG A 1 50  ? 1.134   -4.388  11.778  1.00 42.08 ? 98  ARG A NE  1 
ATOM   277  C CZ  . ARG A 1 50  ? 0.786   -4.450  13.042  1.00 48.27 ? 98  ARG A CZ  1 
ATOM   278  N NH1 . ARG A 1 50  ? 0.838   -3.346  13.782  1.00 49.42 ? 98  ARG A NH1 1 
ATOM   279  N NH2 . ARG A 1 50  ? 0.427   -5.629  13.544  1.00 40.08 ? 98  ARG A NH2 1 
ATOM   280  N N   . GLN A 1 51  ? 3.917   -6.683  7.728   1.00 23.39 ? 99  GLN A N   1 
ATOM   281  C CA  . GLN A 1 51  ? 5.256   -7.265  7.600   1.00 23.74 ? 99  GLN A CA  1 
ATOM   282  C C   . GLN A 1 51  ? 5.634   -7.341  6.118   1.00 23.35 ? 99  GLN A C   1 
ATOM   283  O O   . GLN A 1 51  ? 6.735   -7.012  5.781   1.00 25.29 ? 99  GLN A O   1 
ATOM   284  C CB  . GLN A 1 51  ? 5.369   -8.652  8.217   1.00 26.82 ? 99  GLN A CB  1 
ATOM   285  C CG  . GLN A 1 51  ? 6.834   -9.114  8.335   1.00 34.14 ? 99  GLN A CG  1 
ATOM   286  C CD  . GLN A 1 51  ? 7.755   -8.138  9.042   1.00 40.21 ? 99  GLN A CD  1 
ATOM   287  O OE1 . GLN A 1 51  ? 7.508   -7.742  10.188  1.00 43.45 ? 99  GLN A OE1 1 
ATOM   288  N NE2 . GLN A 1 51  ? 8.807   -7.702  8.346   1.00 34.35 ? 99  GLN A NE2 1 
ATOM   289  N N   . ALA A 1 52  ? 4.689   -7.760  5.260   1.00 22.58 ? 100 ALA A N   1 
ATOM   290  C CA  . ALA A 1 52  ? 4.957   -7.951  3.855   1.00 19.95 ? 100 ALA A CA  1 
ATOM   291  C C   . ALA A 1 52  ? 5.369   -6.606  3.238   1.00 19.65 ? 100 ALA A C   1 
ATOM   292  O O   . ALA A 1 52  ? 6.290   -6.561  2.480   1.00 19.61 ? 100 ALA A O   1 
ATOM   293  C CB  . ALA A 1 52  ? 3.749   -8.531  3.167   1.00 21.25 ? 100 ALA A CB  1 
ATOM   294  N N   . GLY A 1 53  ? 4.679   -5.527  3.623   1.00 21.28 ? 101 GLY A N   1 
ATOM   295  C CA  . GLY A 1 53  ? 4.974   -4.192  3.134   1.00 24.54 ? 101 GLY A CA  1 
ATOM   296  C C   . GLY A 1 53  ? 6.333   -3.702  3.616   1.00 22.49 ? 101 GLY A C   1 
ATOM   297  O O   . GLY A 1 53  ? 7.049   -3.056  2.862   1.00 20.15 ? 101 GLY A O   1 
ATOM   298  N N   . ASP A 1 54  ? 6.651   -3.940  4.891   1.00 23.79 ? 102 ASP A N   1 
ATOM   299  C CA  . ASP A 1 54  ? 7.935   -3.554  5.458   1.00 23.96 ? 102 ASP A CA  1 
ATOM   300  C C   . ASP A 1 54  ? 9.060   -4.270  4.708   1.00 23.02 ? 102 ASP A C   1 
ATOM   301  O O   . ASP A 1 54  ? 10.058  -3.648  4.376   1.00 22.31 ? 102 ASP A O   1 
ATOM   302  C CB  . ASP A 1 54  ? 8.021   -3.886  6.952   1.00 27.62 ? 102 ASP A CB  1 
ATOM   303  C CG  . ASP A 1 54  ? 7.251   -2.913  7.838   1.00 32.02 ? 102 ASP A CG  1 
ATOM   304  O OD1 . ASP A 1 54  ? 7.051   -1.759  7.417   1.00 39.32 ? 102 ASP A OD1 1 
ATOM   305  O OD2 . ASP A 1 54  ? 6.852   -3.307  8.945   1.00 36.37 ? 102 ASP A OD2 1 
ATOM   306  N N   . ASP A 1 55  ? 8.905   -5.561  4.403   1.00 22.96 ? 103 ASP A N   1 
ATOM   307  C CA  . ASP A 1 55  ? 9.928   -6.282  3.653   1.00 23.05 ? 103 ASP A CA  1 
ATOM   308  C C   . ASP A 1 55  ? 10.042  -5.703  2.240   1.00 24.48 ? 103 ASP A C   1 
ATOM   309  O O   . ASP A 1 55  ? 11.115  -5.671  1.683   1.00 21.30 ? 103 ASP A O   1 
ATOM   310  C CB  . ASP A 1 55  ? 9.632   -7.769  3.471   1.00 26.73 ? 103 ASP A CB  1 
ATOM   311  C CG  . ASP A 1 55  ? 9.387   -8.510  4.769   1.00 35.27 ? 103 ASP A CG  1 
ATOM   312  O OD1 . ASP A 1 55  ? 9.955   -8.089  5.783   1.00 37.12 ? 103 ASP A OD1 1 
ATOM   313  O OD2 . ASP A 1 55  ? 8.627   -9.512  4.731   1.00 42.94 ? 103 ASP A OD2 1 
ATOM   314  N N   . PHE A 1 56  ? 8.903   -5.312  1.656   1.00 21.39 ? 104 PHE A N   1 
ATOM   315  C CA  . PHE A 1 56  ? 8.906   -4.757  0.297   1.00 20.62 ? 104 PHE A CA  1 
ATOM   316  C C   . PHE A 1 56  ? 9.724   -3.461  0.289   1.00 22.22 ? 104 PHE A C   1 
ATOM   317  O O   . PHE A 1 56  ? 10.475  -3.226  -0.623  1.00 21.64 ? 104 PHE A O   1 
ATOM   318  C CB  . PHE A 1 56  ? 7.457   -4.524  -0.190  1.00 19.70 ? 104 PHE A CB  1 
ATOM   319  C CG  . PHE A 1 56  ? 7.355   -4.173  -1.652  1.00 19.46 ? 104 PHE A CG  1 
ATOM   320  C CD1 . PHE A 1 56  ? 7.226   -5.148  -2.610  1.00 18.54 ? 104 PHE A CD1 1 
ATOM   321  C CD2 . PHE A 1 56  ? 7.386   -2.845  -2.072  1.00 20.46 ? 104 PHE A CD2 1 
ATOM   322  C CE1 . PHE A 1 56  ? 7.198   -4.818  -3.957  1.00 19.41 ? 104 PHE A CE1 1 
ATOM   323  C CE2 . PHE A 1 56  ? 7.298   -2.504  -3.417  1.00 20.57 ? 104 PHE A CE2 1 
ATOM   324  C CZ  . PHE A 1 56  ? 7.204   -3.497  -4.356  1.00 20.05 ? 104 PHE A CZ  1 
ATOM   325  N N   . SER A 1 57  ? 9.538   -2.601  1.294   1.00 23.18 ? 105 SER A N   1 
ATOM   326  C CA  . SER A 1 57  ? 10.247  -1.347  1.393   1.00 27.92 ? 105 SER A CA  1 
ATOM   327  C C   . SER A 1 57  ? 11.754  -1.564  1.614   1.00 27.02 ? 105 SER A C   1 
ATOM   328  O O   . SER A 1 57  ? 12.580  -0.829  1.006   1.00 28.30 ? 105 SER A O   1 
ATOM   329  C CB  . SER A 1 57  ? 9.654   -0.462  2.452   1.00 28.80 ? 105 SER A CB  1 
ATOM   330  O OG  . SER A 1 57  ? 8.925   0.545   1.777   1.00 34.71 ? 105 SER A OG  1 
ATOM   331  N N   . LEU A 1 58  ? 12.088  -2.602  2.384   1.00 25.61 ? 106 LEU A N   1 
ATOM   332  C CA  . LEU A 1 58  ? 13.489  -2.928  2.655   1.00 30.45 ? 106 LEU A CA  1 
ATOM   333  C C   . LEU A 1 58  ? 14.184  -3.322  1.352   1.00 27.55 ? 106 LEU A C   1 
ATOM   334  O O   . LEU A 1 58  ? 15.241  -2.788  1.044   1.00 31.33 ? 106 LEU A O   1 
ATOM   335  C CB  . LEU A 1 58  ? 13.614  -4.047  3.693   1.00 36.25 ? 106 LEU A CB  1 
ATOM   336  C CG  . LEU A 1 58  ? 15.049  -4.311  4.167   1.00 43.32 ? 106 LEU A CG  1 
ATOM   337  C CD1 . LEU A 1 58  ? 15.677  -3.042  4.749   1.00 41.32 ? 106 LEU A CD1 1 
ATOM   338  C CD2 . LEU A 1 58  ? 15.082  -5.436  5.198   1.00 45.13 ? 106 LEU A CD2 1 
ATOM   339  N N   . ARG A 1 59  ? 13.540  -4.171  0.551   1.00 21.47 ? 107 ARG A N   1 
ATOM   340  C CA  . ARG A 1 59  ? 14.122  -4.650  -0.673  1.00 21.38 ? 107 ARG A CA  1 
ATOM   341  C C   . ARG A 1 59  ? 14.201  -3.510  -1.696  1.00 22.06 ? 107 ARG A C   1 
ATOM   342  O O   . ARG A 1 59  ? 15.157  -3.450  -2.366  1.00 19.99 ? 107 ARG A O   1 
ATOM   343  C CB  . ARG A 1 59  ? 13.313  -5.819  -1.249  1.00 23.05 ? 107 ARG A CB  1 
ATOM   344  C CG  . ARG A 1 59  ? 13.894  -6.430  -2.510  1.00 24.85 ? 107 ARG A CG  1 
ATOM   345  C CD  . ARG A 1 59  ? 13.364  -7.815  -2.859  1.00 28.30 ? 107 ARG A CD  1 
ATOM   346  N NE  . ARG A 1 59  ? 14.142  -8.401  -3.965  1.00 30.00 ? 107 ARG A NE  1 
ATOM   347  C CZ  . ARG A 1 59  ? 15.307  -9.038  -3.797  1.00 34.38 ? 107 ARG A CZ  1 
ATOM   348  N NH1 . ARG A 1 59  ? 15.775  -9.228  -2.566  1.00 31.98 ? 107 ARG A NH1 1 
ATOM   349  N NH2 . ARG A 1 59  ? 16.014  -9.445  -4.843  1.00 32.19 ? 107 ARG A NH2 1 
ATOM   350  N N   . TYR A 1 60  ? 13.134  -2.692  -1.871  1.00 19.57 ? 108 TYR A N   1 
ATOM   351  C CA  . TYR A 1 60  ? 13.019  -1.738  -3.003  1.00 20.55 ? 108 TYR A CA  1 
ATOM   352  C C   . TYR A 1 60  ? 13.181  -0.274  -2.567  1.00 22.72 ? 108 TYR A C   1 
ATOM   353  O O   . TYR A 1 60  ? 12.759  0.634   -3.289  1.00 20.54 ? 108 TYR A O   1 
ATOM   354  C CB  . TYR A 1 60  ? 11.674  -1.962  -3.710  1.00 20.06 ? 108 TYR A CB  1 
ATOM   355  C CG  . TYR A 1 60  ? 11.604  -3.352  -4.290  1.00 19.78 ? 108 TYR A CG  1 
ATOM   356  C CD1 . TYR A 1 60  ? 12.444  -3.754  -5.322  1.00 19.37 ? 108 TYR A CD1 1 
ATOM   357  C CD2 . TYR A 1 60  ? 10.777  -4.297  -3.729  1.00 18.42 ? 108 TYR A CD2 1 
ATOM   358  C CE1 . TYR A 1 60  ? 12.428  -5.058  -5.792  1.00 21.07 ? 108 TYR A CE1 1 
ATOM   359  C CE2 . TYR A 1 60  ? 10.717  -5.589  -4.226  1.00 21.26 ? 108 TYR A CE2 1 
ATOM   360  C CZ  . TYR A 1 60  ? 11.545  -5.975  -5.270  1.00 20.53 ? 108 TYR A CZ  1 
ATOM   361  O OH  . TYR A 1 60  ? 11.528  -7.278  -5.722  1.00 21.34 ? 108 TYR A OH  1 
ATOM   362  N N   . ARG A 1 61  ? 13.844  -0.049  -1.426  1.00 24.38 ? 109 ARG A N   1 
ATOM   363  C CA  A ARG A 1 61  ? 14.097  1.284   -0.877  0.50 24.63 ? 109 ARG A CA  1 
ATOM   364  C CA  B ARG A 1 61  ? 14.082  1.291   -0.882  0.50 25.50 ? 109 ARG A CA  1 
ATOM   365  C C   . ARG A 1 61  ? 14.618  2.217   -1.978  1.00 24.37 ? 109 ARG A C   1 
ATOM   366  O O   . ARG A 1 61  ? 14.101  3.311   -2.204  1.00 20.61 ? 109 ARG A O   1 
ATOM   367  C CB  A ARG A 1 61  ? 15.091  1.142   0.285   0.50 26.17 ? 109 ARG A CB  1 
ATOM   368  C CB  B ARG A 1 61  ? 15.078  1.215   0.285   0.50 28.42 ? 109 ARG A CB  1 
ATOM   369  C CG  A ARG A 1 61  ? 15.760  2.425   0.756   0.50 29.39 ? 109 ARG A CG  1 
ATOM   370  C CG  B ARG A 1 61  ? 15.327  2.533   1.008   0.50 33.33 ? 109 ARG A CG  1 
ATOM   371  C CD  A ARG A 1 61  ? 16.590  2.140   2.001   0.50 29.75 ? 109 ARG A CD  1 
ATOM   372  C CD  B ARG A 1 61  ? 15.945  2.318   2.385   0.50 34.74 ? 109 ARG A CD  1 
ATOM   373  N NE  A ARG A 1 61  ? 15.805  1.578   3.092   0.50 32.41 ? 109 ARG A NE  1 
ATOM   374  N NE  B ARG A 1 61  ? 17.379  2.590   2.518   0.50 40.03 ? 109 ARG A NE  1 
ATOM   375  C CZ  A ARG A 1 61  ? 16.318  1.070   4.210   0.50 35.91 ? 109 ARG A CZ  1 
ATOM   376  C CZ  B ARG A 1 61  ? 18.217  2.899   1.530   0.50 38.74 ? 109 ARG A CZ  1 
ATOM   377  N NH1 A ARG A 1 61  ? 17.607  1.202   4.467   0.50 38.61 ? 109 ARG A NH1 1 
ATOM   378  N NH1 B ARG A 1 61  ? 17.883  2.706   0.266   0.50 47.65 ? 109 ARG A NH1 1 
ATOM   379  N NH2 A ARG A 1 61  ? 15.554  0.396   5.052   0.50 32.75 ? 109 ARG A NH2 1 
ATOM   380  N NH2 B ARG A 1 61  ? 19.396  3.412   1.812   0.50 38.08 ? 109 ARG A NH2 1 
ATOM   381  N N   . ARG A 1 62  ? 15.659  1.783   -2.659  1.00 23.96 ? 110 ARG A N   1 
ATOM   382  C CA  . ARG A 1 62  ? 16.334  2.616   -3.674  1.00 28.59 ? 110 ARG A CA  1 
ATOM   383  C C   . ARG A 1 62  ? 15.407  2.933   -4.852  1.00 25.50 ? 110 ARG A C   1 
ATOM   384  O O   . ARG A 1 62  ? 15.452  4.038   -5.437  1.00 24.05 ? 110 ARG A O   1 
ATOM   385  C CB  . ARG A 1 62  ? 17.575  1.894   -4.207  1.00 32.96 ? 110 ARG A CB  1 
ATOM   386  C CG  . ARG A 1 62  ? 18.693  1.822   -3.186  1.00 44.07 ? 110 ARG A CG  1 
ATOM   387  C CD  . ARG A 1 62  ? 19.937  1.128   -3.713  1.00 50.86 ? 110 ARG A CD  1 
ATOM   388  N NE  . ARG A 1 62  ? 21.018  1.234   -2.738  1.00 59.57 ? 110 ARG A NE  1 
ATOM   389  C CZ  . ARG A 1 62  ? 22.313  1.062   -3.019  1.00 71.83 ? 110 ARG A CZ  1 
ATOM   390  N NH1 . ARG A 1 62  ? 22.684  0.683   -4.235  1.00 64.73 ? 110 ARG A NH1 1 
ATOM   391  N NH2 . ARG A 1 62  ? 23.227  1.282   -2.083  1.00 74.75 ? 110 ARG A NH2 1 
ATOM   392  N N   . ASP A 1 63  ? 14.628  1.931   -5.243  1.00 22.00 ? 111 ASP A N   1 
ATOM   393  C CA  . ASP A 1 63  ? 13.691  2.062   -6.333  1.00 21.36 ? 111 ASP A CA  1 
ATOM   394  C C   . ASP A 1 63  ? 12.625  3.082   -5.962  1.00 19.47 ? 111 ASP A C   1 
ATOM   395  O O   . ASP A 1 63  ? 12.221  3.874   -6.803  1.00 19.89 ? 111 ASP A O   1 
ATOM   396  C CB  . ASP A 1 63  ? 13.074  0.724   -6.713  1.00 21.98 ? 111 ASP A CB  1 
ATOM   397  C CG  . ASP A 1 63  ? 14.152  -0.295  -7.068  1.00 24.91 ? 111 ASP A CG  1 
ATOM   398  O OD1 . ASP A 1 63  ? 14.693  -0.210  -8.181  1.00 27.34 ? 111 ASP A OD1 1 
ATOM   399  O OD2 . ASP A 1 63  ? 14.478  -1.071  -6.196  1.00 26.09 ? 111 ASP A OD2 1 
ATOM   400  N N   . PHE A 1 64  ? 12.134  3.036   -4.720  1.00 17.25 ? 112 PHE A N   1 
ATOM   401  C CA  . PHE A 1 64  ? 11.138  4.049   -4.280  1.00 17.75 ? 112 PHE A CA  1 
ATOM   402  C C   . PHE A 1 64  ? 11.750  5.452   -4.404  1.00 19.05 ? 112 PHE A C   1 
ATOM   403  O O   . PHE A 1 64  ? 11.067  6.388   -4.764  1.00 17.28 ? 112 PHE A O   1 
ATOM   404  C CB  . PHE A 1 64  ? 10.627  3.806   -2.863  1.00 18.96 ? 112 PHE A CB  1 
ATOM   405  C CG  . PHE A 1 64  ? 9.499   2.823   -2.749  1.00 18.84 ? 112 PHE A CG  1 
ATOM   406  C CD1 . PHE A 1 64  ? 8.247   3.149   -3.252  1.00 20.11 ? 112 PHE A CD1 1 
ATOM   407  C CD2 . PHE A 1 64  ? 9.653   1.604   -2.091  1.00 19.92 ? 112 PHE A CD2 1 
ATOM   408  C CE1 . PHE A 1 64  ? 7.188   2.248   -3.152  1.00 22.05 ? 112 PHE A CE1 1 
ATOM   409  C CE2 . PHE A 1 64  ? 8.594   0.717   -1.977  1.00 20.90 ? 112 PHE A CE2 1 
ATOM   410  C CZ  . PHE A 1 64  ? 7.345   1.062   -2.466  1.00 18.91 ? 112 PHE A CZ  1 
ATOM   411  N N   . ALA A 1 65  ? 13.013  5.620   -3.981  1.00 18.26 ? 113 ALA A N   1 
ATOM   412  C CA  . ALA A 1 65  ? 13.643  6.913   -3.983  1.00 17.89 ? 113 ALA A CA  1 
ATOM   413  C C   . ALA A 1 65  ? 13.814  7.464   -5.393  1.00 17.68 ? 113 ALA A C   1 
ATOM   414  O O   . ALA A 1 65  ? 13.552  8.623   -5.594  1.00 20.19 ? 113 ALA A O   1 
ATOM   415  C CB  . ALA A 1 65  ? 14.981  6.827   -3.307  1.00 16.90 ? 113 ALA A CB  1 
ATOM   416  N N   . GLN A 1 66  ? 14.116  6.594   -6.345  1.00 18.69 ? 114 GLN A N   1 
ATOM   417  C CA  . GLN A 1 66  ? 14.257  6.963   -7.739  1.00 20.93 ? 114 GLN A CA  1 
ATOM   418  C C   . GLN A 1 66  ? 12.864  7.292   -8.308  1.00 21.14 ? 114 GLN A C   1 
ATOM   419  O O   . GLN A 1 66  ? 12.703  8.277   -8.968  1.00 23.15 ? 114 GLN A O   1 
ATOM   420  C CB  . GLN A 1 66  ? 14.948  5.862   -8.552  1.00 23.92 ? 114 GLN A CB  1 
ATOM   421  N N   . MET A 1 67  ? 11.860  6.473   -8.018  1.00 21.00 ? 115 MET A N   1 
ATOM   422  C CA  . MET A 1 67  ? 10.541  6.692   -8.568  1.00 22.70 ? 115 MET A CA  1 
ATOM   423  C C   . MET A 1 67  ? 9.930   8.012   -8.080  1.00 22.35 ? 115 MET A C   1 
ATOM   424  O O   . MET A 1 67  ? 9.274   8.693   -8.863  1.00 21.65 ? 115 MET A O   1 
ATOM   425  C CB  . MET A 1 67  ? 9.588   5.546   -8.234  1.00 21.85 ? 115 MET A CB  1 
ATOM   426  C CG  . MET A 1 67  ? 8.161   5.761   -8.777  1.00 22.81 ? 115 MET A CG  1 
ATOM   427  S SD  . MET A 1 67  ? 7.106   4.340   -8.434  1.00 25.17 ? 115 MET A SD  1 
ATOM   428  C CE  . MET A 1 67  ? 6.852   4.642   -6.701  1.00 22.46 ? 115 MET A CE  1 
ATOM   429  N N   . SER A 1 68  ? 10.049  8.314   -6.781  1.00 21.98 ? 116 SER A N   1 
ATOM   430  C CA  . SER A 1 68  ? 9.587   9.534   -6.197  1.00 22.73 ? 116 SER A CA  1 
ATOM   431  C C   . SER A 1 68  ? 10.103  10.752  -6.984  1.00 23.04 ? 116 SER A C   1 
ATOM   432  O O   . SER A 1 68  ? 9.362   11.669  -7.289  1.00 20.79 ? 116 SER A O   1 
ATOM   433  C CB  . SER A 1 68  ? 10.007  9.623   -4.756  1.00 24.66 ? 116 SER A CB  1 
ATOM   434  O OG  . SER A 1 68  ? 9.742   10.919  -4.256  1.00 31.27 ? 116 SER A OG  1 
ATOM   435  N N   . SER A 1 69  ? 11.390  10.750  -7.245  1.00 19.72 ? 117 SER A N   1 
ATOM   436  C CA  . SER A 1 69  ? 12.091  11.782  -8.008  1.00 24.63 ? 117 SER A CA  1 
ATOM   437  C C   . SER A 1 69  ? 11.467  11.948  -9.399  1.00 26.82 ? 117 SER A C   1 
ATOM   438  O O   . SER A 1 69  ? 11.108  13.102  -9.798  1.00 26.86 ? 117 SER A O   1 
ATOM   439  C CB  . SER A 1 69  ? 13.589  11.470  -7.973  1.00 26.46 ? 117 SER A CB  1 
ATOM   440  O OG  . SER A 1 69  ? 14.330  12.407  -8.703  1.00 29.60 ? 117 SER A OG  1 
ATOM   441  N N   . GLN A 1 70  ? 11.142  10.834  -10.056 1.00 23.65 ? 118 GLN A N   1 
ATOM   442  C CA  . GLN A 1 70  ? 10.520  10.855  -11.386 1.00 29.23 ? 118 GLN A CA  1 
ATOM   443  C C   . GLN A 1 70  ? 9.102   11.457  -11.300 1.00 27.92 ? 118 GLN A C   1 
ATOM   444  O O   . GLN A 1 70  ? 8.696   12.187  -12.180 1.00 29.22 ? 118 GLN A O   1 
ATOM   445  C CB  . GLN A 1 70  ? 10.423  9.441   -11.978 1.00 32.25 ? 118 GLN A CB  1 
ATOM   446  C CG  . GLN A 1 70  ? 11.753  8.711   -12.138 1.00 39.26 ? 118 GLN A CG  1 
ATOM   447  C CD  . GLN A 1 70  ? 11.631  7.205   -12.316 1.00 47.96 ? 118 GLN A CD  1 
ATOM   448  O OE1 . GLN A 1 70  ? 10.546  6.612   -12.318 1.00 50.15 ? 118 GLN A OE1 1 
ATOM   449  N NE2 . GLN A 1 70  ? 12.776  6.553   -12.471 1.00 53.79 ? 118 GLN A NE2 1 
ATOM   450  N N   . LEU A 1 71  ? 8.348   11.144  -10.237 1.00 22.97 ? 119 LEU A N   1 
ATOM   451  C CA  . LEU A 1 71  ? 6.917   11.479  -10.127 1.00 26.85 ? 119 LEU A CA  1 
ATOM   452  C C   . LEU A 1 71  ? 6.715   12.940  -9.718  1.00 26.16 ? 119 LEU A C   1 
ATOM   453  O O   . LEU A 1 71  ? 5.674   13.483  -10.044 1.00 26.63 ? 119 LEU A O   1 
ATOM   454  C CB  . LEU A 1 71  ? 6.229   10.568  -9.098  1.00 30.02 ? 119 LEU A CB  1 
ATOM   455  C CG  . LEU A 1 71  ? 6.152   9.076   -9.459  1.00 33.69 ? 119 LEU A CG  1 
ATOM   456  C CD1 . LEU A 1 71  ? 5.543   8.307   -8.315  1.00 34.74 ? 119 LEU A CD1 1 
ATOM   457  C CD2 . LEU A 1 71  ? 5.349   8.823   -10.724 1.00 34.23 ? 119 LEU A CD2 1 
ATOM   458  N N   . HIS A 1 72  ? 7.626   13.484  -8.894  1.00 24.28 ? 120 HIS A N   1 
ATOM   459  C CA  . HIS A 1 72  ? 7.599   14.863  -8.467  1.00 26.12 ? 120 HIS A CA  1 
ATOM   460  C C   . HIS A 1 72  ? 6.239   15.186  -7.870  1.00 24.60 ? 120 HIS A C   1 
ATOM   461  O O   . HIS A 1 72  ? 5.472   15.927  -8.437  1.00 26.92 ? 120 HIS A O   1 
ATOM   462  C CB  . HIS A 1 72  ? 7.895   15.823  -9.620  1.00 28.07 ? 120 HIS A CB  1 
ATOM   463  C CG  . HIS A 1 72  ? 8.079   17.227  -9.164  1.00 33.02 ? 120 HIS A CG  1 
ATOM   464  N ND1 . HIS A 1 72  ? 9.070   17.580  -8.236  1.00 37.84 ? 120 HIS A ND1 1 
ATOM   465  C CD2 . HIS A 1 72  ? 7.421   18.365  -9.473  1.00 34.24 ? 120 HIS A CD2 1 
ATOM   466  C CE1 . HIS A 1 72  ? 9.025   18.876  -8.022  1.00 34.40 ? 120 HIS A CE1 1 
ATOM   467  N NE2 . HIS A 1 72  ? 8.015   19.387  -8.772  1.00 37.82 ? 120 HIS A NE2 1 
ATOM   468  N N   . LEU A 1 73  ? 5.998   14.659  -6.670  1.00 23.97 ? 121 LEU A N   1 
ATOM   469  C CA  . LEU A 1 73  ? 4.767   14.805  -6.000  1.00 24.14 ? 121 LEU A CA  1 
ATOM   470  C C   . LEU A 1 73  ? 4.417   16.278  -5.747  1.00 24.12 ? 121 LEU A C   1 
ATOM   471  O O   . LEU A 1 73  ? 5.176   16.970  -5.088  1.00 22.71 ? 121 LEU A O   1 
ATOM   472  C CB  . LEU A 1 73  ? 4.903   14.103  -4.660  1.00 23.56 ? 121 LEU A CB  1 
ATOM   473  C CG  . LEU A 1 73  ? 3.623   14.027  -3.853  1.00 26.97 ? 121 LEU A CG  1 
ATOM   474  C CD1 . LEU A 1 73  ? 2.586   13.192  -4.594  1.00 26.96 ? 121 LEU A CD1 1 
ATOM   475  C CD2 . LEU A 1 73  ? 3.907   13.451  -2.463  1.00 27.42 ? 121 LEU A CD2 1 
ATOM   476  N N   . THR A 1 74  ? 3.191   16.661  -6.151  1.00 23.67 ? 122 THR A N   1 
ATOM   477  C CA  . THR A 1 74  ? 2.551   17.967  -5.868  1.00 23.88 ? 122 THR A CA  1 
ATOM   478  C C   . THR A 1 74  ? 1.048   17.755  -5.782  1.00 26.60 ? 122 THR A C   1 
ATOM   479  O O   . THR A 1 74  ? 0.530   16.739  -6.272  1.00 23.11 ? 122 THR A O   1 
ATOM   480  C CB  . THR A 1 74  ? 2.848   19.016  -6.938  1.00 27.28 ? 122 THR A CB  1 
ATOM   481  O OG1 . THR A 1 74  ? 2.110   18.689  -8.114  1.00 26.69 ? 122 THR A OG1 1 
ATOM   482  C CG2 . THR A 1 74  ? 4.313   19.097  -7.307  1.00 26.59 ? 122 THR A CG2 1 
ATOM   483  N N   . PRO A 1 75  ? 0.278   18.645  -5.112  1.00 29.73 ? 123 PRO A N   1 
ATOM   484  C CA  . PRO A 1 75  ? -1.172  18.436  -5.010  1.00 30.95 ? 123 PRO A CA  1 
ATOM   485  C C   . PRO A 1 75  ? -1.845  18.338  -6.390  1.00 27.19 ? 123 PRO A C   1 
ATOM   486  O O   . PRO A 1 75  ? -2.785  17.556  -6.562  1.00 30.47 ? 123 PRO A O   1 
ATOM   487  C CB  . PRO A 1 75  ? -1.624  19.602  -4.116  1.00 31.26 ? 123 PRO A CB  1 
ATOM   488  C CG  . PRO A 1 75  ? -0.384  19.870  -3.288  1.00 32.05 ? 123 PRO A CG  1 
ATOM   489  C CD  . PRO A 1 75  ? 0.730   19.805  -4.318  1.00 30.70 ? 123 PRO A CD  1 
ATOM   490  N N   . GLY A 1 76  ? -1.265  18.997  -7.385  1.00 27.07 ? 124 GLY A N   1 
ATOM   491  C CA  . GLY A 1 76  ? -1.799  19.106  -8.702  1.00 28.58 ? 124 GLY A CA  1 
ATOM   492  C C   . GLY A 1 76  ? -1.616  17.858  -9.552  1.00 29.09 ? 124 GLY A C   1 
ATOM   493  O O   . GLY A 1 76  ? -2.356  17.674  -10.526 1.00 27.39 ? 124 GLY A O   1 
ATOM   494  N N   . THR A 1 77  ? -0.570  17.052  -9.261  1.00 26.03 ? 125 THR A N   1 
ATOM   495  C CA  . THR A 1 77  ? -0.176  15.926  -10.080 1.00 25.96 ? 125 THR A CA  1 
ATOM   496  C C   . THR A 1 77  ? -0.242  14.592  -9.302  1.00 25.11 ? 125 THR A C   1 
ATOM   497  O O   . THR A 1 77  ? 0.051   13.537  -9.847  1.00 22.58 ? 125 THR A O   1 
ATOM   498  C CB  . THR A 1 77  ? 1.231   16.168  -10.618 1.00 28.13 ? 125 THR A CB  1 
ATOM   499  O OG1 . THR A 1 77  ? 2.057   16.272  -9.464  1.00 25.67 ? 125 THR A OG1 1 
ATOM   500  C CG2 . THR A 1 77  ? 1.343   17.430  -11.448 1.00 32.14 ? 125 THR A CG2 1 
ATOM   501  N N   . ALA A 1 78  ? -0.645  14.637  -8.032  1.00 24.18 ? 126 ALA A N   1 
ATOM   502  C CA  . ALA A 1 78  ? -0.639  13.449  -7.193  1.00 24.94 ? 126 ALA A CA  1 
ATOM   503  C C   . ALA A 1 78  ? -1.556  12.365  -7.772  1.00 25.21 ? 126 ALA A C   1 
ATOM   504  O O   . ALA A 1 78  ? -1.163  11.219  -7.877  1.00 19.08 ? 126 ALA A O   1 
ATOM   505  C CB  . ALA A 1 78  ? -1.058  13.786  -5.779  1.00 26.69 ? 126 ALA A CB  1 
ATOM   506  N N   . TYR A 1 79  ? -2.804  12.729  -8.117  1.00 20.66 ? 127 TYR A N   1 
ATOM   507  C CA  . TYR A 1 79  ? -3.718  11.720  -8.653  1.00 21.67 ? 127 TYR A CA  1 
ATOM   508  C C   . TYR A 1 79  ? -3.185  11.095  -9.950  1.00 19.99 ? 127 TYR A C   1 
ATOM   509  O O   . TYR A 1 79  ? -3.230  9.876   -10.117 1.00 21.57 ? 127 TYR A O   1 
ATOM   510  C CB  . TYR A 1 79  ? -5.148  12.257  -8.826  1.00 22.12 ? 127 TYR A CB  1 
ATOM   511  C CG  . TYR A 1 79  ? -6.046  11.167  -9.364  1.00 24.04 ? 127 TYR A CG  1 
ATOM   512  C CD1 . TYR A 1 79  ? -6.491  10.162  -8.515  1.00 22.02 ? 127 TYR A CD1 1 
ATOM   513  C CD2 . TYR A 1 79  ? -6.409  11.090  -10.702 1.00 24.03 ? 127 TYR A CD2 1 
ATOM   514  C CE1 . TYR A 1 79  ? -7.235  9.096   -9.002  1.00 24.84 ? 127 TYR A CE1 1 
ATOM   515  C CE2 . TYR A 1 79  ? -7.155  10.025  -11.197 1.00 26.01 ? 127 TYR A CE2 1 
ATOM   516  C CZ  . TYR A 1 79  ? -7.574  9.028   -10.335 1.00 26.12 ? 127 TYR A CZ  1 
ATOM   517  O OH  . TYR A 1 79  ? -8.316  7.963   -10.773 1.00 27.76 ? 127 TYR A OH  1 
ATOM   518  N N   . ALA A 1 80  ? -2.683  11.902  -10.882 1.00 18.61 ? 128 ALA A N   1 
ATOM   519  C CA  . ALA A 1 80  ? -2.185  11.408  -12.110 1.00 20.13 ? 128 ALA A CA  1 
ATOM   520  C C   . ALA A 1 80  ? -1.025  10.436  -11.822 1.00 20.93 ? 128 ALA A C   1 
ATOM   521  O O   . ALA A 1 80  ? -0.886  9.405   -12.478 1.00 21.29 ? 128 ALA A O   1 
ATOM   522  C CB  . ALA A 1 80  ? -1.708  12.545  -12.960 1.00 21.52 ? 128 ALA A CB  1 
ATOM   523  N N   . SER A 1 81  ? -0.201  10.768  -10.826 1.00 23.50 ? 129 SER A N   1 
ATOM   524  C CA  . SER A 1 81  ? 0.994   9.883   -10.530 1.00 21.11 ? 129 SER A CA  1 
ATOM   525  C C   . SER A 1 81  ? 0.514   8.576   -9.914  1.00 20.16 ? 129 SER A C   1 
ATOM   526  O O   . SER A 1 81  ? 1.007   7.488   -10.269 1.00 22.38 ? 129 SER A O   1 
ATOM   527  C CB  . SER A 1 81  ? 1.950   10.580  -9.627  1.00 22.50 ? 129 SER A CB  1 
ATOM   528  O OG  . SER A 1 81  ? 2.497   11.709  -10.269 1.00 22.90 ? 129 SER A OG  1 
ATOM   529  N N   . PHE A 1 82  ? -0.400  8.686   -8.948  1.00 22.35 ? 130 PHE A N   1 
ATOM   530  C CA  . PHE A 1 82  ? -1.026  7.522   -8.340  1.00 22.06 ? 130 PHE A CA  1 
ATOM   531  C C   . PHE A 1 82  ? -1.573  6.590   -9.436  1.00 22.23 ? 130 PHE A C   1 
ATOM   532  O O   . PHE A 1 82  ? -1.260  5.380   -9.416  1.00 23.42 ? 130 PHE A O   1 
ATOM   533  C CB  . PHE A 1 82  ? -2.100  7.904   -7.318  1.00 22.18 ? 130 PHE A CB  1 
ATOM   534  C CG  . PHE A 1 82  ? -2.776  6.723   -6.655  1.00 22.90 ? 130 PHE A CG  1 
ATOM   535  C CD1 . PHE A 1 82  ? -3.890  6.120   -7.226  1.00 23.24 ? 130 PHE A CD1 1 
ATOM   536  C CD2 . PHE A 1 82  ? -2.275  6.204   -5.478  1.00 22.83 ? 130 PHE A CD2 1 
ATOM   537  C CE1 . PHE A 1 82  ? -4.499  5.031   -6.622  1.00 24.24 ? 130 PHE A CE1 1 
ATOM   538  C CE2 . PHE A 1 82  ? -2.873  5.110   -4.877  1.00 23.45 ? 130 PHE A CE2 1 
ATOM   539  C CZ  . PHE A 1 82  ? -3.977  4.516   -5.462  1.00 25.41 ? 130 PHE A CZ  1 
ATOM   540  N N   . ALA A 1 83  ? -2.410  7.119   -10.343 1.00 21.79 ? 131 ALA A N   1 
ATOM   541  C CA  . ALA A 1 83  ? -3.043  6.354   -11.446 1.00 23.23 ? 131 ALA A CA  1 
ATOM   542  C C   . ALA A 1 83  ? -2.003  5.686   -12.354 1.00 23.07 ? 131 ALA A C   1 
ATOM   543  O O   . ALA A 1 83  ? -2.185  4.505   -12.729 1.00 24.89 ? 131 ALA A O   1 
ATOM   544  C CB  . ALA A 1 83  ? -3.983  7.221   -12.274 1.00 25.33 ? 131 ALA A CB  1 
ATOM   545  N N   . THR A 1 84  ? -0.962  6.430   -12.719 1.00 23.43 ? 132 THR A N   1 
ATOM   546  C CA  . THR A 1 84  ? 0.138   5.954   -13.548 1.00 24.93 ? 132 THR A CA  1 
ATOM   547  C C   . THR A 1 84  ? 0.872   4.775   -12.896 1.00 24.24 ? 132 THR A C   1 
ATOM   548  O O   . THR A 1 84  ? 1.146   3.785   -13.555 1.00 24.46 ? 132 THR A O   1 
ATOM   549  C CB  . THR A 1 84  ? 1.132   7.074   -13.850 1.00 26.81 ? 132 THR A CB  1 
ATOM   550  O OG1 . THR A 1 84  ? 0.395   8.134   -14.476 1.00 29.58 ? 132 THR A OG1 1 
ATOM   551  C CG2 . THR A 1 84  ? 2.297   6.611   -14.695 1.00 27.08 ? 132 THR A CG2 1 
ATOM   552  N N   . VAL A 1 85  ? 1.251   4.920   -11.627 1.00 22.72 ? 133 VAL A N   1 
ATOM   553  C CA  . VAL A 1 85  ? 1.964   3.871   -10.937 1.00 21.67 ? 133 VAL A CA  1 
ATOM   554  C C   . VAL A 1 85  ? 1.123   2.592   -10.875 1.00 19.70 ? 133 VAL A C   1 
ATOM   555  O O   . VAL A 1 85  ? 1.598   1.505   -11.161 1.00 19.14 ? 133 VAL A O   1 
ATOM   556  C CB  . VAL A 1 85  ? 2.374   4.312   -9.524  1.00 21.86 ? 133 VAL A CB  1 
ATOM   557  C CG1 . VAL A 1 85  ? 2.978   3.158   -8.745  1.00 22.52 ? 133 VAL A CG1 1 
ATOM   558  C CG2 . VAL A 1 85  ? 3.335   5.462   -9.587  1.00 22.14 ? 133 VAL A CG2 1 
ATOM   559  N N   . VAL A 1 86  ? -0.126  2.728   -10.465 1.00 23.86 ? 134 VAL A N   1 
ATOM   560  C CA  . VAL A 1 86  ? -1.029  1.610   -10.266 1.00 24.85 ? 134 VAL A CA  1 
ATOM   561  C C   . VAL A 1 86  ? -1.301  0.917   -11.613 1.00 27.18 ? 134 VAL A C   1 
ATOM   562  O O   . VAL A 1 86  ? -1.324  -0.331  -11.699 1.00 24.82 ? 134 VAL A O   1 
ATOM   563  C CB  . VAL A 1 86  ? -2.289  2.095   -9.547  1.00 26.87 ? 134 VAL A CB  1 
ATOM   564  C CG1 . VAL A 1 86  ? -3.401  1.082   -9.619  1.00 32.20 ? 134 VAL A CG1 1 
ATOM   565  C CG2 . VAL A 1 86  ? -1.954  2.418   -8.096  1.00 29.13 ? 134 VAL A CG2 1 
ATOM   566  N N   . ALA A 1 87  ? -1.424  1.692   -12.687 1.00 24.31 ? 135 ALA A N   1 
ATOM   567  C CA  . ALA A 1 87  ? -1.633  1.081   -14.019 1.00 26.24 ? 135 ALA A CA  1 
ATOM   568  C C   . ALA A 1 87  ? -0.425  0.221   -14.436 1.00 25.99 ? 135 ALA A C   1 
ATOM   569  O O   . ALA A 1 87  ? -0.586  -0.831  -15.035 1.00 25.49 ? 135 ALA A O   1 
ATOM   570  C CB  . ALA A 1 87  ? -1.923  2.130   -15.048 1.00 27.29 ? 135 ALA A CB  1 
ATOM   571  N N   . GLU A 1 88  ? 0.788   0.695   -14.177 1.00 24.58 ? 136 GLU A N   1 
ATOM   572  C CA  . GLU A 1 88  ? 2.007   -0.089  -14.515 1.00 26.93 ? 136 GLU A CA  1 
ATOM   573  C C   . GLU A 1 88  ? 2.123   -1.326  -13.619 1.00 25.17 ? 136 GLU A C   1 
ATOM   574  O O   . GLU A 1 88  ? 2.438   -2.410  -14.112 1.00 25.21 ? 136 GLU A O   1 
ATOM   575  C CB  . GLU A 1 88  ? 3.256   0.784   -14.415 1.00 31.29 ? 136 GLU A CB  1 
ATOM   576  C CG  . GLU A 1 88  ? 3.378   1.783   -15.540 1.00 35.40 ? 136 GLU A CG  1 
ATOM   577  C CD  . GLU A 1 88  ? 3.137   1.161   -16.904 1.00 41.28 ? 136 GLU A CD  1 
ATOM   578  O OE1 . GLU A 1 88  ? 4.059   0.453   -17.323 1.00 39.95 ? 136 GLU A OE1 1 
ATOM   579  O OE2 . GLU A 1 88  ? 1.977   1.303   -17.499 1.00 44.28 ? 136 GLU A OE2 1 
ATOM   580  N N   . LEU A 1 89  ? 1.886   -1.147  -12.305 1.00 23.62 ? 137 LEU A N   1 
ATOM   581  C CA  . LEU A 1 89  ? 1.972   -2.222  -11.308 1.00 21.95 ? 137 LEU A CA  1 
ATOM   582  C C   . LEU A 1 89  ? 1.143   -3.434  -11.717 1.00 19.85 ? 137 LEU A C   1 
ATOM   583  O O   . LEU A 1 89  ? 1.599   -4.592  -11.650 1.00 16.83 ? 137 LEU A O   1 
ATOM   584  C CB  . LEU A 1 89  ? 1.515   -1.694  -9.942  1.00 21.25 ? 137 LEU A CB  1 
ATOM   585  C CG  . LEU A 1 89  ? 1.458   -2.743  -8.830  1.00 19.67 ? 137 LEU A CG  1 
ATOM   586  C CD1 . LEU A 1 89  ? 2.811   -3.473  -8.660  1.00 20.16 ? 137 LEU A CD1 1 
ATOM   587  C CD2 . LEU A 1 89  ? 1.080   -2.053  -7.541  1.00 19.56 ? 137 LEU A CD2 1 
ATOM   588  N N   . PHE A 1 90  ? -0.081  -3.178  -12.159 1.00 20.04 ? 138 PHE A N   1 
ATOM   589  C CA  . PHE A 1 90  ? -1.016  -4.257  -12.457 1.00 21.81 ? 138 PHE A CA  1 
ATOM   590  C C   . PHE A 1 90  ? -1.159  -4.557  -13.950 1.00 24.77 ? 138 PHE A C   1 
ATOM   591  O O   . PHE A 1 90  ? -2.064  -5.324  -14.327 1.00 23.95 ? 138 PHE A O   1 
ATOM   592  C CB  . PHE A 1 90  ? -2.386  -3.886  -11.896 1.00 21.62 ? 138 PHE A CB  1 
ATOM   593  C CG  . PHE A 1 90  ? -2.377  -3.935  -10.396 1.00 20.51 ? 138 PHE A CG  1 
ATOM   594  C CD1 . PHE A 1 90  ? -2.173  -5.139  -9.739  1.00 20.75 ? 138 PHE A CD1 1 
ATOM   595  C CD2 . PHE A 1 90  ? -2.510  -2.778  -9.647  1.00 21.12 ? 138 PHE A CD2 1 
ATOM   596  C CE1 . PHE A 1 90  ? -2.210  -5.189  -8.364  1.00 18.95 ? 138 PHE A CE1 1 
ATOM   597  C CE2 . PHE A 1 90  ? -2.504  -2.834  -8.259  1.00 19.45 ? 138 PHE A CE2 1 
ATOM   598  C CZ  . PHE A 1 90  ? -2.377  -4.033  -7.638  1.00 21.03 ? 138 PHE A CZ  1 
ATOM   599  N N   . ARG A 1 91  ? -0.245  -4.048  -14.762 1.00 22.10 ? 139 ARG A N   1 
ATOM   600  C CA  . ARG A 1 91  ? -0.293  -4.242  -16.218 1.00 27.64 ? 139 ARG A CA  1 
ATOM   601  C C   . ARG A 1 91  ? -0.297  -5.725  -16.618 1.00 28.19 ? 139 ARG A C   1 
ATOM   602  O O   . ARG A 1 91  ? -0.920  -6.036  -17.650 1.00 29.71 ? 139 ARG A O   1 
ATOM   603  C CB  . ARG A 1 91  ? 0.907   -3.585  -16.894 1.00 30.52 ? 139 ARG A CB  1 
ATOM   604  C CG  . ARG A 1 91  ? 0.791   -3.452  -18.406 1.00 38.46 ? 139 ARG A CG  1 
ATOM   605  C CD  . ARG A 1 91  ? 1.924   -2.599  -18.961 1.00 49.36 ? 139 ARG A CD  1 
ATOM   606  N NE  . ARG A 1 91  ? 3.004   -3.410  -19.513 1.00 59.81 ? 139 ARG A NE  1 
ATOM   607  C CZ  . ARG A 1 91  ? 4.104   -2.936  -20.089 1.00 59.34 ? 139 ARG A CZ  1 
ATOM   608  N NH1 . ARG A 1 91  ? 4.952   -2.158  -19.434 1.00 57.69 ? 139 ARG A NH1 1 
ATOM   609  N NH2 . ARG A 1 91  ? 4.349   -3.258  -21.343 1.00 58.66 ? 139 ARG A NH2 1 
ATOM   610  N N   . ASP A 1 92  ? 0.396   -6.598  -15.865 1.00 26.88 ? 140 ASP A N   1 
ATOM   611  C CA  . ASP A 1 92  ? 0.466   -8.041  -16.154 1.00 25.20 ? 140 ASP A CA  1 
ATOM   612  C C   . ASP A 1 92  ? -0.468  -8.834  -15.253 1.00 25.58 ? 140 ASP A C   1 
ATOM   613  O O   . ASP A 1 92  ? -0.319  -10.054 -15.178 1.00 23.18 ? 140 ASP A O   1 
ATOM   614  C CB  . ASP A 1 92  ? 1.895   -8.547  -16.044 1.00 28.09 ? 140 ASP A CB  1 
ATOM   615  C CG  . ASP A 1 92  ? 2.770   -8.013  -17.154 1.00 28.46 ? 140 ASP A CG  1 
ATOM   616  O OD1 . ASP A 1 92  ? 2.228   -7.709  -18.228 1.00 25.12 ? 140 ASP A OD1 1 
ATOM   617  O OD2 . ASP A 1 92  ? 3.995   -7.918  -16.922 1.00 29.78 ? 140 ASP A OD2 1 
ATOM   618  N N   . GLY A 1 93  ? -1.479  -8.158  -14.693 1.00 21.01 ? 141 GLY A N   1 
ATOM   619  C CA  . GLY A 1 93  ? -2.524  -8.781  -13.969 1.00 22.55 ? 141 GLY A CA  1 
ATOM   620  C C   . GLY A 1 93  ? -2.291  -8.661  -12.484 1.00 23.71 ? 141 GLY A C   1 
ATOM   621  O O   . GLY A 1 93  ? -1.222  -8.160  -12.058 1.00 24.04 ? 141 GLY A O   1 
ATOM   622  N N   . VAL A 1 94  ? -3.264  -9.124  -11.701 1.00 24.76 ? 142 VAL A N   1 
ATOM   623  C CA  . VAL A 1 94  ? -3.225  -9.016  -10.226 1.00 25.40 ? 142 VAL A CA  1 
ATOM   624  C C   . VAL A 1 94  ? -2.636  -10.296 -9.618  1.00 22.14 ? 142 VAL A C   1 
ATOM   625  O O   . VAL A 1 94  ? -2.932  -11.406 -10.057 1.00 19.60 ? 142 VAL A O   1 
ATOM   626  C CB  . VAL A 1 94  ? -4.628  -8.695  -9.674  1.00 25.55 ? 142 VAL A CB  1 
ATOM   627  C CG1 . VAL A 1 94  ? -4.675  -8.535  -8.161  1.00 24.57 ? 142 VAL A CG1 1 
ATOM   628  C CG2 . VAL A 1 94  ? -5.176  -7.468  -10.363 1.00 23.57 ? 142 VAL A CG2 1 
ATOM   629  N N   . ASN A 1 95  ? -1.787  -10.115 -8.592  1.00 22.08 ? 143 ASN A N   1 
ATOM   630  C CA  . ASN A 1 95  ? -1.521  -11.174 -7.659  1.00 20.24 ? 143 ASN A CA  1 
ATOM   631  C C   . ASN A 1 95  ? -1.240  -10.525 -6.296  1.00 19.74 ? 143 ASN A C   1 
ATOM   632  O O   . ASN A 1 95  ? -1.141  -9.299  -6.185  1.00 19.10 ? 143 ASN A O   1 
ATOM   633  C CB  . ASN A 1 95  ? -0.430  -12.121 -8.175  1.00 21.64 ? 143 ASN A CB  1 
ATOM   634  C CG  . ASN A 1 95  ? 0.927   -11.481 -8.439  1.00 22.12 ? 143 ASN A CG  1 
ATOM   635  O OD1 . ASN A 1 95  ? 1.328   -10.486 -7.793  1.00 19.40 ? 143 ASN A OD1 1 
ATOM   636  N ND2 . ASN A 1 95  ? 1.667   -12.061 -9.384  1.00 20.61 ? 143 ASN A ND2 1 
ATOM   637  N N   . TRP A 1 96  ? -1.131  -11.360 -5.256  1.00 18.80 ? 144 TRP A N   1 
ATOM   638  C CA  . TRP A 1 96  ? -0.944  -10.852 -3.931  1.00 21.47 ? 144 TRP A CA  1 
ATOM   639  C C   . TRP A 1 96  ? 0.315   -9.970  -3.829  1.00 20.85 ? 144 TRP A C   1 
ATOM   640  O O   . TRP A 1 96  ? 0.294   -8.940  -3.130  1.00 19.27 ? 144 TRP A O   1 
ATOM   641  C CB  . TRP A 1 96  ? -0.937  -11.993 -2.921  1.00 19.78 ? 144 TRP A CB  1 
ATOM   642  C CG  . TRP A 1 96  ? -2.292  -12.573 -2.707  1.00 22.73 ? 144 TRP A CG  1 
ATOM   643  C CD1 . TRP A 1 96  ? -2.673  -13.860 -2.938  1.00 24.50 ? 144 TRP A CD1 1 
ATOM   644  C CD2 . TRP A 1 96  ? -3.457  -11.890 -2.212  1.00 25.22 ? 144 TRP A CD2 1 
ATOM   645  N NE1 . TRP A 1 96  ? -3.985  -14.023 -2.586  1.00 27.68 ? 144 TRP A NE1 1 
ATOM   646  C CE2 . TRP A 1 96  ? -4.491  -12.849 -2.126  1.00 28.33 ? 144 TRP A CE2 1 
ATOM   647  C CE3 . TRP A 1 96  ? -3.713  -10.595 -1.747  1.00 27.21 ? 144 TRP A CE3 1 
ATOM   648  C CZ2 . TRP A 1 96  ? -5.762  -12.539 -1.654  1.00 26.78 ? 144 TRP A CZ2 1 
ATOM   649  C CZ3 . TRP A 1 96  ? -4.978  -10.284 -1.294  1.00 28.43 ? 144 TRP A CZ3 1 
ATOM   650  C CH2 . TRP A 1 96  ? -5.987  -11.249 -1.249  1.00 28.40 ? 144 TRP A CH2 1 
ATOM   651  N N   . GLY A 1 97  ? 1.402   -10.395 -4.488  1.00 20.27 ? 145 GLY A N   1 
ATOM   652  C CA  . GLY A 1 97  ? 2.664   -9.671  -4.394  1.00 22.25 ? 145 GLY A CA  1 
ATOM   653  C C   . GLY A 1 97  ? 2.483   -8.225  -4.859  1.00 20.39 ? 145 GLY A C   1 
ATOM   654  O O   . GLY A 1 97  ? 3.059   -7.286  -4.297  1.00 19.41 ? 145 GLY A O   1 
ATOM   655  N N   . ARG A 1 98  ? 1.667   -8.054  -5.896  1.00 19.84 ? 146 ARG A N   1 
ATOM   656  C CA  . ARG A 1 98  ? 1.451   -6.764  -6.533  1.00 21.94 ? 146 ARG A CA  1 
ATOM   657  C C   . ARG A 1 98  ? 0.496   -5.946  -5.668  1.00 20.39 ? 146 ARG A C   1 
ATOM   658  O O   . ARG A 1 98  ? 0.646   -4.732  -5.581  1.00 21.11 ? 146 ARG A O   1 
ATOM   659  C CB  . ARG A 1 98  ? 0.942   -6.974  -7.965  1.00 23.03 ? 146 ARG A CB  1 
ATOM   660  C CG  . ARG A 1 98  ? 2.049   -7.485  -8.878  1.00 22.94 ? 146 ARG A CG  1 
ATOM   661  C CD  . ARG A 1 98  ? 1.572   -7.936  -10.250 1.00 23.01 ? 146 ARG A CD  1 
ATOM   662  N NE  . ARG A 1 98  ? 2.653   -8.641  -10.944 1.00 22.94 ? 146 ARG A NE  1 
ATOM   663  C CZ  . ARG A 1 98  ? 2.439   -9.431  -11.991 1.00 22.58 ? 146 ARG A CZ  1 
ATOM   664  N NH1 . ARG A 1 98  ? 1.261   -9.424  -12.614 1.00 20.83 ? 146 ARG A NH1 1 
ATOM   665  N NH2 . ARG A 1 98  ? 3.402   -10.227 -12.388 1.00 20.36 ? 146 ARG A NH2 1 
ATOM   666  N N   . ILE A 1 99  ? -0.414  -6.625  -4.958  1.00 18.33 ? 147 ILE A N   1 
ATOM   667  C CA  . ILE A 1 99  ? -1.285  -5.972  -3.990  1.00 19.48 ? 147 ILE A CA  1 
ATOM   668  C C   . ILE A 1 99  ? -0.457  -5.453  -2.805  1.00 18.71 ? 147 ILE A C   1 
ATOM   669  O O   . ILE A 1 99  ? -0.669  -4.334  -2.343  1.00 18.43 ? 147 ILE A O   1 
ATOM   670  C CB  . ILE A 1 99  ? -2.444  -6.896  -3.572  1.00 21.29 ? 147 ILE A CB  1 
ATOM   671  C CG1 . ILE A 1 99  ? -3.430  -7.069  -4.735  1.00 22.55 ? 147 ILE A CG1 1 
ATOM   672  C CG2 . ILE A 1 99  ? -3.152  -6.384  -2.342  1.00 21.16 ? 147 ILE A CG2 1 
ATOM   673  C CD1 . ILE A 1 99  ? -4.534  -8.046  -4.434  1.00 22.21 ? 147 ILE A CD1 1 
ATOM   674  N N   . VAL A 1 100 ? 0.558   -6.204  -2.373  1.00 16.56 ? 148 VAL A N   1 
ATOM   675  C CA  . VAL A 1 100 ? 1.439   -5.714  -1.291  1.00 15.44 ? 148 VAL A CA  1 
ATOM   676  C C   . VAL A 1 100 ? 2.163   -4.463  -1.774  1.00 16.27 ? 148 VAL A C   1 
ATOM   677  O O   . VAL A 1 100 ? 2.263   -3.469  -1.033  1.00 17.42 ? 148 VAL A O   1 
ATOM   678  C CB  . VAL A 1 100 ? 2.429   -6.816  -0.854  1.00 17.63 ? 148 VAL A CB  1 
ATOM   679  C CG1 . VAL A 1 100 ? 3.601   -6.270  -0.052  1.00 19.16 ? 148 VAL A CG1 1 
ATOM   680  C CG2 . VAL A 1 100 ? 1.690   -7.915  -0.090  1.00 16.82 ? 148 VAL A CG2 1 
ATOM   681  N N   . ALA A 1 101 ? 2.655   -4.517  -3.003  1.00 15.21 ? 149 ALA A N   1 
ATOM   682  C CA  . ALA A 1 101 ? 3.355   -3.353  -3.604  1.00 15.58 ? 149 ALA A CA  1 
ATOM   683  C C   . ALA A 1 101 ? 2.436   -2.134  -3.595  1.00 16.32 ? 149 ALA A C   1 
ATOM   684  O O   . ALA A 1 101 ? 2.886   -1.005  -3.379  1.00 18.69 ? 149 ALA A O   1 
ATOM   685  C CB  . ALA A 1 101 ? 3.800   -3.675  -5.006  1.00 17.74 ? 149 ALA A CB  1 
ATOM   686  N N   . PHE A 1 102 ? 1.174   -2.372  -3.929  1.00 16.31 ? 150 PHE A N   1 
ATOM   687  C CA  . PHE A 1 102 ? 0.146   -1.310  -3.993  1.00 18.40 ? 150 PHE A CA  1 
ATOM   688  C C   . PHE A 1 102 ? 0.045   -0.585  -2.654  1.00 18.31 ? 150 PHE A C   1 
ATOM   689  O O   . PHE A 1 102 ? -0.006  0.678   -2.614  1.00 18.08 ? 150 PHE A O   1 
ATOM   690  C CB  . PHE A 1 102 ? -1.145  -1.948  -4.471  1.00 18.40 ? 150 PHE A CB  1 
ATOM   691  C CG  . PHE A 1 102 ? -2.412  -1.159  -4.276  1.00 19.52 ? 150 PHE A CG  1 
ATOM   692  C CD1 . PHE A 1 102 ? -2.783  -0.187  -5.195  1.00 22.62 ? 150 PHE A CD1 1 
ATOM   693  C CD2 . PHE A 1 102 ? -3.209  -1.375  -3.165  1.00 20.25 ? 150 PHE A CD2 1 
ATOM   694  C CE1 . PHE A 1 102 ? -3.963  0.524   -5.025  1.00 23.44 ? 150 PHE A CE1 1 
ATOM   695  C CE2 . PHE A 1 102 ? -4.376  -0.638  -2.982  1.00 22.95 ? 150 PHE A CE2 1 
ATOM   696  C CZ  . PHE A 1 102 ? -4.776  0.258   -3.944  1.00 22.98 ? 150 PHE A CZ  1 
ATOM   697  N N   . PHE A 1 103 ? -0.149  -1.388  -1.595  1.00 19.68 ? 151 PHE A N   1 
ATOM   698  C CA  . PHE A 1 103 ? -0.290  -0.874  -0.240  1.00 19.34 ? 151 PHE A CA  1 
ATOM   699  C C   . PHE A 1 103 ? 0.963   -0.081  0.123   1.00 20.04 ? 151 PHE A C   1 
ATOM   700  O O   . PHE A 1 103 ? 0.849   1.044   0.559   1.00 17.33 ? 151 PHE A O   1 
ATOM   701  C CB  . PHE A 1 103 ? -0.616  -1.973  0.773   1.00 20.47 ? 151 PHE A CB  1 
ATOM   702  C CG  . PHE A 1 103 ? -2.088  -2.269  0.857   1.00 21.75 ? 151 PHE A CG  1 
ATOM   703  C CD1 . PHE A 1 103 ? -2.937  -1.531  1.677   1.00 21.21 ? 151 PHE A CD1 1 
ATOM   704  C CD2 . PHE A 1 103 ? -2.628  -3.294  0.097   1.00 21.06 ? 151 PHE A CD2 1 
ATOM   705  C CE1 . PHE A 1 103 ? -4.286  -1.840  1.750   1.00 22.67 ? 151 PHE A CE1 1 
ATOM   706  C CE2 . PHE A 1 103 ? -3.979  -3.607  0.168   1.00 23.23 ? 151 PHE A CE2 1 
ATOM   707  C CZ  . PHE A 1 103 ? -4.810  -2.874  0.989   1.00 22.95 ? 151 PHE A CZ  1 
ATOM   708  N N   . GLU A 1 104 ? 2.148   -0.670  -0.054  1.00 16.49 ? 152 GLU A N   1 
ATOM   709  C CA  . GLU A 1 104 ? 3.353   -0.006  0.371   1.00 18.42 ? 152 GLU A CA  1 
ATOM   710  C C   . GLU A 1 104 ? 3.605   1.271   -0.458  1.00 18.88 ? 152 GLU A C   1 
ATOM   711  O O   . GLU A 1 104 ? 4.065   2.273   0.073   1.00 18.23 ? 152 GLU A O   1 
ATOM   712  C CB  . GLU A 1 104 ? 4.544   -0.965  0.291   1.00 18.38 ? 152 GLU A CB  1 
ATOM   713  C CG  . GLU A 1 104 ? 5.813   -0.361  0.882   1.00 21.03 ? 152 GLU A CG  1 
ATOM   714  C CD  . GLU A 1 104 ? 5.792   0.026   2.355   1.00 22.69 ? 152 GLU A CD  1 
ATOM   715  O OE1 . GLU A 1 104 ? 6.791   0.577   2.839   1.00 26.09 ? 152 GLU A OE1 1 
ATOM   716  O OE2 . GLU A 1 104 ? 4.822   -0.275  3.021   1.00 23.11 ? 152 GLU A OE2 1 
ATOM   717  N N   . PHE A 1 105 ? 3.243   1.263   -1.742  1.00 17.82 ? 153 PHE A N   1 
ATOM   718  C CA  . PHE A 1 105 ? 3.346   2.494   -2.587  1.00 18.95 ? 153 PHE A CA  1 
ATOM   719  C C   . PHE A 1 105 ? 2.459   3.608   -2.015  1.00 17.43 ? 153 PHE A C   1 
ATOM   720  O O   . PHE A 1 105 ? 2.932   4.698   -1.741  1.00 16.88 ? 153 PHE A O   1 
ATOM   721  C CB  . PHE A 1 105 ? 2.934   2.213   -4.034  1.00 20.26 ? 153 PHE A CB  1 
ATOM   722  C CG  . PHE A 1 105 ? 2.636   3.457   -4.832  1.00 21.53 ? 153 PHE A CG  1 
ATOM   723  C CD1 . PHE A 1 105 ? 3.609   4.422   -5.000  1.00 22.55 ? 153 PHE A CD1 1 
ATOM   724  C CD2 . PHE A 1 105 ? 1.369   3.694   -5.363  1.00 24.42 ? 153 PHE A CD2 1 
ATOM   725  C CE1 . PHE A 1 105 ? 3.337   5.593   -5.692  1.00 25.61 ? 153 PHE A CE1 1 
ATOM   726  C CE2 . PHE A 1 105 ? 1.106   4.866   -6.062  1.00 26.63 ? 153 PHE A CE2 1 
ATOM   727  C CZ  . PHE A 1 105 ? 2.092   5.798   -6.245  1.00 26.36 ? 153 PHE A CZ  1 
ATOM   728  N N   . GLY A 1 106 ? 1.195   3.291   -1.699  1.00 20.01 ? 154 GLY A N   1 
ATOM   729  C CA  . GLY A 1 106 ? 0.297   4.271   -1.082  1.00 20.40 ? 154 GLY A CA  1 
ATOM   730  C C   . GLY A 1 106 ? 0.826   4.779   0.255   1.00 20.16 ? 154 GLY A C   1 
ATOM   731  O O   . GLY A 1 106 ? 0.841   6.006   0.545   1.00 18.80 ? 154 GLY A O   1 
ATOM   732  N N   . GLY A 1 107 ? 1.360   3.854   1.060   1.00 19.77 ? 155 GLY A N   1 
ATOM   733  C CA  . GLY A 1 107 ? 2.025   4.230   2.332   1.00 20.64 ? 155 GLY A CA  1 
ATOM   734  C C   . GLY A 1 107 ? 3.185   5.188   2.157   1.00 23.05 ? 155 GLY A C   1 
ATOM   735  O O   . GLY A 1 107 ? 3.232   6.257   2.826   1.00 21.88 ? 155 GLY A O   1 
ATOM   736  N N   . VAL A 1 108 ? 4.134   4.825   1.270   1.00 21.97 ? 156 VAL A N   1 
ATOM   737  C CA  . VAL A 1 108 ? 5.296   5.610   1.015   1.00 21.78 ? 156 VAL A CA  1 
ATOM   738  C C   . VAL A 1 108 ? 4.888   7.004   0.513   1.00 22.19 ? 156 VAL A C   1 
ATOM   739  O O   . VAL A 1 108 ? 5.525   8.008   0.884   1.00 21.63 ? 156 VAL A O   1 
ATOM   740  C CB  . VAL A 1 108 ? 6.221   4.864   0.040   1.00 24.35 ? 156 VAL A CB  1 
ATOM   741  C CG1 . VAL A 1 108 ? 7.248   5.756   -0.636  1.00 27.34 ? 156 VAL A CG1 1 
ATOM   742  C CG2 . VAL A 1 108 ? 6.903   3.726   0.777   1.00 23.13 ? 156 VAL A CG2 1 
ATOM   743  N N   . MET A 1 109 ? 3.835   7.075   -0.312  1.00 20.32 ? 157 MET A N   1 
ATOM   744  C CA  . MET A 1 109 ? 3.347   8.336   -0.874  1.00 21.33 ? 157 MET A CA  1 
ATOM   745  C C   . MET A 1 109 ? 2.725   9.209   0.232   1.00 21.08 ? 157 MET A C   1 
ATOM   746  O O   . MET A 1 109 ? 2.865   10.412  0.201   1.00 21.67 ? 157 MET A O   1 
ATOM   747  C CB  . MET A 1 109 ? 2.328   8.060   -1.996  1.00 20.50 ? 157 MET A CB  1 
ATOM   748  C CG  . MET A 1 109 ? 1.910   9.283   -2.757  1.00 25.13 ? 157 MET A CG  1 
ATOM   749  S SD  . MET A 1 109 ? 0.812   8.861   -4.179  0.75 24.11 ? 157 MET A SD  1 
ATOM   750  C CE  . MET A 1 109 ? 0.450   10.489  -4.797  1.00 29.28 ? 157 MET A CE  1 
ATOM   751  N N   . CYS A 1 110 ? 2.045   8.608   1.219   1.00 19.68 ? 158 CYS A N   1 
ATOM   752  C CA  . CYS A 1 110 ? 1.501   9.331   2.366   1.00 20.15 ? 158 CYS A CA  1 
ATOM   753  C C   . CYS A 1 110 ? 2.615   9.896   3.238   1.00 21.73 ? 158 CYS A C   1 
ATOM   754  O O   . CYS A 1 110 ? 2.529   11.010  3.682   1.00 23.70 ? 158 CYS A O   1 
ATOM   755  C CB  . CYS A 1 110 ? 0.589   8.443   3.197   1.00 19.82 ? 158 CYS A CB  1 
ATOM   756  S SG  . CYS A 1 110 ? -0.959  8.134   2.312   1.00 20.85 ? 158 CYS A SG  1 
ATOM   757  N N   . VAL A 1 111 ? 3.699   9.147   3.407   1.00 18.72 ? 159 VAL A N   1 
ATOM   758  C CA  . VAL A 1 111 ? 4.824   9.617   4.257   1.00 19.24 ? 159 VAL A CA  1 
ATOM   759  C C   . VAL A 1 111 ? 5.514   10.792  3.557   1.00 18.78 ? 159 VAL A C   1 
ATOM   760  O O   . VAL A 1 111 ? 5.843   11.804  4.162   1.00 20.08 ? 159 VAL A O   1 
ATOM   761  C CB  . VAL A 1 111 ? 5.789   8.446   4.530   1.00 18.47 ? 159 VAL A CB  1 
ATOM   762  C CG1 . VAL A 1 111 ? 7.094   8.951   5.133   1.00 20.71 ? 159 VAL A CG1 1 
ATOM   763  C CG2 . VAL A 1 111 ? 5.125   7.405   5.433   1.00 19.50 ? 159 VAL A CG2 1 
ATOM   764  N N   . GLU A 1 112 ? 5.648   10.662  2.241   1.00 17.18 ? 160 GLU A N   1 
ATOM   765  C CA  . GLU A 1 112 ? 6.270   11.672  1.454   1.00 17.51 ? 160 GLU A CA  1 
ATOM   766  C C   . GLU A 1 112 ? 5.420   12.957  1.446   1.00 19.09 ? 160 GLU A C   1 
ATOM   767  O O   . GLU A 1 112 ? 5.949   14.049  1.601   1.00 19.09 ? 160 GLU A O   1 
ATOM   768  C CB  . GLU A 1 112 ? 6.509   11.233  0.028   1.00 18.13 ? 160 GLU A CB  1 
ATOM   769  C CG  . GLU A 1 112 ? 7.274   12.317  -0.732  1.00 18.62 ? 160 GLU A CG  1 
ATOM   770  C CD  . GLU A 1 112 ? 7.680   11.962  -2.140  1.00 23.42 ? 160 GLU A CD  1 
ATOM   771  O OE1 . GLU A 1 112 ? 7.761   10.745  -2.469  1.00 25.88 ? 160 GLU A OE1 1 
ATOM   772  O OE2 . GLU A 1 112 ? 7.912   12.882  -2.881  1.00 22.77 ? 160 GLU A OE2 1 
ATOM   773  N N   . SER A 1 113 ? 4.108   12.808  1.327   1.00 19.29 ? 161 SER A N   1 
ATOM   774  C CA  . SER A 1 113 ? 3.169   13.945  1.406   1.00 21.40 ? 161 SER A CA  1 
ATOM   775  C C   . SER A 1 113 ? 3.394   14.750  2.685   1.00 24.96 ? 161 SER A C   1 
ATOM   776  O O   . SER A 1 113 ? 3.429   15.989  2.634   1.00 24.51 ? 161 SER A O   1 
ATOM   777  C CB  . SER A 1 113 ? 1.724   13.497  1.364   1.00 21.91 ? 161 SER A CB  1 
ATOM   778  O OG  . SER A 1 113 ? 1.456   12.875  0.126   1.00 22.81 ? 161 SER A OG  1 
ATOM   779  N N   . VAL A 1 114 ? 3.452   14.059  3.811   1.00 21.81 ? 162 VAL A N   1 
ATOM   780  C CA  . VAL A 1 114 ? 3.616   14.715  5.071   1.00 24.02 ? 162 VAL A CA  1 
ATOM   781  C C   . VAL A 1 114 ? 4.966   15.415  5.099   1.00 24.33 ? 162 VAL A C   1 
ATOM   782  O O   . VAL A 1 114 ? 5.064   16.571  5.549   1.00 21.24 ? 162 VAL A O   1 
ATOM   783  C CB  . VAL A 1 114 ? 3.496   13.741  6.251   1.00 26.94 ? 162 VAL A CB  1 
ATOM   784  C CG1 . VAL A 1 114 ? 3.831   14.414  7.569   1.00 33.71 ? 162 VAL A CG1 1 
ATOM   785  C CG2 . VAL A 1 114 ? 2.120   13.156  6.320   1.00 26.27 ? 162 VAL A CG2 1 
ATOM   786  N N   . ASN A 1 115 ? 6.016   14.702  4.698   1.00 23.37 ? 163 ASN A N   1 
ATOM   787  C CA  . ASN A 1 115 ? 7.367   15.265  4.670   1.00 23.07 ? 163 ASN A CA  1 
ATOM   788  C C   . ASN A 1 115 ? 7.445   16.529  3.804   1.00 23.86 ? 163 ASN A C   1 
ATOM   789  O O   . ASN A 1 115 ? 8.239   17.374  4.122   1.00 21.24 ? 163 ASN A O   1 
ATOM   790  C CB  . ASN A 1 115 ? 8.411   14.268  4.176   1.00 22.80 ? 163 ASN A CB  1 
ATOM   791  C CG  . ASN A 1 115 ? 8.674   13.152  5.156   1.00 24.37 ? 163 ASN A CG  1 
ATOM   792  O OD1 . ASN A 1 115 ? 8.326   13.246  6.348   1.00 24.79 ? 163 ASN A OD1 1 
ATOM   793  N ND2 . ASN A 1 115 ? 9.300   12.092  4.668   1.00 24.48 ? 163 ASN A ND2 1 
ATOM   794  N N   . ARG A 1 116 ? 6.605   16.666  2.761   1.00 22.19 ? 164 ARG A N   1 
ATOM   795  C CA  . ARG A 1 116 ? 6.741   17.827  1.876   1.00 23.21 ? 164 ARG A CA  1 
ATOM   796  C C   . ARG A 1 116 ? 5.724   18.924  2.200   1.00 24.27 ? 164 ARG A C   1 
ATOM   797  O O   . ARG A 1 116 ? 5.498   19.802  1.375   1.00 25.11 ? 164 ARG A O   1 
ATOM   798  C CB  . ARG A 1 116 ? 6.544   17.432  0.420   1.00 22.79 ? 164 ARG A CB  1 
ATOM   799  C CG  . ARG A 1 116 ? 7.617   16.530  -0.126  1.00 26.04 ? 164 ARG A CG  1 
ATOM   800  C CD  . ARG A 1 116 ? 7.317   16.357  -1.579  1.00 30.49 ? 164 ARG A CD  1 
ATOM   801  N NE  . ARG A 1 116 ? 8.264   15.484  -2.199  1.00 29.81 ? 164 ARG A NE  1 
ATOM   802  C CZ  . ARG A 1 116 ? 9.539   15.767  -2.371  1.00 32.54 ? 164 ARG A CZ  1 
ATOM   803  N NH1 . ARG A 1 116 ? 9.984   17.005  -2.183  1.00 30.31 ? 164 ARG A NH1 1 
ATOM   804  N NH2 . ARG A 1 116 ? 10.364  14.783  -2.694  1.00 31.86 ? 164 ARG A NH2 1 
ATOM   805  N N   . ALA A 1 117 ? 5.158   18.864  3.395   1.00 26.06 ? 165 ALA A N   1 
ATOM   806  C CA  . ALA A 1 117 ? 4.151   19.791  3.872   1.00 28.62 ? 165 ALA A CA  1 
ATOM   807  C C   . ALA A 1 117 ? 2.959   19.775  2.909   1.00 28.15 ? 165 ALA A C   1 
ATOM   808  O O   . ALA A 1 117 ? 2.366   20.814  2.592   1.00 27.12 ? 165 ALA A O   1 
ATOM   809  C CB  . ALA A 1 117 ? 4.751   21.173  4.050   1.00 30.67 ? 165 ALA A CB  1 
ATOM   810  N N   . MET A 1 118 ? 2.601   18.571  2.474   1.00 26.17 ? 166 MET A N   1 
ATOM   811  C CA  . MET A 1 118 ? 1.441   18.331  1.612   1.00 24.91 ? 166 MET A CA  1 
ATOM   812  C C   . MET A 1 118 ? 0.538   17.301  2.286   1.00 26.98 ? 166 MET A C   1 
ATOM   813  O O   . MET A 1 118 ? 0.016   16.436  1.602   1.00 26.83 ? 166 MET A O   1 
ATOM   814  C CB  . MET A 1 118 ? 1.842   17.779  0.245   1.00 26.98 ? 166 MET A CB  1 
ATOM   815  C CG  . MET A 1 118 ? 2.672   18.716  -0.553  1.00 27.73 ? 166 MET A CG  1 
ATOM   816  S SD  . MET A 1 118 ? 3.331   17.923  -1.998  1.00 26.83 ? 166 MET A SD  1 
ATOM   817  C CE  . MET A 1 118 ? 4.352   19.250  -2.646  1.00 29.90 ? 166 MET A CE  1 
ATOM   818  N N   . SER A 1 119 ? 0.338   17.439  3.600   1.00 26.05 ? 167 SER A N   1 
ATOM   819  C CA  . SER A 1 119 ? -0.394  16.448  4.405   1.00 28.81 ? 167 SER A CA  1 
ATOM   820  C C   . SER A 1 119 ? -1.886  16.330  4.027   1.00 31.49 ? 167 SER A C   1 
ATOM   821  O O   . SER A 1 119 ? -2.471  15.270  4.259   1.00 28.68 ? 167 SER A O   1 
ATOM   822  C CB  . SER A 1 119 ? -0.230  16.723  5.864   1.00 32.88 ? 167 SER A CB  1 
ATOM   823  O OG  . SER A 1 119 ? -1.022  17.824  6.253   1.00 35.99 ? 167 SER A OG  1 
ATOM   824  N N   . VAL A 1 120 ? -2.479  17.361  3.407   1.00 29.56 ? 168 VAL A N   1 
ATOM   825  C CA  . VAL A 1 120 ? -3.834  17.258  2.828   1.00 33.80 ? 168 VAL A CA  1 
ATOM   826  C C   . VAL A 1 120 ? -3.945  16.058  1.870   1.00 33.50 ? 168 VAL A C   1 
ATOM   827  O O   . VAL A 1 120 ? -5.023  15.492  1.725   1.00 33.05 ? 168 VAL A O   1 
ATOM   828  C CB  . VAL A 1 120 ? -4.253  18.555  2.107   1.00 38.38 ? 168 VAL A CB  1 
ATOM   829  C CG1 . VAL A 1 120 ? -4.243  19.755  3.044   1.00 44.33 ? 168 VAL A CG1 1 
ATOM   830  C CG2 . VAL A 1 120 ? -3.431  18.821  0.856   1.00 36.66 ? 168 VAL A CG2 1 
ATOM   831  N N   . LEU A 1 121 ? -2.846  15.667  1.195   1.00 26.51 ? 169 LEU A N   1 
ATOM   832  C CA  . LEU A 1 121 ? -2.893  14.530  0.253   1.00 26.36 ? 169 LEU A CA  1 
ATOM   833  C C   . LEU A 1 121 ? -3.176  13.194  0.953   1.00 27.36 ? 169 LEU A C   1 
ATOM   834  O O   . LEU A 1 121 ? -3.665  12.287  0.277   1.00 27.58 ? 169 LEU A O   1 
ATOM   835  C CB  . LEU A 1 121 ? -1.578  14.413  -0.531  1.00 26.79 ? 169 LEU A CB  1 
ATOM   836  C CG  . LEU A 1 121 ? -1.375  15.524  -1.553  1.00 27.74 ? 169 LEU A CG  1 
ATOM   837  C CD1 . LEU A 1 121 ? -0.087  15.334  -2.338  1.00 26.20 ? 169 LEU A CD1 1 
ATOM   838  C CD2 . LEU A 1 121 ? -2.594  15.628  -2.482  1.00 30.35 ? 169 LEU A CD2 1 
ATOM   839  N N   . VAL A 1 122 ? -2.851  13.039  2.245   1.00 24.18 ? 170 VAL A N   1 
ATOM   840  C CA  . VAL A 1 122 ? -3.000  11.717  2.900   1.00 24.84 ? 170 VAL A CA  1 
ATOM   841  C C   . VAL A 1 122 ? -4.441  11.207  2.744   1.00 25.83 ? 170 VAL A C   1 
ATOM   842  O O   . VAL A 1 122 ? -4.677  10.040  2.398   1.00 23.69 ? 170 VAL A O   1 
ATOM   843  C CB  . VAL A 1 122 ? -2.562  11.765  4.363   1.00 25.96 ? 170 VAL A CB  1 
ATOM   844  C CG1 . VAL A 1 122 ? -2.788  10.441  5.073   1.00 28.18 ? 170 VAL A CG1 1 
ATOM   845  C CG2 . VAL A 1 122 ? -1.117  12.211  4.459   1.00 24.26 ? 170 VAL A CG2 1 
ATOM   846  N N   . ASP A 1 123 ? -5.413  12.081  2.982   1.00 25.28 ? 171 ASP A N   1 
ATOM   847  C CA  . ASP A 1 123 ? -6.815  11.665  2.938   1.00 27.63 ? 171 ASP A CA  1 
ATOM   848  C C   . ASP A 1 123 ? -7.216  11.282  1.519   1.00 23.57 ? 171 ASP A C   1 
ATOM   849  O O   . ASP A 1 123 ? -7.933  10.338  1.355   1.00 25.55 ? 171 ASP A O   1 
ATOM   850  C CB  . ASP A 1 123 ? -7.757  12.778  3.397   1.00 30.81 ? 171 ASP A CB  1 
ATOM   851  C CG  . ASP A 1 123 ? -7.723  13.026  4.900   1.00 34.84 ? 171 ASP A CG  1 
ATOM   852  O OD1 . ASP A 1 123 ? -7.431  12.100  5.658   1.00 34.08 ? 171 ASP A OD1 1 
ATOM   853  O OD2 . ASP A 1 123 ? -8.011  14.150  5.291   1.00 44.95 ? 171 ASP A OD2 1 
ATOM   854  N N   . ASN A 1 124 ? -6.698  12.004  0.524   1.00 22.75 ? 172 ASN A N   1 
ATOM   855  C CA  . ASN A 1 124 ? -6.975  11.757  -0.874  1.00 22.78 ? 172 ASN A CA  1 
ATOM   856  C C   . ASN A 1 124 ? -6.372  10.421  -1.289  1.00 22.31 ? 172 ASN A C   1 
ATOM   857  O O   . ASN A 1 124 ? -7.050  9.643   -1.922  1.00 21.15 ? 172 ASN A O   1 
ATOM   858  C CB  . ASN A 1 124 ? -6.501  12.921  -1.743  1.00 25.71 ? 172 ASN A CB  1 
ATOM   859  C CG  . ASN A 1 124 ? -7.426  14.119  -1.623  1.00 29.32 ? 172 ASN A CG  1 
ATOM   860  O OD1 . ASN A 1 124 ? -8.303  14.142  -0.776  1.00 35.40 ? 172 ASN A OD1 1 
ATOM   861  N ND2 . ASN A 1 124 ? -7.239  15.114  -2.450  1.00 31.58 ? 172 ASN A ND2 1 
ATOM   862  N N   . ILE A 1 125 ? -5.085  10.195  -0.966  1.00 20.84 ? 173 ILE A N   1 
ATOM   863  C CA  . ILE A 1 125 ? -4.427  8.937   -1.307  1.00 19.39 ? 173 ILE A CA  1 
ATOM   864  C C   . ILE A 1 125 ? -5.183  7.772   -0.694  1.00 19.15 ? 173 ILE A C   1 
ATOM   865  O O   . ILE A 1 125 ? -5.410  6.784   -1.368  1.00 23.00 ? 173 ILE A O   1 
ATOM   866  C CB  . ILE A 1 125 ? -2.933  8.937   -0.916  1.00 21.10 ? 173 ILE A CB  1 
ATOM   867  C CG1 . ILE A 1 125 ? -2.147  9.964   -1.731  1.00 20.29 ? 173 ILE A CG1 1 
ATOM   868  C CG2 . ILE A 1 125 ? -2.331  7.542   -1.109  1.00 20.72 ? 173 ILE A CG2 1 
ATOM   869  C CD1 . ILE A 1 125 ? -0.910  10.489  -1.053  1.00 20.72 ? 173 ILE A CD1 1 
ATOM   870  N N   . ALA A 1 126 ? -5.544  7.842   0.589   1.00 19.06 ? 174 ALA A N   1 
ATOM   871  C CA  . ALA A 1 126 ? -6.304  6.768   1.182   1.00 21.15 ? 174 ALA A CA  1 
ATOM   872  C C   . ALA A 1 126 ? -7.621  6.504   0.422   1.00 24.25 ? 174 ALA A C   1 
ATOM   873  O O   . ALA A 1 126 ? -8.004  5.328   0.255   1.00 24.25 ? 174 ALA A O   1 
ATOM   874  C CB  . ALA A 1 126 ? -6.560  7.024   2.640   1.00 21.20 ? 174 ALA A CB  1 
ATOM   875  N N   . ALA A 1 127 ? -8.330  7.559   0.012   1.00 24.96 ? 175 ALA A N   1 
ATOM   876  C CA  . ALA A 1 127 ? -9.570  7.405   -0.777  1.00 25.27 ? 175 ALA A CA  1 
ATOM   877  C C   . ALA A 1 127 ? -9.281  6.733   -2.136  1.00 23.60 ? 175 ALA A C   1 
ATOM   878  O O   . ALA A 1 127 ? -10.003 5.842   -2.569  1.00 24.39 ? 175 ALA A O   1 
ATOM   879  C CB  . ALA A 1 127 ? -10.234 8.764   -0.955  1.00 26.95 ? 175 ALA A CB  1 
ATOM   880  N N   . TRP A 1 128 ? -8.250  7.194   -2.839  1.00 23.04 ? 176 TRP A N   1 
ATOM   881  C CA  . TRP A 1 128 ? -7.921  6.613   -4.145  1.00 22.14 ? 176 TRP A CA  1 
ATOM   882  C C   . TRP A 1 128 ? -7.543  5.140   -3.983  1.00 23.44 ? 176 TRP A C   1 
ATOM   883  O O   . TRP A 1 128 ? -7.830  4.373   -4.906  1.00 22.94 ? 176 TRP A O   1 
ATOM   884  C CB  . TRP A 1 128 ? -6.802  7.370   -4.840  1.00 21.98 ? 176 TRP A CB  1 
ATOM   885  C CG  . TRP A 1 128 ? -7.106  8.817   -5.054  1.00 24.51 ? 176 TRP A CG  1 
ATOM   886  C CD1 . TRP A 1 128 ? -8.332  9.382   -5.285  1.00 25.32 ? 176 TRP A CD1 1 
ATOM   887  C CD2 . TRP A 1 128 ? -6.158  9.889   -5.055  1.00 24.15 ? 176 TRP A CD2 1 
ATOM   888  N NE1 . TRP A 1 128 ? -8.206  10.738  -5.429  1.00 24.56 ? 176 TRP A NE1 1 
ATOM   889  C CE2 . TRP A 1 128 ? -6.892  11.079  -5.273  1.00 25.01 ? 176 TRP A CE2 1 
ATOM   890  C CE3 . TRP A 1 128 ? -4.770  9.976   -4.887  1.00 24.50 ? 176 TRP A CE3 1 
ATOM   891  C CZ2 . TRP A 1 128 ? -6.270  12.324  -5.355  1.00 25.35 ? 176 TRP A CZ2 1 
ATOM   892  C CZ3 . TRP A 1 128 ? -4.165  11.220  -4.938  1.00 25.85 ? 176 TRP A CZ3 1 
ATOM   893  C CH2 . TRP A 1 128 ? -4.913  12.381  -5.142  1.00 24.10 ? 176 TRP A CH2 1 
ATOM   894  N N   . MET A 1 129 ? -6.861  4.791   -2.873  1.00 22.35 ? 177 MET A N   1 
ATOM   895  C CA  . MET A 1 129 ? -6.488  3.391   -2.631  1.00 24.70 ? 177 MET A CA  1 
ATOM   896  C C   . MET A 1 129 ? -7.767  2.570   -2.396  1.00 26.02 ? 177 MET A C   1 
ATOM   897  O O   . MET A 1 129 ? -7.959  1.535   -3.042  1.00 24.38 ? 177 MET A O   1 
ATOM   898  C CB  . MET A 1 129 ? -5.543  3.245   -1.437  1.00 24.03 ? 177 MET A CB  1 
ATOM   899  C CG  . MET A 1 129 ? -4.157  3.804   -1.683  1.00 23.71 ? 177 MET A CG  1 
ATOM   900  S SD  . MET A 1 129 ? -3.208  3.756   -0.132  1.00 23.39 ? 177 MET A SD  1 
ATOM   901  C CE  . MET A 1 129 ? -2.877  2.000   -0.003  1.00 25.04 ? 177 MET A CE  1 
ATOM   902  N N   . ALA A 1 130 ? -8.682  3.073   -1.557  1.00 25.83 ? 178 ALA A N   1 
ATOM   903  C CA  . ALA A 1 130 ? -9.902  2.317   -1.196  1.00 28.80 ? 178 ALA A CA  1 
ATOM   904  C C   . ALA A 1 130 ? -10.791 2.137   -2.427  1.00 26.34 ? 178 ALA A C   1 
ATOM   905  O O   . ALA A 1 130 ? -11.298 1.060   -2.621  1.00 25.13 ? 178 ALA A O   1 
ATOM   906  C CB  . ALA A 1 130 ? -10.650 2.975   -0.064  1.00 28.97 ? 178 ALA A CB  1 
ATOM   907  N N   . THR A 1 131 ? -10.851 3.154   -3.287  1.00 27.64 ? 179 THR A N   1 
ATOM   908  C CA  . THR A 1 131 ? -11.632 3.146   -4.523  1.00 31.91 ? 179 THR A CA  1 
ATOM   909  C C   . THR A 1 131 ? -11.046 2.105   -5.479  1.00 30.66 ? 179 THR A C   1 
ATOM   910  O O   . THR A 1 131 ? -11.793 1.314   -6.038  1.00 30.12 ? 179 THR A O   1 
ATOM   911  C CB  . THR A 1 131 ? -11.731 4.540   -5.187  1.00 31.19 ? 179 THR A CB  1 
ATOM   912  O OG1 . THR A 1 131 ? -12.446 5.407   -4.304  1.00 29.94 ? 179 THR A OG1 1 
ATOM   913  C CG2 . THR A 1 131 ? -12.421 4.538   -6.538  1.00 28.79 ? 179 THR A CG2 1 
ATOM   914  N N   . TYR A 1 132 ? -9.721  2.109   -5.671  1.00 26.57 ? 180 TYR A N   1 
ATOM   915  C CA  . TYR A 1 132 ? -9.098  1.134   -6.577  1.00 26.41 ? 180 TYR A CA  1 
ATOM   916  C C   . TYR A 1 132 ? -9.301  -0.313  -6.074  1.00 26.65 ? 180 TYR A C   1 
ATOM   917  O O   . TYR A 1 132 ? -9.582  -1.221  -6.856  1.00 27.28 ? 180 TYR A O   1 
ATOM   918  C CB  . TYR A 1 132 ? -7.604  1.397   -6.751  1.00 24.33 ? 180 TYR A CB  1 
ATOM   919  C CG  . TYR A 1 132 ? -7.027  0.639   -7.905  1.00 24.44 ? 180 TYR A CG  1 
ATOM   920  C CD1 . TYR A 1 132 ? -7.076  1.144   -9.199  1.00 26.09 ? 180 TYR A CD1 1 
ATOM   921  C CD2 . TYR A 1 132 ? -6.488  -0.627  -7.721  1.00 24.44 ? 180 TYR A CD2 1 
ATOM   922  C CE1 . TYR A 1 132 ? -6.573  0.416   -10.260 1.00 27.24 ? 180 TYR A CE1 1 
ATOM   923  C CE2 . TYR A 1 132 ? -6.018  -1.372  -8.776  1.00 25.04 ? 180 TYR A CE2 1 
ATOM   924  C CZ  . TYR A 1 132 ? -6.059  -0.846  -10.045 1.00 26.88 ? 180 TYR A CZ  1 
ATOM   925  O OH  . TYR A 1 132 ? -5.545  -1.600  -11.042 1.00 30.46 ? 180 TYR A OH  1 
ATOM   926  N N   . LEU A 1 133 ? -9.181  -0.525  -4.768  1.00 23.35 ? 181 LEU A N   1 
ATOM   927  C CA  . LEU A 1 133 ? -9.503  -1.780  -4.191  1.00 24.92 ? 181 LEU A CA  1 
ATOM   928  C C   . LEU A 1 133 ? -10.947 -2.164  -4.557  1.00 30.24 ? 181 LEU A C   1 
ATOM   929  O O   . LEU A 1 133 ? -11.209 -3.312  -4.977  1.00 31.86 ? 181 LEU A O   1 
ATOM   930  C CB  . LEU A 1 133 ? -9.331  -1.694  -2.678  1.00 25.88 ? 181 LEU A CB  1 
ATOM   931  C CG  . LEU A 1 133 ? -7.920  -1.984  -2.173  1.00 30.14 ? 181 LEU A CG  1 
ATOM   932  C CD1 . LEU A 1 133 ? -7.747  -1.406  -0.787  1.00 31.72 ? 181 LEU A CD1 1 
ATOM   933  C CD2 . LEU A 1 133 ? -7.612  -3.481  -2.174  1.00 30.46 ? 181 LEU A CD2 1 
ATOM   934  N N   . ASN A 1 134 ? -11.876 -1.209  -4.396  1.00 30.65 ? 182 ASN A N   1 
ATOM   935  C CA  . ASN A 1 134 ? -13.296 -1.495  -4.538  1.00 35.18 ? 182 ASN A CA  1 
ATOM   936  C C   . ASN A 1 134 ? -13.628 -1.795  -5.994  1.00 32.13 ? 182 ASN A C   1 
ATOM   937  O O   . ASN A 1 134 ? -14.345 -2.762  -6.270  1.00 34.00 ? 182 ASN A O   1 
ATOM   938  C CB  . ASN A 1 134 ? -14.181 -0.356  -4.033  1.00 37.69 ? 182 ASN A CB  1 
ATOM   939  C CG  . ASN A 1 134 ? -14.173 -0.223  -2.526  1.00 38.19 ? 182 ASN A CG  1 
ATOM   940  O OD1 . ASN A 1 134 ? -13.984 -1.197  -1.807  1.00 47.62 ? 182 ASN A OD1 1 
ATOM   941  N ND2 . ASN A 1 134 ? -14.368 0.988   -2.035  1.00 44.37 ? 182 ASN A ND2 1 
ATOM   942  N N   . ASP A 1 135 ? -13.104 -0.971  -6.903  1.00 34.66 ? 183 ASP A N   1 
ATOM   943  C CA  . ASP A 1 135 ? -13.495 -1.007  -8.285  1.00 33.56 ? 183 ASP A CA  1 
ATOM   944  C C   . ASP A 1 135 ? -12.643 -1.985  -9.093  1.00 34.33 ? 183 ASP A C   1 
ATOM   945  O O   . ASP A 1 135 ? -13.109 -2.386  -10.143 1.00 30.03 ? 183 ASP A O   1 
ATOM   946  C CB  . ASP A 1 135 ? -13.437 0.379   -8.916  1.00 37.92 ? 183 ASP A CB  1 
ATOM   947  C CG  . ASP A 1 135 ? -14.409 1.349   -8.269  1.00 42.04 ? 183 ASP A CG  1 
ATOM   948  O OD1 . ASP A 1 135 ? -15.246 0.884   -7.443  1.00 41.03 ? 183 ASP A OD1 1 
ATOM   949  O OD2 . ASP A 1 135 ? -14.292 2.553   -8.561  1.00 40.05 ? 183 ASP A OD2 1 
ATOM   950  N N   . HIS A 1 136 ? -11.420 -2.341  -8.649  1.00 30.46 ? 184 HIS A N   1 
ATOM   951  C CA  . HIS A 1 136 ? -10.510 -3.058  -9.524  1.00 31.75 ? 184 HIS A CA  1 
ATOM   952  C C   . HIS A 1 136 ? -9.809  -4.265  -8.869  1.00 31.02 ? 184 HIS A C   1 
ATOM   953  O O   . HIS A 1 136 ? -9.276  -5.098  -9.609  1.00 36.23 ? 184 HIS A O   1 
ATOM   954  C CB  . HIS A 1 136 ? -9.514  -2.077  -10.138 1.00 34.38 ? 184 HIS A CB  1 
ATOM   955  C CG  . HIS A 1 136 ? -10.159 -1.078  -11.026 1.00 39.38 ? 184 HIS A CG  1 
ATOM   956  N ND1 . HIS A 1 136 ? -10.739 -1.423  -12.238 1.00 41.09 ? 184 HIS A ND1 1 
ATOM   957  C CD2 . HIS A 1 136 ? -10.371 0.246   -10.865 1.00 42.72 ? 184 HIS A CD2 1 
ATOM   958  C CE1 . HIS A 1 136 ? -11.264 -0.345  -12.793 1.00 43.26 ? 184 HIS A CE1 1 
ATOM   959  N NE2 . HIS A 1 136 ? -11.052 0.690   -11.970 1.00 42.93 ? 184 HIS A NE2 1 
ATOM   960  N N   . LEU A 1 137 ? -9.798  -4.406  -7.543  1.00 28.36 ? 185 LEU A N   1 
ATOM   961  C CA  . LEU A 1 137 ? -9.134  -5.567  -6.960  1.00 29.51 ? 185 LEU A CA  1 
ATOM   962  C C   . LEU A 1 137 ? -10.134 -6.489  -6.258  1.00 34.19 ? 185 LEU A C   1 
ATOM   963  O O   . LEU A 1 137 ? -9.784  -7.637  -5.930  1.00 32.61 ? 185 LEU A O   1 
ATOM   964  C CB  . LEU A 1 137 ? -8.034  -5.116  -5.994  1.00 28.22 ? 185 LEU A CB  1 
ATOM   965  C CG  . LEU A 1 137 ? -6.875  -4.364  -6.644  1.00 29.39 ? 185 LEU A CG  1 
ATOM   966  C CD1 . LEU A 1 137 ? -5.978  -3.716  -5.590  1.00 28.74 ? 185 LEU A CD1 1 
ATOM   967  C CD2 . LEU A 1 137 ? -6.046  -5.306  -7.510  1.00 31.83 ? 185 LEU A CD2 1 
ATOM   968  N N   . HIS A 1 138 ? -11.346 -5.991  -6.004  1.00 37.53 ? 186 HIS A N   1 
ATOM   969  C CA  . HIS A 1 138 ? -12.317 -6.667  -5.146  1.00 39.91 ? 186 HIS A CA  1 
ATOM   970  C C   . HIS A 1 138 ? -12.695 -8.030  -5.744  1.00 37.43 ? 186 HIS A C   1 
ATOM   971  O O   . HIS A 1 138 ? -12.713 -9.038  -5.035  1.00 40.64 ? 186 HIS A O   1 
ATOM   972  C CB  . HIS A 1 138 ? -13.571 -5.804  -4.927  1.00 45.34 ? 186 HIS A CB  1 
ATOM   973  C CG  . HIS A 1 138 ? -14.640 -6.525  -4.175  1.00 54.77 ? 186 HIS A CG  1 
ATOM   974  N ND1 . HIS A 1 138 ? -15.658 -7.224  -4.819  1.00 64.91 ? 186 HIS A ND1 1 
ATOM   975  C CD2 . HIS A 1 138 ? -14.821 -6.729  -2.852  1.00 61.43 ? 186 HIS A CD2 1 
ATOM   976  C CE1 . HIS A 1 138 ? -16.426 -7.810  -3.927  1.00 60.99 ? 186 HIS A CE1 1 
ATOM   977  N NE2 . HIS A 1 138 ? -15.941 -7.514  -2.710  1.00 61.35 ? 186 HIS A NE2 1 
ATOM   978  N N   . THR A 1 139 ? -13.006 -8.033  -7.031  1.00 36.84 ? 187 THR A N   1 
ATOM   979  C CA  . THR A 1 139 ? -13.426 -9.243  -7.731  1.00 41.08 ? 187 THR A CA  1 
ATOM   980  C C   . THR A 1 139 ? -12.307 -10.295 -7.643  1.00 38.59 ? 187 THR A C   1 
ATOM   981  O O   . THR A 1 139 ? -12.560 -11.465 -7.245  1.00 35.97 ? 187 THR A O   1 
ATOM   982  C CB  . THR A 1 139 ? -13.817 -8.913  -9.179  1.00 45.28 ? 187 THR A CB  1 
ATOM   983  O OG1 . THR A 1 139 ? -15.003 -8.113  -9.155  1.00 45.22 ? 187 THR A OG1 1 
ATOM   984  C CG2 . THR A 1 139 ? -14.090 -10.142 -10.021 1.00 50.17 ? 187 THR A CG2 1 
ATOM   985  N N   . TRP A 1 140 ? -11.085 -9.864  -8.003  1.00 32.03 ? 188 TRP A N   1 
ATOM   986  C CA  . TRP A 1 140 ? -9.912  -10.713 -7.972  1.00 29.07 ? 188 TRP A CA  1 
ATOM   987  C C   . TRP A 1 140 ? -9.751  -11.316 -6.571  1.00 31.15 ? 188 TRP A C   1 
ATOM   988  O O   . TRP A 1 140 ? -9.634  -12.533 -6.422  1.00 30.32 ? 188 TRP A O   1 
ATOM   989  C CB  . TRP A 1 140 ? -8.650  -9.985  -8.451  1.00 27.82 ? 188 TRP A CB  1 
ATOM   990  C CG  . TRP A 1 140 ? -7.497  -10.928 -8.581  1.00 25.81 ? 188 TRP A CG  1 
ATOM   991  C CD1 . TRP A 1 140 ? -7.110  -11.619 -9.695  1.00 29.26 ? 188 TRP A CD1 1 
ATOM   992  C CD2 . TRP A 1 140 ? -6.616  -11.345 -7.524  1.00 26.18 ? 188 TRP A CD2 1 
ATOM   993  N NE1 . TRP A 1 140 ? -6.042  -12.429 -9.409  1.00 26.06 ? 188 TRP A NE1 1 
ATOM   994  C CE2 . TRP A 1 140 ? -5.735  -12.294 -8.079  1.00 25.83 ? 188 TRP A CE2 1 
ATOM   995  C CE3 . TRP A 1 140 ? -6.517  -11.029 -6.161  1.00 25.98 ? 188 TRP A CE3 1 
ATOM   996  C CZ2 . TRP A 1 140 ? -4.752  -12.915 -7.310  1.00 24.64 ? 188 TRP A CZ2 1 
ATOM   997  C CZ3 . TRP A 1 140 ? -5.524  -11.616 -5.411  1.00 24.27 ? 188 TRP A CZ3 1 
ATOM   998  C CH2 . TRP A 1 140 ? -4.661  -12.546 -5.985  1.00 21.95 ? 188 TRP A CH2 1 
ATOM   999  N N   . ILE A 1 141 ? -9.788  -10.470 -5.536  1.00 31.03 ? 189 ILE A N   1 
ATOM   1000 C CA  . ILE A 1 141 ? -9.503  -10.932 -4.201  1.00 30.71 ? 189 ILE A CA  1 
ATOM   1001 C C   . ILE A 1 141 ? -10.471 -12.066 -3.873  1.00 35.82 ? 189 ILE A C   1 
ATOM   1002 O O   . ILE A 1 141 ? -10.068 -13.136 -3.393  1.00 32.93 ? 189 ILE A O   1 
ATOM   1003 C CB  . ILE A 1 141 ? -9.531  -9.774  -3.186  1.00 30.54 ? 189 ILE A CB  1 
ATOM   1004 C CG1 . ILE A 1 141 ? -8.250  -8.939  -3.308  1.00 33.11 ? 189 ILE A CG1 1 
ATOM   1005 C CG2 . ILE A 1 141 ? -9.717  -10.309 -1.788  1.00 32.65 ? 189 ILE A CG2 1 
ATOM   1006 C CD1 . ILE A 1 141 ? -8.233  -7.654  -2.480  1.00 33.39 ? 189 ILE A CD1 1 
ATOM   1007 N N   . GLN A 1 142 ? -11.736 -11.850 -4.232  1.00 37.96 ? 190 GLN A N   1 
ATOM   1008 C CA  . GLN A 1 142 ? -12.766 -12.797 -3.883  1.00 41.47 ? 190 GLN A CA  1 
ATOM   1009 C C   . GLN A 1 142 ? -12.617 -14.070 -4.716  1.00 36.73 ? 190 GLN A C   1 
ATOM   1010 O O   . GLN A 1 142 ? -12.689 -15.128 -4.199  1.00 40.00 ? 190 GLN A O   1 
ATOM   1011 C CB  . GLN A 1 142 ? -14.148 -12.163 -3.998  1.00 44.35 ? 190 GLN A CB  1 
ATOM   1012 C CG  . GLN A 1 142 ? -14.402 -11.071 -2.954  1.00 53.06 ? 190 GLN A CG  1 
ATOM   1013 C CD  . GLN A 1 142 ? -14.038 -11.363 -1.506  1.00 56.31 ? 190 GLN A CD  1 
ATOM   1014 O OE1 . GLN A 1 142 ? -14.263 -12.449 -0.974  1.00 67.36 ? 190 GLN A OE1 1 
ATOM   1015 N NE2 . GLN A 1 142 ? -13.501 -10.361 -0.822  1.00 60.31 ? 190 GLN A NE2 1 
ATOM   1016 N N   . ASP A 1 143 ? -12.289 -13.943 -5.984  1.00 34.06 ? 191 ASP A N   1 
ATOM   1017 C CA  . ASP A 1 143 ? -12.123 -15.091 -6.788  1.00 35.89 ? 191 ASP A CA  1 
ATOM   1018 C C   . ASP A 1 143 ? -10.932 -15.925 -6.307  1.00 34.30 ? 191 ASP A C   1 
ATOM   1019 O O   . ASP A 1 143 ? -10.841 -17.063 -6.660  1.00 37.68 ? 191 ASP A O   1 
ATOM   1020 C CB  . ASP A 1 143 ? -11.932 -14.701 -8.249  1.00 33.88 ? 191 ASP A CB  1 
ATOM   1021 C CG  . ASP A 1 143 ? -13.207 -14.249 -8.949  1.00 41.80 ? 191 ASP A CG  1 
ATOM   1022 O OD1 . ASP A 1 143 ? -14.288 -14.464 -8.393  1.00 42.65 ? 191 ASP A OD1 1 
ATOM   1023 O OD2 . ASP A 1 143 ? -13.103 -13.705 -10.056 1.00 40.82 ? 191 ASP A OD2 1 
ATOM   1024 N N   . ASN A 1 144 ? -10.016 -15.334 -5.535  1.00 33.18 ? 192 ASN A N   1 
ATOM   1025 C CA  . ASN A 1 144 ? -8.737  -15.961 -5.258  1.00 30.12 ? 192 ASN A CA  1 
ATOM   1026 C C   . ASN A 1 144 ? -8.633  -16.309 -3.774  1.00 34.81 ? 192 ASN A C   1 
ATOM   1027 O O   . ASN A 1 144 ? -7.511  -16.553 -3.265  1.00 35.84 ? 192 ASN A O   1 
ATOM   1028 C CB  . ASN A 1 144 ? -7.576  -15.080 -5.734  1.00 31.64 ? 192 ASN A CB  1 
ATOM   1029 C CG  . ASN A 1 144 ? -7.361  -15.165 -7.226  1.00 32.61 ? 192 ASN A CG  1 
ATOM   1030 O OD1 . ASN A 1 144 ? -6.527  -15.940 -7.664  1.00 41.86 ? 192 ASN A OD1 1 
ATOM   1031 N ND2 . ASN A 1 144 ? -8.094  -14.392 -8.014  1.00 29.04 ? 192 ASN A ND2 1 
ATOM   1032 N N   . GLY A 1 145 ? -9.795  -16.369 -3.104  1.00 30.09 ? 193 GLY A N   1 
ATOM   1033 C CA  . GLY A 1 145 ? -9.929  -16.928 -1.771  1.00 33.20 ? 193 GLY A CA  1 
ATOM   1034 C C   . GLY A 1 145 ? -9.936  -15.890 -0.673  1.00 33.90 ? 193 GLY A C   1 
ATOM   1035 O O   . GLY A 1 145 ? -9.860  -16.258 0.496   1.00 39.07 ? 193 GLY A O   1 
ATOM   1036 N N   . GLY A 1 146 ? -9.974  -14.601 -1.042  1.00 34.03 ? 194 GLY A N   1 
ATOM   1037 C CA  . GLY A 1 146 ? -10.042 -13.517 -0.072  1.00 33.52 ? 194 GLY A CA  1 
ATOM   1038 C C   . GLY A 1 146 ? -8.750  -13.350 0.719   1.00 30.98 ? 194 GLY A C   1 
ATOM   1039 O O   . GLY A 1 146 ? -7.719  -14.032 0.446   1.00 26.06 ? 194 GLY A O   1 
ATOM   1040 N N   . TRP A 1 147 ? -8.795  -12.466 1.723   1.00 29.81 ? 195 TRP A N   1 
ATOM   1041 C CA  . TRP A 1 147 ? -7.581  -12.114 2.490   1.00 31.42 ? 195 TRP A CA  1 
ATOM   1042 C C   . TRP A 1 147 ? -6.993  -13.334 3.219   1.00 31.23 ? 195 TRP A C   1 
ATOM   1043 O O   . TRP A 1 147 ? -5.783  -13.422 3.463   1.00 29.36 ? 195 TRP A O   1 
ATOM   1044 C CB  . TRP A 1 147 ? -7.853  -10.904 3.379   1.00 31.44 ? 195 TRP A CB  1 
ATOM   1045 C CG  . TRP A 1 147 ? -7.835  -9.629  2.591   1.00 31.59 ? 195 TRP A CG  1 
ATOM   1046 C CD1 . TRP A 1 147 ? -8.904  -8.947  2.087   1.00 35.30 ? 195 TRP A CD1 1 
ATOM   1047 C CD2 . TRP A 1 147 ? -6.671  -8.904  2.165   1.00 32.90 ? 195 TRP A CD2 1 
ATOM   1048 N NE1 . TRP A 1 147 ? -8.488  -7.849  1.376   1.00 35.86 ? 195 TRP A NE1 1 
ATOM   1049 C CE2 . TRP A 1 147 ? -7.120  -7.788  1.430   1.00 34.22 ? 195 TRP A CE2 1 
ATOM   1050 C CE3 . TRP A 1 147 ? -5.292  -9.069  2.370   1.00 32.93 ? 195 TRP A CE3 1 
ATOM   1051 C CZ2 . TRP A 1 147 ? -6.240  -6.861  0.877   1.00 33.86 ? 195 TRP A CZ2 1 
ATOM   1052 C CZ3 . TRP A 1 147 ? -4.423  -8.146  1.831   1.00 32.41 ? 195 TRP A CZ3 1 
ATOM   1053 C CH2 . TRP A 1 147 ? -4.893  -7.053  1.109   1.00 33.61 ? 195 TRP A CH2 1 
ATOM   1054 N N   . ASP A 1 148 ? -7.822  -14.333 3.517   1.00 35.46 ? 196 ASP A N   1 
ATOM   1055 C CA  . ASP A 1 148 ? -7.307  -15.541 4.159   1.00 37.32 ? 196 ASP A CA  1 
ATOM   1056 C C   . ASP A 1 148 ? -6.282  -16.218 3.236   1.00 29.04 ? 196 ASP A C   1 
ATOM   1057 O O   . ASP A 1 148 ? -5.305  -16.814 3.705   1.00 28.82 ? 196 ASP A O   1 
ATOM   1058 C CB  . ASP A 1 148 ? -8.464  -16.442 4.607   1.00 37.34 ? 196 ASP A CB  1 
ATOM   1059 C CG  . ASP A 1 148 ? -9.216  -15.893 5.813   1.00 40.81 ? 196 ASP A CG  1 
ATOM   1060 O OD1 . ASP A 1 148 ? -8.679  -14.990 6.509   1.00 43.07 ? 196 ASP A OD1 1 
ATOM   1061 O OD2 . ASP A 1 148 ? -10.344 -16.361 6.057   1.00 49.13 ? 196 ASP A OD2 1 
ATOM   1062 N N   . ALA A 1 149 ? -6.520  -16.159 1.922   1.00 28.30 ? 197 ALA A N   1 
ATOM   1063 C CA  . ALA A 1 149 ? -5.605  -16.787 0.981   1.00 28.90 ? 197 ALA A CA  1 
ATOM   1064 C C   . ALA A 1 149 ? -4.248  -16.065 0.999   1.00 27.42 ? 197 ALA A C   1 
ATOM   1065 O O   . ALA A 1 149 ? -3.188  -16.709 0.811   1.00 25.79 ? 197 ALA A O   1 
ATOM   1066 C CB  . ALA A 1 149 ? -6.204  -16.780 -0.403  1.00 27.83 ? 197 ALA A CB  1 
ATOM   1067 N N   . PHE A 1 150 ? -4.289  -14.740 1.188   1.00 27.22 ? 198 PHE A N   1 
ATOM   1068 C CA  . PHE A 1 150 ? -3.080  -13.896 1.312   1.00 25.87 ? 198 PHE A CA  1 
ATOM   1069 C C   . PHE A 1 150 ? -2.228  -14.374 2.488   1.00 25.47 ? 198 PHE A C   1 
ATOM   1070 O O   . PHE A 1 150 ? -1.024  -14.545 2.350   1.00 23.95 ? 198 PHE A O   1 
ATOM   1071 C CB  . PHE A 1 150 ? -3.445  -12.425 1.510   1.00 26.82 ? 198 PHE A CB  1 
ATOM   1072 C CG  . PHE A 1 150 ? -2.279  -11.583 1.954   1.00 26.30 ? 198 PHE A CG  1 
ATOM   1073 C CD1 . PHE A 1 150 ? -1.203  -11.344 1.115   1.00 27.38 ? 198 PHE A CD1 1 
ATOM   1074 C CD2 . PHE A 1 150 ? -2.247  -11.053 3.232   1.00 25.14 ? 198 PHE A CD2 1 
ATOM   1075 C CE1 . PHE A 1 150 ? -0.119  -10.600 1.549   1.00 25.91 ? 198 PHE A CE1 1 
ATOM   1076 C CE2 . PHE A 1 150 ? -1.169  -10.304 3.653   1.00 25.07 ? 198 PHE A CE2 1 
ATOM   1077 C CZ  . PHE A 1 150 ? -0.116  -10.065 2.800   1.00 24.97 ? 198 PHE A CZ  1 
ATOM   1078 N N   . VAL A 1 151 ? -2.891  -14.631 3.624   1.00 25.88 ? 199 VAL A N   1 
ATOM   1079 C CA  . VAL A 1 151 ? -2.211  -15.043 4.817   1.00 25.12 ? 199 VAL A CA  1 
ATOM   1080 C C   . VAL A 1 151 ? -1.565  -16.406 4.554   1.00 23.06 ? 199 VAL A C   1 
ATOM   1081 O O   . VAL A 1 151 ? -0.372  -16.621 4.868   1.00 22.00 ? 199 VAL A O   1 
ATOM   1082 C CB  . VAL A 1 151 ? -3.149  -15.027 6.045   1.00 25.58 ? 199 VAL A CB  1 
ATOM   1083 C CG1 . VAL A 1 151 ? -2.528  -15.703 7.250   1.00 27.15 ? 199 VAL A CG1 1 
ATOM   1084 C CG2 . VAL A 1 151 ? -3.541  -13.605 6.430   1.00 28.43 ? 199 VAL A CG2 1 
ATOM   1085 N N   . GLU A 1 152 ? -2.311  -17.317 3.931   1.00 24.49 ? 200 GLU A N   1 
ATOM   1086 C CA  . GLU A 1 152 ? -1.812  -18.655 3.605   1.00 24.53 ? 200 GLU A CA  1 
ATOM   1087 C C   . GLU A 1 152 ? -0.588  -18.543 2.694   1.00 22.63 ? 200 GLU A C   1 
ATOM   1088 O O   . GLU A 1 152 ? 0.434   -19.167 2.908   1.00 22.76 ? 200 GLU A O   1 
ATOM   1089 C CB  . GLU A 1 152 ? -2.883  -19.480 2.894   1.00 22.49 ? 200 GLU A CB  1 
ATOM   1090 C CG  . GLU A 1 152 ? -2.411  -20.834 2.407   1.00 23.87 ? 200 GLU A CG  1 
ATOM   1091 C CD  . GLU A 1 152 ? -3.426  -21.638 1.617   1.00 26.58 ? 200 GLU A CD  1 
ATOM   1092 O OE1 . GLU A 1 152 ? -4.564  -21.153 1.463   1.00 25.92 ? 200 GLU A OE1 1 
ATOM   1093 O OE2 . GLU A 1 152 ? -3.099  -22.803 1.250   1.00 27.40 ? 200 GLU A OE2 1 
ATOM   1094 N N   . LEU A 1 153 ? -0.698  -17.700 1.666   1.00 25.26 ? 201 LEU A N   1 
ATOM   1095 C CA  . LEU A 1 153 ? 0.427   -17.521 0.767   1.00 26.09 ? 201 LEU A CA  1 
ATOM   1096 C C   . LEU A 1 153 ? 1.655   -17.041 1.549   1.00 25.48 ? 201 LEU A C   1 
ATOM   1097 O O   . LEU A 1 153 ? 2.760   -17.558 1.391   1.00 22.81 ? 201 LEU A O   1 
ATOM   1098 C CB  . LEU A 1 153 ? 0.044   -16.540 -0.337  1.00 26.36 ? 201 LEU A CB  1 
ATOM   1099 C CG  . LEU A 1 153 ? 1.234   -16.152 -1.215  1.00 29.13 ? 201 LEU A CG  1 
ATOM   1100 C CD1 . LEU A 1 153 ? 1.836   -17.383 -1.866  1.00 29.09 ? 201 LEU A CD1 1 
ATOM   1101 C CD2 . LEU A 1 153 ? 0.817   -15.131 -2.248  1.00 26.53 ? 201 LEU A CD2 1 
ATOM   1102 N N   . TYR A 1 154 ? 1.468   -16.004 2.363   1.00 24.13 ? 202 TYR A N   1 
ATOM   1103 C CA  . TYR A 1 154 ? 2.559   -15.461 3.127   1.00 25.64 ? 202 TYR A CA  1 
ATOM   1104 C C   . TYR A 1 154 ? 3.238   -16.543 3.974   1.00 22.86 ? 202 TYR A C   1 
ATOM   1105 O O   . TYR A 1 154 ? 4.458   -16.643 3.980   1.00 22.77 ? 202 TYR A O   1 
ATOM   1106 C CB  . TYR A 1 154 ? 2.089   -14.283 3.965   1.00 24.73 ? 202 TYR A CB  1 
ATOM   1107 C CG  . TYR A 1 154 ? 3.187   -13.647 4.768   1.00 26.36 ? 202 TYR A CG  1 
ATOM   1108 C CD1 . TYR A 1 154 ? 3.494   -14.130 6.022   1.00 28.26 ? 202 TYR A CD1 1 
ATOM   1109 C CD2 . TYR A 1 154 ? 3.931   -12.592 4.271   1.00 30.06 ? 202 TYR A CD2 1 
ATOM   1110 C CE1 . TYR A 1 154 ? 4.483   -13.548 6.794   1.00 30.57 ? 202 TYR A CE1 1 
ATOM   1111 C CE2 . TYR A 1 154 ? 4.934   -12.012 5.027   1.00 32.89 ? 202 TYR A CE2 1 
ATOM   1112 C CZ  . TYR A 1 154 ? 5.215   -12.493 6.285   1.00 32.32 ? 202 TYR A CZ  1 
ATOM   1113 O OH  . TYR A 1 154 ? 6.194   -11.947 7.064   1.00 35.27 ? 202 TYR A OH  1 
ATOM   1114 N N   . GLY A 1 155 ? 2.446   -17.366 4.669   1.00 24.83 ? 203 GLY A N   1 
ATOM   1115 C CA  . GLY A 1 155 ? 2.954   -18.485 5.421   1.00 25.55 ? 203 GLY A CA  1 
ATOM   1116 C C   . GLY A 1 155 ? 3.821   -19.429 4.599   1.00 23.88 ? 203 GLY A C   1 
ATOM   1117 O O   . GLY A 1 155 ? 4.930   -19.768 4.990   1.00 22.52 ? 203 GLY A O   1 
ATOM   1118 N N   . ASN A 1 156 ? 3.335   -19.824 3.427   1.00 24.70 ? 204 ASN A N   1 
ATOM   1119 C CA  . ASN A 1 156 ? 4.079   -20.743 2.560   1.00 24.16 ? 204 ASN A CA  1 
ATOM   1120 C C   . ASN A 1 156 ? 5.404   -20.111 2.174   1.00 24.31 ? 204 ASN A C   1 
ATOM   1121 O O   . ASN A 1 156 ? 6.457   -20.779 2.233   1.00 23.18 ? 204 ASN A O   1 
ATOM   1122 C CB  . ASN A 1 156 ? 3.281   -21.123 1.309   1.00 29.31 ? 204 ASN A CB  1 
ATOM   1123 C CG  . ASN A 1 156 ? 2.189   -22.123 1.608   1.00 32.11 ? 204 ASN A CG  1 
ATOM   1124 O OD1 . ASN A 1 156 ? 2.351   -22.934 2.510   1.00 41.42 ? 204 ASN A OD1 1 
ATOM   1125 N ND2 . ASN A 1 156 ? 1.072   -22.047 0.902   1.00 32.08 ? 204 ASN A ND2 1 
ATOM   1126 N N   . ASN A 1 157 ? 5.350   -18.834 1.771   1.00 24.43 ? 205 ASN A N   1 
ATOM   1127 C CA  . ASN A 1 157 ? 6.577   -18.147 1.339   1.00 27.11 ? 205 ASN A CA  1 
ATOM   1128 C C   . ASN A 1 157 ? 7.554   -18.011 2.517   1.00 28.66 ? 205 ASN A C   1 
ATOM   1129 O O   . ASN A 1 157 ? 8.751   -18.253 2.330   1.00 26.03 ? 205 ASN A O   1 
ATOM   1130 C CB  . ASN A 1 157 ? 6.289   -16.791 0.700   1.00 27.58 ? 205 ASN A CB  1 
ATOM   1131 C CG  . ASN A 1 157 ? 5.581   -16.912 -0.638  1.00 30.21 ? 205 ASN A CG  1 
ATOM   1132 O OD1 . ASN A 1 157 ? 5.495   -18.007 -1.212  1.00 34.87 ? 205 ASN A OD1 1 
ATOM   1133 N ND2 . ASN A 1 157 ? 5.060   -15.793 -1.121  1.00 31.67 ? 205 ASN A ND2 1 
ATOM   1134 N N   . ALA A 1 158 ? 7.033   -17.745 3.728   1.00 25.91 ? 206 ALA A N   1 
ATOM   1135 C CA  . ALA A 1 158 ? 7.915   -17.592 4.900   1.00 28.53 ? 206 ALA A CA  1 
ATOM   1136 C C   . ALA A 1 158 ? 8.661   -18.910 5.187   1.00 28.69 ? 206 ALA A C   1 
ATOM   1137 O O   . ALA A 1 158 ? 9.849   -18.909 5.532   1.00 31.03 ? 206 ALA A O   1 
ATOM   1138 C CB  . ALA A 1 158 ? 7.121   -17.104 6.088   1.00 28.08 ? 206 ALA A CB  1 
ATOM   1139 N N   . ALA A 1 159 ? 7.949   -20.037 5.077   1.00 31.04 ? 207 ALA A N   1 
ATOM   1140 C CA  . ALA A 1 159 ? 8.513   -21.353 5.300   1.00 29.57 ? 207 ALA A CA  1 
ATOM   1141 C C   . ALA A 1 159 ? 9.594   -21.666 4.258   1.00 34.68 ? 207 ALA A C   1 
ATOM   1142 O O   . ALA A 1 159 ? 10.620  -22.186 4.604   1.00 36.19 ? 207 ALA A O   1 
ATOM   1143 C CB  . ALA A 1 159 ? 7.409   -22.358 5.255   1.00 30.61 ? 207 ALA A CB  1 
ATOM   1144 N N   . ALA A 1 160 ? 9.351   -21.284 3.001   1.00 35.66 ? 208 ALA A N   1 
ATOM   1145 C CA  . ALA A 1 160 ? 10.331  -21.420 1.904   1.00 38.76 ? 208 ALA A CA  1 
ATOM   1146 C C   . ALA A 1 160 ? 11.564  -20.545 2.174   1.00 39.48 ? 208 ALA A C   1 
ATOM   1147 O O   . ALA A 1 160 ? 12.685  -21.045 2.132   1.00 39.91 ? 208 ALA A O   1 
ATOM   1148 C CB  . ALA A 1 160 ? 9.678   -21.081 0.580   1.00 39.16 ? 208 ALA A CB  1 
ATOM   1149 N N   . GLU A 1 161 ? 11.352  -19.260 2.486   1.00 36.74 ? 209 GLU A N   1 
ATOM   1150 C CA  . GLU A 1 161 ? 12.471  -18.328 2.729   1.00 47.58 ? 209 GLU A CA  1 
ATOM   1151 C C   . GLU A 1 161 ? 13.302  -18.780 3.952   1.00 49.74 ? 209 GLU A C   1 
ATOM   1152 O O   . GLU A 1 161 ? 14.442  -18.387 4.098   1.00 49.31 ? 209 GLU A O   1 
ATOM   1153 C CB  . GLU A 1 161 ? 11.954  -16.886 2.856   1.00 46.82 ? 209 GLU A CB  1 
ATOM   1154 C CG  . GLU A 1 161 ? 11.670  -16.236 1.500   1.00 50.02 ? 209 GLU A CG  1 
ATOM   1155 C CD  . GLU A 1 161 ? 10.746  -15.018 1.465   1.00 54.97 ? 209 GLU A CD  1 
ATOM   1156 O OE1 . GLU A 1 161 ? 10.428  -14.472 2.543   1.00 56.46 ? 209 GLU A OE1 1 
ATOM   1157 O OE2 . GLU A 1 161 ? 10.337  -14.611 0.338   1.00 52.04 ? 209 GLU A OE2 1 
ATOM   1158 N N   . SER A 1 162 ? 12.733  -19.608 4.833   1.00 47.02 ? 210 SER A N   1 
ATOM   1159 C CA  . SER A 1 162 ? 13.413  -20.054 6.056   1.00 48.52 ? 210 SER A CA  1 
ATOM   1160 C C   . SER A 1 162 ? 14.467  -21.124 5.739   1.00 52.71 ? 210 SER A C   1 
ATOM   1161 O O   . SER A 1 162 ? 15.469  -21.230 6.445   1.00 58.24 ? 210 SER A O   1 
ATOM   1162 C CB  . SER A 1 162 ? 12.406  -20.569 7.064   1.00 48.49 ? 210 SER A CB  1 
ATOM   1163 O OG  . SER A 1 162 ? 13.044  -21.241 8.135   1.00 51.52 ? 210 SER A OG  1 
ATOM   1164 N N   . ARG A 1 163 ? 14.213  -21.920 4.694   1.00 55.51 ? 211 ARG A N   1 
ATOM   1165 C CA  . ARG A 1 163 ? 14.959  -23.128 4.384   1.00 58.85 ? 211 ARG A CA  1 
ATOM   1166 C C   . ARG A 1 163 ? 15.453  -23.061 2.935   1.00 62.31 ? 211 ARG A C   1 
ATOM   1167 O O   . ARG A 1 163 ? 16.071  -24.007 2.452   1.00 64.94 ? 211 ARG A O   1 
ATOM   1168 C CB  . ARG A 1 163 ? 14.066  -24.354 4.599   1.00 59.78 ? 211 ARG A CB  1 
HETATM 1169 C C30 . J1Q B 2 .   ? 5.658   -0.110  -5.792  1.00 24.01 ? 401 J1Q A C30 1 
HETATM 1170 C C29 . J1Q B 2 .   ? 4.956   0.002   -7.089  1.00 22.16 ? 401 J1Q A C29 1 
HETATM 1171 C C28 . J1Q B 2 .   ? 5.970   0.198   -8.181  1.00 21.09 ? 401 J1Q A C28 1 
HETATM 1172 C C27 . J1Q B 2 .   ? 5.255   0.017   -9.487  1.00 22.60 ? 401 J1Q A C27 1 
HETATM 1173 N N5  . J1Q B 2 .   ? 6.179   0.264   -10.673 1.00 22.98 ? 401 J1Q A N5  1 
HETATM 1174 C C23 . J1Q B 2 .   ? 6.659   1.647   -10.956 1.00 23.36 ? 401 J1Q A C23 1 
HETATM 1175 C C24 . J1Q B 2 .   ? 5.715   2.429   -11.875 1.00 26.52 ? 401 J1Q A C24 1 
HETATM 1176 C C25 . J1Q B 2 .   ? 6.380   3.788   -12.291 1.00 28.94 ? 401 J1Q A C25 1 
HETATM 1177 C C26 . J1Q B 2 .   ? 5.420   4.505   -13.242 1.00 34.35 ? 401 J1Q A C26 1 
HETATM 1178 C C22 . J1Q B 2 .   ? 6.537   -0.749  -11.466 1.00 22.73 ? 401 J1Q A C22 1 
HETATM 1179 O O2  . J1Q B 2 .   ? 7.217   -0.612  -12.480 1.00 23.63 ? 401 J1Q A O2  1 
HETATM 1180 C C18 . J1Q B 2 .   ? 6.259   -2.170  -11.141 1.00 21.19 ? 401 J1Q A C18 1 
HETATM 1181 N N4  . J1Q B 2 .   ? 6.673   -2.698  -10.033 1.00 20.61 ? 401 J1Q A N4  1 
HETATM 1182 C C19 . J1Q B 2 .   ? 5.590   -3.114  -11.917 1.00 22.83 ? 401 J1Q A C19 1 
HETATM 1183 C C20 . J1Q B 2 .   ? 5.680   -4.289  -11.176 1.00 21.12 ? 401 J1Q A C20 1 
HETATM 1184 C C21 . J1Q B 2 .   ? 5.103   -5.619  -11.516 1.00 20.66 ? 401 J1Q A C21 1 
HETATM 1185 N N3  . J1Q B 2 .   ? 6.337   -3.984  -10.034 1.00 21.59 ? 401 J1Q A N3  1 
HETATM 1186 C C13 . J1Q B 2 .   ? 6.791   -4.891  -8.981  1.00 20.31 ? 401 J1Q A C13 1 
HETATM 1187 C C14 . J1Q B 2 .   ? 5.985   -5.673  -8.188  1.00 19.24 ? 401 J1Q A C14 1 
HETATM 1188 C C15 . J1Q B 2 .   ? 6.582   -6.498  -7.310  1.00 19.60 ? 401 J1Q A C15 1 
HETATM 1189 C C16 . J1Q B 2 .   ? 7.958   -6.519  -7.123  1.00 18.52 ? 401 J1Q A C16 1 
HETATM 1190 C C17 . J1Q B 2 .   ? 8.759   -5.693  -7.928  1.00 18.18 ? 401 J1Q A C17 1 
HETATM 1191 C C12 . J1Q B 2 .   ? 8.162   -4.925  -8.870  1.00 19.30 ? 401 J1Q A C12 1 
HETATM 1192 C C11 . J1Q B 2 .   ? 9.025   -4.024  -9.757  1.00 19.33 ? 401 J1Q A C11 1 
HETATM 1193 O O1  . J1Q B 2 .   ? 9.027   -4.197  -10.999 1.00 20.43 ? 401 J1Q A O1  1 
HETATM 1194 N N1  . J1Q B 2 .   ? 9.813   -3.104  -9.195  1.00 18.06 ? 401 J1Q A N1  1 
HETATM 1195 C C7  . J1Q B 2 .   ? 9.737   -2.749  -7.764  1.00 17.05 ? 401 J1Q A C7  1 
HETATM 1196 C C6  . J1Q B 2 .   ? 9.668   -1.258  -7.511  1.00 16.84 ? 401 J1Q A C6  1 
HETATM 1197 C C4  . J1Q B 2 .   ? 9.479   -0.812  -6.218  1.00 19.20 ? 401 J1Q A C4  1 
HETATM 1198 C C3  . J1Q B 2 .   ? 9.423   0.545   -5.959  1.00 18.95 ? 401 J1Q A C3  1 
HETATM 1199 C C2  . J1Q B 2 .   ? 9.591   1.439   -6.991  1.00 17.49 ? 401 J1Q A C2  1 
HETATM 1200 C C1  . J1Q B 2 .   ? 9.738   1.040   -8.295  1.00 18.77 ? 401 J1Q A C1  1 
HETATM 1201 C C5  . J1Q B 2 .   ? 9.808   -0.350  -8.537  1.00 17.92 ? 401 J1Q A C5  1 
HETATM 1202 C C10 . J1Q B 2 .   ? 9.988   -0.839  -9.932  1.00 18.75 ? 401 J1Q A C10 1 
HETATM 1203 C C8  . J1Q B 2 .   ? 10.615  -2.203  -10.024 1.00 18.39 ? 401 J1Q A C8  1 
HETATM 1204 C C9  . J1Q B 2 .   ? 12.082  -2.105  -9.647  1.00 21.48 ? 401 J1Q A C9  1 
HETATM 1205 N N2  . J1Q B 2 .   ? 12.752  -3.331  -10.075 1.00 24.74 ? 401 J1Q A N2  1 
HETATM 1206 C C   . ACT C 3 .   ? 6.068   -9.237  -10.367 1.00 27.37 ? 402 ACT A C   1 
HETATM 1207 O O   . ACT C 3 .   ? 5.149   -8.865  -9.624  1.00 26.09 ? 402 ACT A O   1 
HETATM 1208 O OXT . ACT C 3 .   ? 5.867   -10.103 -11.269 1.00 29.92 ? 402 ACT A OXT 1 
HETATM 1209 C CH3 . ACT C 3 .   ? 7.429   -8.702  -10.078 1.00 28.98 ? 402 ACT A CH3 1 
HETATM 1210 O O   . HOH D 4 .   ? 2.657   11.961  -12.388 1.00 44.49 ? 501 HOH A O   1 
HETATM 1211 O O   . HOH D 4 .   ? 5.347   -1.219  -16.800 1.00 47.11 ? 502 HOH A O   1 
HETATM 1212 O O   . HOH D 4 .   ? 8.075   -11.525 5.678   1.00 56.51 ? 503 HOH A O   1 
HETATM 1213 O O   . HOH D 4 .   ? -1.064  -23.970 1.741   1.00 35.80 ? 504 HOH A O   1 
HETATM 1214 O O   . HOH D 4 .   ? -12.220 -8.534  0.100   1.00 56.13 ? 505 HOH A O   1 
HETATM 1215 O O   . HOH D 4 .   ? 10.416  -9.136  -4.642  1.00 28.17 ? 506 HOH A O   1 
HETATM 1216 O O   . HOH D 4 .   ? -12.608 3.688   -9.907  1.00 32.83 ? 507 HOH A O   1 
HETATM 1217 O O   . HOH D 4 .   ? -9.852  9.595   2.674   1.00 39.72 ? 508 HOH A O   1 
HETATM 1218 O O   . HOH D 4 .   ? 7.820   16.167  8.371   1.00 40.76 ? 509 HOH A O   1 
HETATM 1219 O O   . HOH D 4 .   ? 11.415  11.993  -2.811  1.00 29.30 ? 510 HOH A O   1 
HETATM 1220 O O   . HOH D 4 .   ? 1.879   -24.053 4.691   1.00 46.84 ? 511 HOH A O   1 
HETATM 1221 O O   . HOH D 4 .   ? 0.830   -11.926 -16.408 1.00 34.88 ? 512 HOH A O   1 
HETATM 1222 O O   . HOH D 4 .   ? 6.169   -5.468  10.094  1.00 50.37 ? 513 HOH A O   1 
HETATM 1223 O O   . HOH D 4 .   ? -8.415  -5.550  -11.958 1.00 49.87 ? 514 HOH A O   1 
HETATM 1224 O O   . HOH D 4 .   ? 4.334   -3.262  -15.598 1.00 44.93 ? 515 HOH A O   1 
HETATM 1225 O O   . HOH D 4 .   ? 4.309   -19.641 -2.780  1.00 42.15 ? 516 HOH A O   1 
HETATM 1226 O O   . HOH D 4 .   ? 6.913   -9.315  -13.491 1.00 25.76 ? 517 HOH A O   1 
HETATM 1227 O O   . HOH D 4 .   ? 13.007  0.405   4.592   1.00 47.18 ? 518 HOH A O   1 
HETATM 1228 O O   . HOH D 4 .   ? -4.587  3.577   -13.023 1.00 35.19 ? 519 HOH A O   1 
HETATM 1229 O O   . HOH D 4 .   ? 4.464   -9.840  -7.320  1.00 26.27 ? 520 HOH A O   1 
HETATM 1230 O O   . HOH D 4 .   ? -10.724 -12.814 -10.648 1.00 53.01 ? 521 HOH A O   1 
HETATM 1231 O O   . HOH D 4 .   ? 10.593  -17.223 7.379   1.00 42.22 ? 522 HOH A O   1 
HETATM 1232 O O   . HOH D 4 .   ? -6.666  -14.959 8.178   1.00 46.29 ? 523 HOH A O   1 
HETATM 1233 O O   . HOH D 4 .   ? 12.757  -7.686  2.075   1.00 35.30 ? 524 HOH A O   1 
HETATM 1234 O O   . HOH D 4 .   ? 13.695  1.068   -10.249 1.00 45.40 ? 525 HOH A O   1 
HETATM 1235 O O   . HOH D 4 .   ? -5.137  -0.184  -13.220 1.00 38.85 ? 526 HOH A O   1 
HETATM 1236 O O   . HOH D 4 .   ? 6.902   4.428   7.338   1.00 35.44 ? 527 HOH A O   1 
HETATM 1237 O O   . HOH D 4 .   ? -0.641  14.075  17.152  1.00 51.97 ? 528 HOH A O   1 
HETATM 1238 O O   . HOH D 4 .   ? 1.246   13.285  15.061  1.00 63.04 ? 529 HOH A O   1 
HETATM 1239 O O   . HOH D 4 .   ? 3.560   18.125  7.072   1.00 44.87 ? 530 HOH A O   1 
HETATM 1240 O O   . HOH D 4 .   ? -2.699  -6.689  13.341  1.00 59.06 ? 531 HOH A O   1 
HETATM 1241 O O   . HOH D 4 .   ? 16.777  11.516  -8.209  1.00 28.17 ? 532 HOH A O   1 
HETATM 1242 O O   . HOH D 4 .   ? 5.412   -7.972  -3.240  1.00 22.81 ? 533 HOH A O   1 
HETATM 1243 O O   . HOH D 4 .   ? 3.235   13.792  -8.760  1.00 29.71 ? 534 HOH A O   1 
HETATM 1244 O O   . HOH D 4 .   ? 8.180   13.363  -5.502  1.00 29.91 ? 535 HOH A O   1 
HETATM 1245 O O   . HOH D 4 .   ? 7.720   17.683  -4.652  1.00 43.44 ? 536 HOH A O   1 
HETATM 1246 O O   . HOH D 4 .   ? -3.041  -18.742 -0.929  1.00 34.03 ? 537 HOH A O   1 
HETATM 1247 O O   . HOH D 4 .   ? -4.749  -5.368  -14.244 1.00 44.99 ? 538 HOH A O   1 
HETATM 1248 O O   . HOH D 4 .   ? 17.193  -1.228  2.048   1.00 45.72 ? 539 HOH A O   1 
HETATM 1249 O O   . HOH D 4 .   ? 7.197   -8.467  0.803   1.00 24.54 ? 540 HOH A O   1 
HETATM 1250 O O   . HOH D 4 .   ? 10.720  2.498   1.295   1.00 47.37 ? 541 HOH A O   1 
HETATM 1251 O O   . HOH D 4 .   ? -3.021  -1.964  -15.287 1.00 39.27 ? 542 HOH A O   1 
HETATM 1252 O O   . HOH D 4 .   ? -8.474  7.608   -13.446 1.00 30.93 ? 543 HOH A O   1 
HETATM 1253 O O   . HOH D 4 .   ? 12.651  17.176  -2.584  1.00 34.64 ? 544 HOH A O   1 
HETATM 1254 O O   . HOH D 4 .   ? 5.338   -10.158 -17.642 1.00 28.54 ? 545 HOH A O   1 
HETATM 1255 O O   . HOH D 4 .   ? 17.609  -4.489  -1.858  1.00 36.89 ? 546 HOH A O   1 
HETATM 1256 O O   . HOH D 4 .   ? -16.844 -3.208  -5.314  1.00 52.43 ? 547 HOH A O   1 
HETATM 1257 O O   . HOH D 4 .   ? -10.692 -7.407  -9.842  1.00 34.75 ? 548 HOH A O   1 
HETATM 1258 O O   . HOH D 4 .   ? -12.356 3.037   -12.409 1.00 44.56 ? 549 HOH A O   1 
HETATM 1259 O O   . HOH D 4 .   ? -5.148  -10.365 -13.225 1.00 38.00 ? 550 HOH A O   1 
HETATM 1260 O O   . HOH D 4 .   ? 1.239   3.679   -16.385 1.00 32.99 ? 551 HOH A O   1 
HETATM 1261 O O   . HOH D 4 .   ? 7.833   -10.602 2.361   1.00 32.40 ? 552 HOH A O   1 
HETATM 1262 O O   . HOH D 4 .   ? -4.811  -16.569 -3.727  1.00 32.23 ? 553 HOH A O   1 
HETATM 1263 O O   . HOH D 4 .   ? -2.566  0.759   12.127  1.00 38.58 ? 554 HOH A O   1 
HETATM 1264 O O   . HOH D 4 .   ? 8.877   -2.661  -13.276 1.00 24.50 ? 555 HOH A O   1 
HETATM 1265 O O   . HOH D 4 .   ? 2.235   -6.198  -13.794 1.00 24.37 ? 556 HOH A O   1 
HETATM 1266 O O   . HOH D 4 .   ? -16.351 -5.528  -6.874  1.00 51.41 ? 557 HOH A O   1 
HETATM 1267 O O   . HOH D 4 .   ? -5.415  -18.515 5.870   1.00 27.04 ? 558 HOH A O   1 
HETATM 1268 O O   . HOH D 4 .   ? -0.205  12.335  10.220  1.00 49.33 ? 559 HOH A O   1 
HETATM 1269 O O   . HOH D 4 .   ? 8.363   2.348   4.255   1.00 41.51 ? 560 HOH A O   1 
HETATM 1270 O O   . HOH D 4 .   ? -10.072 7.209   -8.782  1.00 38.69 ? 561 HOH A O   1 
HETATM 1271 O O   . HOH D 4 .   ? 4.962   -7.341  -14.395 1.00 30.99 ? 562 HOH A O   1 
HETATM 1272 O O   . HOH D 4 .   ? 4.258   -1.999  6.240   1.00 39.86 ? 563 HOH A O   1 
HETATM 1273 O O   . HOH D 4 .   ? -8.835  -14.617 -10.680 1.00 50.05 ? 564 HOH A O   1 
HETATM 1274 O O   . HOH D 4 .   ? 11.210  15.575  -8.532  1.00 29.98 ? 565 HOH A O   1 
HETATM 1275 O O   . HOH D 4 .   ? -4.346  -12.673 -12.104 1.00 49.41 ? 566 HOH A O   1 
HETATM 1276 O O   . HOH D 4 .   ? -10.715 -4.135  -12.986 1.00 53.68 ? 567 HOH A O   1 
HETATM 1277 O O   . HOH D 4 .   ? 6.232   -23.552 1.782   1.00 61.31 ? 568 HOH A O   1 
HETATM 1278 O O   . HOH D 4 .   ? -7.297  13.457  8.128   1.00 49.37 ? 569 HOH A O   1 
HETATM 1279 O O   . HOH D 4 .   ? 10.791  -1.248  5.678   1.00 41.51 ? 570 HOH A O   1 
HETATM 1280 O O   . HOH D 4 .   ? 2.248   -12.977 -5.294  1.00 23.54 ? 571 HOH A O   1 
HETATM 1281 O O   . HOH D 4 .   ? -0.528  7.382   12.600  1.00 40.41 ? 572 HOH A O   1 
HETATM 1282 O O   . HOH D 4 .   ? 8.264   8.466   1.449   1.00 21.25 ? 573 HOH A O   1 
HETATM 1283 O O   . HOH D 4 .   ? 0.613   -21.146 4.930   1.00 20.88 ? 574 HOH A O   1 
HETATM 1284 O O   . HOH D 4 .   ? -12.429 -19.403 -6.978  1.00 50.46 ? 575 HOH A O   1 
HETATM 1285 O O   . HOH D 4 .   ? 2.740   -12.323 -14.212 1.00 27.10 ? 576 HOH A O   1 
HETATM 1286 O O   . HOH D 4 .   ? 1.075   19.646  5.569   1.00 37.95 ? 577 HOH A O   1 
HETATM 1287 O O   . HOH D 4 .   ? -3.729  15.433  -8.276  1.00 26.28 ? 578 HOH A O   1 
HETATM 1288 O O   . HOH D 4 .   ? 8.475   1.034   -14.460 1.00 42.49 ? 579 HOH A O   1 
HETATM 1289 O O   . HOH D 4 .   ? 18.264  -11.224 -4.708  1.00 44.15 ? 580 HOH A O   1 
HETATM 1290 O O   . HOH D 4 .   ? 16.722  -0.894  -2.503  1.00 29.11 ? 581 HOH A O   1 
HETATM 1291 O O   . HOH D 4 .   ? 14.166  11.648  -11.482 1.00 39.44 ? 582 HOH A O   1 
HETATM 1292 O O   . HOH D 4 .   ? -5.885  -4.358  -11.840 1.00 42.02 ? 583 HOH A O   1 
HETATM 1293 O O   . HOH D 4 .   ? -3.372  7.764   12.321  1.00 55.66 ? 584 HOH A O   1 
HETATM 1294 O O   . HOH D 4 .   ? -5.150  14.410  4.937   1.00 36.99 ? 585 HOH A O   1 
HETATM 1295 O O   . HOH D 4 .   ? 5.149   17.623  -10.764 1.00 32.80 ? 586 HOH A O   1 
HETATM 1296 O O   . HOH D 4 .   ? -8.558  5.062   -7.637  1.00 24.46 ? 587 HOH A O   1 
HETATM 1297 O O   . HOH D 4 .   ? 14.978  -3.350  -8.198  1.00 32.88 ? 588 HOH A O   1 
HETATM 1298 O O   . HOH D 4 .   ? 9.326   8.633   -1.216  1.00 31.08 ? 589 HOH A O   1 
HETATM 1299 O O   . HOH D 4 .   ? -0.450  -20.459 -1.024  1.00 37.75 ? 590 HOH A O   1 
HETATM 1300 O O   . HOH D 4 .   ? 7.755   -13.901 8.580   1.00 35.90 ? 591 HOH A O   1 
HETATM 1301 O O   . HOH D 4 .   ? -9.995  5.327   2.398   1.00 49.24 ? 592 HOH A O   1 
HETATM 1302 O O   . HOH D 4 .   ? -3.405  14.748  -10.894 1.00 23.63 ? 593 HOH A O   1 
HETATM 1303 O O   . HOH D 4 .   ? -6.805  -20.060 3.024   1.00 38.95 ? 594 HOH A O   1 
HETATM 1304 O O   . HOH D 4 .   ? -2.006  -22.970 -1.481  1.00 44.25 ? 595 HOH A O   1 
HETATM 1305 O O   . HOH D 4 .   ? -11.460 -11.267 2.121   1.00 42.23 ? 596 HOH A O   1 
HETATM 1306 O O   . HOH D 4 .   ? -10.754 -14.116 3.256   1.00 52.03 ? 597 HOH A O   1 
HETATM 1307 O O   . HOH D 4 .   ? -3.951  -3.081  7.319   1.00 37.77 ? 598 HOH A O   1 
HETATM 1308 O O   . HOH D 4 .   ? 0.232   21.568  -7.294  1.00 31.07 ? 599 HOH A O   1 
HETATM 1309 O O   . HOH D 4 .   ? 6.544   -14.596 3.408   1.00 36.22 ? 600 HOH A O   1 
HETATM 1310 O O   . HOH D 4 .   ? -9.840  -11.856 7.592   1.00 60.00 ? 601 HOH A O   1 
HETATM 1311 O O   . HOH D 4 .   ? 12.454  3.256   -9.727  1.00 27.10 ? 602 HOH A O   1 
HETATM 1312 O O   . HOH D 4 .   ? -6.800  5.657   -9.533  1.00 36.84 ? 603 HOH A O   1 
HETATM 1313 O O   . HOH D 4 .   ? 15.154  -8.306  0.250   1.00 41.03 ? 604 HOH A O   1 
HETATM 1314 O O   . HOH D 4 .   ? -8.365  0.759   -13.427 1.00 49.27 ? 605 HOH A O   1 
HETATM 1315 O O   . HOH D 4 .   ? 14.738  9.155   -11.083 1.00 45.70 ? 606 HOH A O   1 
HETATM 1316 O O   . HOH D 4 .   ? -9.015  -10.670 14.776  1.00 56.70 ? 607 HOH A O   1 
HETATM 1317 O O   . HOH D 4 .   ? 7.692   4.861   4.509   1.00 44.23 ? 608 HOH A O   1 
HETATM 1318 O O   . HOH D 4 .   ? 12.139  13.645  -4.947  1.00 32.66 ? 609 HOH A O   1 
HETATM 1319 O O   . HOH D 4 .   ? -1.231  20.195  3.466   1.00 36.60 ? 610 HOH A O   1 
HETATM 1320 O O   . HOH D 4 .   ? 2.195   -21.177 -1.859  1.00 45.10 ? 611 HOH A O   1 
HETATM 1321 O O   . HOH D 4 .   ? 8.142   6.910   -3.767  1.00 56.41 ? 612 HOH A O   1 
HETATM 1322 O O   . HOH D 4 .   ? 10.092  3.796   -11.001 1.00 36.67 ? 613 HOH A O   1 
HETATM 1323 O O   . HOH D 4 .   ? -7.579  4.016   10.527  1.00 41.62 ? 614 HOH A O   1 
HETATM 1324 O O   . HOH D 4 .   ? -3.725  -3.666  12.369  1.00 61.28 ? 615 HOH A O   1 
HETATM 1325 O O   . HOH D 4 .   ? 17.368  -20.958 3.884   1.00 57.08 ? 616 HOH A O   1 
HETATM 1326 O O   . HOH D 4 .   ? -13.178 -5.400  -8.845  1.00 44.20 ? 617 HOH A O   1 
HETATM 1327 O O   . HOH D 4 .   ? 9.695   15.608  -5.791  1.00 32.63 ? 618 HOH A O   1 
HETATM 1328 O O   . HOH D 4 .   ? 8.938   0.599   6.258   1.00 44.26 ? 619 HOH A O   1 
HETATM 1329 O O   . HOH D 4 .   ? 10.739  -11.332 1.814   1.00 44.54 ? 620 HOH A O   1 
HETATM 1330 O O   . HOH D 4 .   ? 13.026  -24.474 8.343   1.00 38.28 ? 621 HOH A O   1 
HETATM 1331 O O   . HOH D 4 .   ? -15.512 3.069   -4.980  1.00 59.31 ? 622 HOH A O   1 
HETATM 1332 O O   . HOH D 4 .   ? 19.140  -0.369  -0.537  1.00 46.70 ? 623 HOH A O   1 
HETATM 1333 O O   . HOH D 4 .   ? -8.977  3.241   -11.619 1.00 32.81 ? 624 HOH A O   1 
HETATM 1334 O O   . HOH D 4 .   ? -0.050  20.717  0.305   1.00 53.65 ? 625 HOH A O   1 
HETATM 1335 O O   . HOH D 4 .   ? -3.447  -16.233 -6.383  1.00 37.92 ? 626 HOH A O   1 
HETATM 1336 O O   . HOH D 4 .   ? 5.745   8.350   -3.700  1.00 39.29 ? 627 HOH A O   1 
HETATM 1337 O O   . HOH D 4 .   ? -0.734  -0.385  -18.623 1.00 49.82 ? 628 HOH A O   1 
HETATM 1338 O O   . HOH D 4 .   ? -2.488  -3.134  8.051   1.00 32.13 ? 629 HOH A O   1 
HETATM 1339 O O   . HOH D 4 .   ? 16.909  -12.542 -3.654  1.00 41.43 ? 630 HOH A O   1 
HETATM 1340 O O   . HOH D 4 .   ? 3.638   20.100  -10.967 1.00 40.21 ? 631 HOH A O   1 
HETATM 1341 O O   . HOH D 4 .   ? 11.475  20.253  -1.961  1.00 32.34 ? 632 HOH A O   1 
HETATM 1342 O O   . HOH D 4 .   ? 9.308   -7.959  -0.730  1.00 27.40 ? 633 HOH A O   1 
HETATM 1343 O O   . HOH D 4 .   ? 3.715   -13.055 -3.011  1.00 32.35 ? 634 HOH A O   1 
HETATM 1344 O O   . HOH D 4 .   ? 5.603   2.031   13.889  1.00 54.32 ? 635 HOH A O   1 
HETATM 1345 O O   . HOH D 4 .   ? 11.962  17.174  -5.220  1.00 44.39 ? 636 HOH A O   1 
HETATM 1346 O O   . HOH D 4 .   ? -2.151  -2.474  10.569  1.00 40.85 ? 637 HOH A O   1 
HETATM 1347 O O   . HOH D 4 .   ? 23.541  5.036   -2.246  1.00 52.68 ? 638 HOH A O   1 
HETATM 1348 O O   . HOH D 4 .   ? 11.491  -9.202  0.375   1.00 44.72 ? 639 HOH A O   1 
HETATM 1349 O O   . HOH D 4 .   ? -10.082 3.190   -9.286  1.00 29.64 ? 640 HOH A O   1 
HETATM 1350 O O   . HOH D 4 .   ? -7.268  -18.244 7.867   1.00 42.75 ? 641 HOH A O   1 
HETATM 1351 O O   . HOH D 4 .   ? 4.867   -10.777 10.538  1.00 52.71 ? 642 HOH A O   1 
HETATM 1352 O O   . HOH D 4 .   ? 2.853   -11.677 -0.905  1.00 41.15 ? 643 HOH A O   1 
HETATM 1353 O O   . HOH D 4 .   ? -6.682  4.252   -11.589 1.00 42.56 ? 644 HOH A O   1 
HETATM 1354 O O   . HOH D 4 .   ? 1.705   14.122  10.349  1.00 43.46 ? 645 HOH A O   1 
HETATM 1355 O O   . HOH D 4 .   ? 11.001  20.004  -5.329  1.00 41.51 ? 646 HOH A O   1 
HETATM 1356 O O   . HOH D 4 .   ? -0.629  4.701   -17.441 1.00 44.76 ? 647 HOH A O   1 
HETATM 1357 O O   . HOH D 4 .   ? 9.778   -14.295 7.015   1.00 36.88 ? 648 HOH A O   1 
HETATM 1358 O O   . HOH D 4 .   ? 3.178   -12.085 0.061   1.00 38.48 ? 649 HOH A O   1 
HETATM 1359 O O   . HOH D 4 .   ? 1.444   14.343  -13.883 1.00 42.80 ? 650 HOH A O   1 
HETATM 1360 O O   . HOH D 4 .   ? 0.163   14.747  9.182   1.00 46.39 ? 651 HOH A O   1 
HETATM 1361 O O   . HOH D 4 .   ? -5.969  4.788   -15.120 1.00 55.12 ? 652 HOH A O   1 
HETATM 1362 O O   . HOH D 4 .   ? 4.810   -9.699  -0.790  1.00 41.96 ? 653 HOH A O   1 
HETATM 1363 O O   . HOH D 4 .   ? 0.896   -8.964  16.754  1.00 40.49 ? 654 HOH A O   1 
HETATM 1364 O O   . HOH D 4 .   ? 19.953  -20.289 5.106   1.00 53.21 ? 655 HOH A O   1 
HETATM 1365 O O   . HOH D 4 .   ? -2.835  21.706  -1.190  1.00 44.73 ? 656 HOH A O   1 
# 
